data_6WG7
#
_entry.id   6WG7
#
loop_
_entity.id
_entity.type
_entity.pdbx_description
1 polymer 'DNA (35-MER)'
2 polymer 'DNA (35-MER)'
3 polymer 'HTH-type transcriptional repressor NanR'
#
loop_
_entity_poly.entity_id
_entity_poly.type
_entity_poly.pdbx_seq_one_letter_code
_entity_poly.pdbx_strand_id
1 'polydeoxyribonucleotide'
;(DT)(DT)(DG)(DA)(DT)(DC)(DT)(DG)(DG)(DT)(DA)(DT)(DA)(DA)(DC)(DA)(DG)(DG)(DT)(DA)
(DT)(DA)(DA)(DA)(DG)(DG)(DT)(DA)(DT)(DA)(DT)(DC)(DG)(DT)(DT)
;
A
2 'polydeoxyribonucleotide'
;(DA)(DA)(DC)(DG)(DA)(DT)(DA)(DT)(DA)(DC)(DC)(DT)(DT)(DT)(DA)(DT)(DA)(DC)(DC)(DT)
(DG)(DT)(DT)(DA)(DT)(DA)(DC)(DC)(DA)(DG)(DA)(DT)(DC)(DA)(DA)
;
B
3 'polypeptide(L)'
;MGLMNAFDSQTEDSSPAIGRNLRSRPLARKKLSEMVEEELEQMIRRREFGEGEQLPSERELMAFFNVGRPSVREALAALK
RKGLVQINNGERARVSRPSADTIIGELSGMAKDFLSHPGGIAHFEQLRLFFESSLVRYAAEHATDEQIDLLAKALEINSQ
SLDNNAAFIRSDVDFHRVLAEIPGNPIFMAIHVALLDWLIAARPTVTDQALHEHNNVSYQQHIAIVDAIRRHDPDEADRA
LQSHLNSVSATWHAFGQTTNKKK
;
C,D,E,G,F,H
#
# COMPACT_ATOMS: atom_id res chain seq x y z
N ASN C 21 4.52 13.22 42.33
CA ASN C 21 4.06 14.58 42.04
C ASN C 21 4.96 15.62 42.70
N LEU C 22 6.12 15.16 43.18
CA LEU C 22 7.13 15.99 43.82
C LEU C 22 6.63 16.67 45.09
N ARG C 23 5.47 16.27 45.61
CA ARG C 23 4.93 16.85 46.82
C ARG C 23 4.38 15.83 47.81
N SER C 24 4.42 14.54 47.49
CA SER C 24 3.96 13.47 48.38
C SER C 24 2.48 13.66 48.73
N ARG C 25 1.64 13.63 47.69
CA ARG C 25 0.19 13.74 47.85
C ARG C 25 -0.47 12.69 46.96
N PRO C 26 -1.02 11.63 47.55
CA PRO C 26 -1.62 10.56 46.73
C PRO C 26 -2.83 11.02 45.95
N LEU C 27 -3.87 11.49 46.64
CA LEU C 27 -5.11 11.93 46.03
C LEU C 27 -5.70 10.84 45.13
N ALA C 28 -5.79 9.63 45.67
CA ALA C 28 -6.27 8.50 44.88
C ALA C 28 -7.77 8.58 44.65
N ARG C 29 -8.55 8.70 45.73
CA ARG C 29 -10.00 8.74 45.61
C ARG C 29 -10.49 9.99 44.89
N LYS C 30 -9.76 11.10 45.00
CA LYS C 30 -10.16 12.35 44.38
C LYS C 30 -9.60 12.52 42.97
N LYS C 31 -9.26 11.41 42.31
CA LYS C 31 -8.78 11.41 40.91
C LYS C 31 -7.47 12.21 40.79
N LEU C 32 -6.36 11.47 40.95
CA LEU C 32 -5.04 12.07 40.88
C LEU C 32 -4.70 12.59 39.49
N SER C 33 -5.46 12.18 38.46
CA SER C 33 -5.22 12.68 37.12
C SER C 33 -5.49 14.18 37.04
N GLU C 34 -6.47 14.66 37.81
CA GLU C 34 -6.72 16.10 37.88
C GLU C 34 -5.52 16.84 38.45
N MET C 35 -4.84 16.26 39.45
CA MET C 35 -3.67 16.89 40.02
C MET C 35 -2.56 17.07 38.98
N VAL C 36 -2.24 16.00 38.24
CA VAL C 36 -1.17 16.10 37.27
C VAL C 36 -1.56 16.98 36.09
N GLU C 37 -2.84 16.98 35.70
CA GLU C 37 -3.23 17.83 34.58
C GLU C 37 -3.21 19.31 34.97
N GLU C 38 -3.61 19.62 36.21
CA GLU C 38 -3.53 21.02 36.65
C GLU C 38 -2.09 21.44 36.89
N GLU C 39 -1.23 20.51 37.30
CA GLU C 39 0.19 20.82 37.42
C GLU C 39 0.79 21.14 36.05
N LEU C 40 0.44 20.35 35.04
CA LEU C 40 0.89 20.63 33.68
C LEU C 40 0.35 21.96 33.19
N GLU C 41 -0.91 22.26 33.48
CA GLU C 41 -1.50 23.54 33.08
C GLU C 41 -0.75 24.70 33.71
N GLN C 42 -0.44 24.58 35.01
CA GLN C 42 0.30 25.64 35.70
C GLN C 42 1.70 25.79 35.14
N MET C 43 2.37 24.66 34.87
CA MET C 43 3.72 24.73 34.31
C MET C 43 3.72 25.36 32.93
N ILE C 44 2.67 25.14 32.14
CA ILE C 44 2.59 25.76 30.84
C ILE C 44 2.28 27.26 30.98
N ARG C 45 1.39 27.62 31.91
CA ARG C 45 1.05 29.02 32.10
C ARG C 45 2.18 29.81 32.75
N ARG C 46 3.16 29.13 33.36
CA ARG C 46 4.30 29.81 33.96
C ARG C 46 5.32 30.28 32.95
N ARG C 47 5.05 30.14 31.65
CA ARG C 47 5.95 30.60 30.59
C ARG C 47 7.32 29.93 30.70
N GLU C 48 7.33 28.66 31.04
CA GLU C 48 8.56 27.89 31.16
C GLU C 48 8.84 27.03 29.93
N PHE C 49 7.98 27.07 28.92
CA PHE C 49 8.16 26.30 27.71
C PHE C 49 7.97 27.21 26.49
N GLY C 50 8.43 26.73 25.35
CA GLY C 50 8.32 27.48 24.11
C GLY C 50 6.98 27.31 23.42
N GLU C 51 7.01 27.11 22.10
CA GLU C 51 5.79 26.93 21.32
C GLU C 51 5.81 25.66 20.49
N GLY C 52 6.76 24.77 20.72
CA GLY C 52 6.84 23.53 19.95
C GLY C 52 6.90 22.29 20.80
N GLU C 53 7.85 21.41 20.50
CA GLU C 53 8.02 20.14 21.22
C GLU C 53 8.99 20.27 22.40
N GLN C 54 9.06 21.44 23.03
CA GLN C 54 9.97 21.63 24.16
C GLN C 54 9.63 20.73 25.34
N LEU C 55 8.39 20.29 25.46
CA LEU C 55 8.02 19.39 26.53
C LEU C 55 8.60 17.99 26.27
N PRO C 56 9.02 17.28 27.32
CA PRO C 56 9.64 15.96 27.10
C PRO C 56 8.64 14.91 26.64
N SER C 57 9.12 13.68 26.45
CA SER C 57 8.29 12.60 25.95
C SER C 57 7.42 12.04 27.08
N GLU C 58 6.71 10.95 26.81
CA GLU C 58 5.82 10.37 27.81
C GLU C 58 6.61 9.68 28.92
N ARG C 59 7.64 8.92 28.55
CA ARG C 59 8.41 8.18 29.55
C ARG C 59 9.19 9.13 30.46
N GLU C 60 9.69 10.24 29.93
CA GLU C 60 10.45 11.18 30.75
C GLU C 60 9.57 11.79 31.84
N LEU C 61 8.40 12.32 31.45
CA LEU C 61 7.49 12.89 32.44
C LEU C 61 6.97 11.82 33.41
N MET C 62 6.75 10.60 32.91
CA MET C 62 6.31 9.52 33.78
C MET C 62 7.35 9.22 34.86
N ALA C 63 8.62 9.12 34.46
CA ALA C 63 9.67 8.86 35.43
C ALA C 63 9.90 10.06 36.35
N PHE C 64 9.66 11.27 35.85
CA PHE C 64 9.85 12.46 36.68
C PHE C 64 8.74 12.60 37.73
N PHE C 65 7.52 12.18 37.40
CA PHE C 65 6.40 12.31 38.31
C PHE C 65 6.12 11.05 39.11
N ASN C 66 6.80 9.95 38.80
CA ASN C 66 6.64 8.67 39.51
C ASN C 66 5.19 8.21 39.48
N VAL C 67 4.57 8.31 38.31
CA VAL C 67 3.19 7.94 38.10
C VAL C 67 3.13 6.88 37.00
N GLY C 68 1.91 6.62 36.50
CA GLY C 68 1.73 5.64 35.45
C GLY C 68 1.84 6.24 34.07
N ARG C 69 2.05 5.36 33.09
CA ARG C 69 2.16 5.76 31.70
C ARG C 69 0.80 6.09 31.07
N PRO C 70 -0.24 5.27 31.26
CA PRO C 70 -1.54 5.65 30.68
C PRO C 70 -2.11 6.93 31.27
N SER C 71 -1.74 7.28 32.50
CA SER C 71 -2.26 8.51 33.10
C SER C 71 -1.76 9.73 32.35
N VAL C 72 -0.47 9.76 32.00
CA VAL C 72 0.07 10.88 31.24
C VAL C 72 -0.54 10.92 29.85
N ARG C 73 -0.80 9.74 29.26
CA ARG C 73 -1.44 9.70 27.95
C ARG C 73 -2.85 10.30 28.01
N GLU C 74 -3.63 9.93 29.04
CA GLU C 74 -4.96 10.50 29.20
C GLU C 74 -4.91 12.00 29.46
N ALA C 75 -3.90 12.44 30.20
CA ALA C 75 -3.75 13.86 30.51
C ALA C 75 -3.54 14.67 29.22
N LEU C 76 -2.58 14.23 28.41
CA LEU C 76 -2.28 14.90 27.15
C LEU C 76 -3.48 14.87 26.21
N ALA C 77 -4.17 13.74 26.16
CA ALA C 77 -5.34 13.60 25.31
C ALA C 77 -6.42 14.58 25.75
N ALA C 78 -6.62 14.71 27.05
CA ALA C 78 -7.62 15.65 27.56
C ALA C 78 -7.18 17.07 27.26
N LEU C 79 -5.88 17.33 27.37
CA LEU C 79 -5.33 18.64 27.12
C LEU C 79 -5.55 19.05 25.66
N LYS C 80 -5.38 18.09 24.75
CA LYS C 80 -5.59 18.35 23.32
C LYS C 80 -7.04 18.74 23.07
N ARG C 81 -7.96 18.05 23.73
CA ARG C 81 -9.38 18.34 23.59
C ARG C 81 -9.67 19.74 24.12
N LYS C 82 -9.04 20.10 25.24
CA LYS C 82 -9.23 21.42 25.82
C LYS C 82 -8.66 22.48 24.90
N GLY C 83 -7.78 22.04 23.99
CA GLY C 83 -7.16 22.94 23.04
C GLY C 83 -5.90 23.59 23.57
N LEU C 84 -4.87 22.78 23.80
CA LEU C 84 -3.61 23.32 24.31
C LEU C 84 -2.39 22.77 23.60
N VAL C 85 -2.41 21.51 23.16
CA VAL C 85 -1.30 20.88 22.47
C VAL C 85 -1.83 20.24 21.18
N GLN C 86 -0.92 19.62 20.44
CA GLN C 86 -1.28 18.95 19.19
C GLN C 86 -0.27 17.85 18.91
N ILE C 87 -0.77 16.67 18.56
CA ILE C 87 0.07 15.52 18.26
C ILE C 87 -0.40 14.88 16.97
N ASN C 88 0.52 14.23 16.25
CA ASN C 88 0.21 13.55 15.01
C ASN C 88 0.66 12.10 15.03
N ASN C 89 1.95 11.83 14.76
CA ASN C 89 2.46 10.47 14.77
C ASN C 89 3.97 10.52 14.95
N GLY C 90 4.45 9.94 16.05
CA GLY C 90 5.89 9.91 16.29
C GLY C 90 6.50 11.26 16.51
N GLU C 91 5.85 12.10 17.32
CA GLU C 91 6.37 13.43 17.60
C GLU C 91 5.77 13.91 18.92
N ARG C 92 6.56 14.67 19.67
CA ARG C 92 6.11 15.22 20.95
C ARG C 92 5.00 16.24 20.73
N ALA C 93 4.35 16.62 21.83
CA ALA C 93 3.24 17.56 21.75
C ALA C 93 3.74 18.97 21.47
N ARG C 94 3.01 19.69 20.61
CA ARG C 94 3.32 21.07 20.24
C ARG C 94 2.30 21.97 20.91
N VAL C 95 2.73 22.73 21.91
CA VAL C 95 1.82 23.62 22.62
C VAL C 95 1.45 24.79 21.73
N SER C 96 0.18 25.16 21.75
CA SER C 96 -0.33 26.25 20.93
C SER C 96 -1.51 26.91 21.66
N ARG C 97 -2.26 27.73 20.94
CA ARG C 97 -3.42 28.42 21.49
C ARG C 97 -4.68 28.01 20.73
N PRO C 98 -5.81 27.91 21.42
CA PRO C 98 -7.06 27.54 20.72
C PRO C 98 -7.55 28.64 19.80
N SER C 99 -7.44 28.41 18.50
CA SER C 99 -7.87 29.40 17.51
C SER C 99 -9.37 29.29 17.26
N ALA C 100 -9.84 30.00 16.23
CA ALA C 100 -11.25 29.98 15.91
C ALA C 100 -11.71 28.62 15.41
N ASP C 101 -10.82 27.88 14.74
CA ASP C 101 -11.19 26.55 14.26
C ASP C 101 -11.43 25.58 15.40
N THR C 102 -10.72 25.76 16.52
CA THR C 102 -10.93 24.89 17.68
C THR C 102 -12.33 25.06 18.26
N ILE C 103 -12.83 26.30 18.26
CA ILE C 103 -14.19 26.54 18.76
C ILE C 103 -15.22 25.85 17.87
N ILE C 104 -15.04 25.94 16.55
CA ILE C 104 -15.96 25.30 15.63
C ILE C 104 -15.89 23.78 15.78
N GLY C 105 -14.68 23.25 16.00
CA GLY C 105 -14.55 21.82 16.21
C GLY C 105 -15.23 21.35 17.49
N GLU C 106 -15.08 22.13 18.57
CA GLU C 106 -15.75 21.78 19.82
C GLU C 106 -17.26 21.95 19.71
N LEU C 107 -17.73 22.85 18.84
CA LEU C 107 -19.15 23.04 18.63
C LEU C 107 -19.68 21.98 17.67
N SER C 108 -20.67 22.34 16.86
CA SER C 108 -21.33 21.48 15.87
C SER C 108 -21.99 20.26 16.47
N GLY C 109 -22.10 20.17 17.81
CA GLY C 109 -22.76 19.04 18.40
C GLY C 109 -24.27 19.11 18.33
N MET C 110 -24.82 20.33 18.36
CA MET C 110 -26.25 20.54 18.26
C MET C 110 -26.71 20.87 16.84
N ALA C 111 -25.78 20.90 15.87
CA ALA C 111 -26.15 21.20 14.50
C ALA C 111 -27.00 20.08 13.89
N LYS C 112 -26.87 18.86 14.42
CA LYS C 112 -27.68 17.76 13.90
C LYS C 112 -29.15 17.92 14.24
N ASP C 113 -29.46 18.54 15.39
CA ASP C 113 -30.84 18.76 15.77
C ASP C 113 -31.52 19.72 14.80
N PHE C 114 -30.80 20.75 14.37
CA PHE C 114 -31.38 21.74 13.47
C PHE C 114 -31.77 21.11 12.13
N LEU C 115 -30.91 20.25 11.58
CA LEU C 115 -31.24 19.54 10.36
C LEU C 115 -32.20 18.39 10.60
N SER C 116 -32.38 17.97 11.86
CA SER C 116 -33.35 16.93 12.16
C SER C 116 -34.77 17.48 12.19
N HIS C 117 -35.00 18.55 12.93
CA HIS C 117 -36.32 19.15 12.98
C HIS C 117 -36.56 19.97 11.71
N PRO C 118 -37.82 20.08 11.27
CA PRO C 118 -38.08 20.68 9.94
C PRO C 118 -37.56 22.09 9.78
N GLY C 119 -37.62 22.92 10.82
CA GLY C 119 -37.13 24.27 10.72
C GLY C 119 -35.61 24.33 10.67
N GLY C 120 -35.10 25.55 10.76
CA GLY C 120 -33.67 25.76 10.79
C GLY C 120 -33.01 25.81 9.43
N ILE C 121 -33.57 25.09 8.47
CA ILE C 121 -33.00 25.08 7.11
C ILE C 121 -33.08 26.47 6.50
N ALA C 122 -34.20 27.17 6.70
CA ALA C 122 -34.31 28.54 6.22
C ALA C 122 -33.54 29.51 7.10
N HIS C 123 -33.34 29.16 8.37
CA HIS C 123 -32.57 30.02 9.27
C HIS C 123 -31.11 30.07 8.87
N PHE C 124 -30.53 28.91 8.55
CA PHE C 124 -29.15 28.88 8.06
C PHE C 124 -29.01 29.65 6.76
N GLU C 125 -30.00 29.52 5.86
CA GLU C 125 -29.96 30.26 4.61
C GLU C 125 -30.02 31.77 4.86
N GLN C 126 -30.87 32.21 5.79
CA GLN C 126 -30.95 33.63 6.11
C GLN C 126 -29.66 34.13 6.73
N LEU C 127 -29.04 33.33 7.60
CA LEU C 127 -27.77 33.71 8.20
C LEU C 127 -26.68 33.85 7.15
N ARG C 128 -26.61 32.88 6.23
CA ARG C 128 -25.63 32.95 5.16
C ARG C 128 -25.87 34.15 4.26
N LEU C 129 -27.14 34.45 3.97
CA LEU C 129 -27.47 35.60 3.14
C LEU C 129 -27.06 36.91 3.83
N PHE C 130 -27.35 37.03 5.13
CA PHE C 130 -26.92 38.22 5.86
C PHE C 130 -25.40 38.37 5.86
N PHE C 131 -24.69 37.25 6.09
CA PHE C 131 -23.24 37.30 6.13
C PHE C 131 -22.66 37.72 4.78
N GLU C 132 -23.16 37.12 3.69
CA GLU C 132 -22.63 37.44 2.37
C GLU C 132 -22.99 38.86 1.96
N SER C 133 -24.18 39.34 2.33
CA SER C 133 -24.54 40.72 2.03
C SER C 133 -23.65 41.69 2.78
N SER C 134 -23.39 41.42 4.06
CA SER C 134 -22.51 42.29 4.83
C SER C 134 -21.10 42.31 4.25
N LEU C 135 -20.57 41.14 3.89
CA LEU C 135 -19.21 41.10 3.37
C LEU C 135 -19.10 41.75 2.00
N VAL C 136 -20.11 41.58 1.15
CA VAL C 136 -20.06 42.22 -0.16
C VAL C 136 -20.24 43.73 -0.04
N ARG C 137 -21.03 44.18 0.95
CA ARG C 137 -21.13 45.62 1.19
C ARG C 137 -19.80 46.19 1.66
N TYR C 138 -19.13 45.49 2.58
CA TYR C 138 -17.83 45.94 3.04
C TYR C 138 -16.81 45.95 1.91
N ALA C 139 -16.86 44.95 1.04
CA ALA C 139 -15.93 44.89 -0.09
C ALA C 139 -16.18 46.02 -1.07
N ALA C 140 -17.46 46.34 -1.34
CA ALA C 140 -17.77 47.42 -2.26
C ALA C 140 -17.45 48.78 -1.66
N GLU C 141 -17.54 48.92 -0.34
CA GLU C 141 -17.26 50.21 0.28
C GLU C 141 -15.76 50.44 0.43
N HIS C 142 -15.02 49.43 0.89
CA HIS C 142 -13.56 49.50 0.99
C HIS C 142 -12.88 48.91 -0.24
N ALA C 143 -13.38 49.23 -1.43
CA ALA C 143 -12.77 48.73 -2.66
C ALA C 143 -11.49 49.49 -2.97
N THR C 144 -10.36 48.80 -2.90
CA THR C 144 -9.07 49.41 -3.20
C THR C 144 -8.70 49.13 -4.65
N ASP C 145 -7.49 49.52 -5.05
CA ASP C 145 -7.01 49.33 -6.41
C ASP C 145 -6.18 48.06 -6.59
N GLU C 146 -6.17 47.18 -5.60
CA GLU C 146 -5.40 45.93 -5.66
C GLU C 146 -6.27 44.70 -5.62
N GLN C 147 -7.37 44.71 -4.85
CA GLN C 147 -8.25 43.56 -4.77
C GLN C 147 -9.01 43.33 -6.08
N ILE C 148 -9.04 44.31 -6.97
CA ILE C 148 -9.76 44.16 -8.23
C ILE C 148 -9.11 43.09 -9.09
N ASP C 149 -7.78 42.96 -9.02
CA ASP C 149 -7.10 41.93 -9.79
C ASP C 149 -7.46 40.53 -9.30
N LEU C 150 -7.67 40.36 -8.00
CA LEU C 150 -8.05 39.06 -7.47
C LEU C 150 -9.40 38.61 -8.02
N LEU C 151 -10.42 39.46 -7.90
CA LEU C 151 -11.73 39.11 -8.45
C LEU C 151 -11.68 39.00 -9.97
N ALA C 152 -10.82 39.78 -10.62
CA ALA C 152 -10.70 39.69 -12.08
C ALA C 152 -10.17 38.34 -12.51
N LYS C 153 -9.07 37.89 -11.91
CA LYS C 153 -8.53 36.58 -12.25
C LYS C 153 -9.49 35.46 -11.81
N ALA C 154 -10.23 35.68 -10.73
CA ALA C 154 -11.23 34.69 -10.31
C ALA C 154 -12.31 34.51 -11.37
N LEU C 155 -12.91 35.62 -11.81
CA LEU C 155 -13.95 35.53 -12.83
C LEU C 155 -13.38 35.07 -14.17
N GLU C 156 -12.09 35.32 -14.41
CA GLU C 156 -11.47 34.83 -15.64
C GLU C 156 -11.30 33.32 -15.62
N ILE C 157 -10.76 32.78 -14.53
CA ILE C 157 -10.59 31.34 -14.42
C ILE C 157 -11.92 30.62 -14.24
N ASN C 158 -12.96 31.34 -13.84
CA ASN C 158 -14.30 30.78 -13.73
C ASN C 158 -15.20 31.15 -14.90
N SER C 159 -14.61 31.57 -16.03
CA SER C 159 -15.37 31.97 -17.20
C SER C 159 -15.44 30.88 -18.27
N GLN C 160 -14.34 30.17 -18.50
CA GLN C 160 -14.33 29.14 -19.53
C GLN C 160 -15.23 27.97 -19.17
N SER C 161 -15.76 27.31 -20.19
CA SER C 161 -16.64 26.16 -20.03
C SER C 161 -15.88 24.92 -20.52
N LEU C 162 -15.14 24.30 -19.61
CA LEU C 162 -14.36 23.11 -19.91
C LEU C 162 -14.85 21.86 -19.21
N ASP C 163 -15.32 21.97 -17.97
CA ASP C 163 -15.83 20.83 -17.21
C ASP C 163 -17.13 21.26 -16.55
N ASN C 164 -18.26 20.77 -17.08
CA ASN C 164 -19.57 21.09 -16.53
C ASN C 164 -19.95 20.22 -15.35
N ASN C 165 -19.02 19.45 -14.79
CA ASN C 165 -19.32 18.58 -13.67
C ASN C 165 -19.11 19.32 -12.35
N ALA C 166 -18.34 18.72 -11.45
CA ALA C 166 -18.10 19.32 -10.13
C ALA C 166 -17.00 20.37 -10.17
N ALA C 167 -16.31 20.53 -11.30
CA ALA C 167 -15.25 21.54 -11.38
C ALA C 167 -15.82 22.94 -11.26
N PHE C 168 -16.98 23.18 -11.86
CA PHE C 168 -17.61 24.50 -11.75
C PHE C 168 -18.07 24.78 -10.33
N ILE C 169 -18.52 23.75 -9.60
CA ILE C 169 -18.94 23.94 -8.21
C ILE C 169 -17.75 24.34 -7.35
N ARG C 170 -16.61 23.66 -7.50
CA ARG C 170 -15.44 24.02 -6.72
C ARG C 170 -14.88 25.36 -7.15
N SER C 171 -15.01 25.71 -8.43
CA SER C 171 -14.60 27.05 -8.87
C SER C 171 -15.47 28.11 -8.21
N ASP C 172 -16.78 27.86 -8.11
CA ASP C 172 -17.68 28.82 -7.47
C ASP C 172 -17.38 28.96 -5.98
N VAL C 173 -17.11 27.84 -5.31
CA VAL C 173 -16.82 27.95 -3.88
C VAL C 173 -15.45 28.60 -3.66
N ASP C 174 -14.51 28.42 -4.58
CA ASP C 174 -13.23 29.12 -4.46
C ASP C 174 -13.41 30.62 -4.70
N PHE C 175 -14.28 30.99 -5.63
CA PHE C 175 -14.60 32.40 -5.83
C PHE C 175 -15.24 33.00 -4.58
N HIS C 176 -16.17 32.26 -3.97
CA HIS C 176 -16.79 32.74 -2.74
C HIS C 176 -15.75 32.87 -1.62
N ARG C 177 -14.80 31.94 -1.55
CA ARG C 177 -13.76 32.02 -0.53
C ARG C 177 -12.87 33.23 -0.74
N VAL C 178 -12.43 33.47 -1.99
CA VAL C 178 -11.56 34.59 -2.25
C VAL C 178 -12.31 35.91 -2.10
N LEU C 179 -13.64 35.89 -2.27
CA LEU C 179 -14.44 37.07 -1.99
C LEU C 179 -14.53 37.33 -0.48
N ALA C 180 -14.67 36.26 0.30
CA ALA C 180 -14.73 36.41 1.75
C ALA C 180 -13.36 36.73 2.35
N GLU C 181 -12.28 36.48 1.63
CA GLU C 181 -10.94 36.78 2.11
C GLU C 181 -10.54 38.23 1.92
N ILE C 182 -11.44 39.08 1.42
CA ILE C 182 -11.14 40.48 1.17
C ILE C 182 -10.95 41.25 2.47
N PRO C 183 -11.83 41.11 3.48
CA PRO C 183 -11.58 41.86 4.73
C PRO C 183 -10.28 41.48 5.41
N GLY C 184 -9.99 40.19 5.52
CA GLY C 184 -8.76 39.76 6.15
C GLY C 184 -8.91 39.49 7.64
N ASN C 185 -9.90 38.68 8.00
CA ASN C 185 -10.17 38.34 9.39
C ASN C 185 -10.09 36.82 9.56
N PRO C 186 -9.22 36.30 10.41
CA PRO C 186 -9.10 34.84 10.54
C PRO C 186 -10.39 34.17 11.00
N ILE C 187 -11.17 34.83 11.85
CA ILE C 187 -12.45 34.25 12.27
C ILE C 187 -13.45 34.28 11.13
N PHE C 188 -13.33 35.25 10.22
CA PHE C 188 -14.26 35.33 9.10
C PHE C 188 -14.09 34.15 8.15
N MET C 189 -12.85 33.84 7.76
CA MET C 189 -12.61 32.68 6.91
C MET C 189 -13.02 31.39 7.59
N ALA C 190 -12.79 31.31 8.91
CA ALA C 190 -13.15 30.11 9.65
C ALA C 190 -14.66 29.90 9.64
N ILE C 191 -15.43 30.94 9.97
CA ILE C 191 -16.89 30.79 9.98
C ILE C 191 -17.42 30.58 8.56
N HIS C 192 -16.76 31.15 7.56
CA HIS C 192 -17.17 30.94 6.18
C HIS C 192 -16.99 29.47 5.78
N VAL C 193 -15.82 28.91 6.07
CA VAL C 193 -15.58 27.50 5.77
C VAL C 193 -16.54 26.61 6.54
N ALA C 194 -16.81 26.95 7.79
CA ALA C 194 -17.73 26.15 8.60
C ALA C 194 -19.13 26.17 8.02
N LEU C 195 -19.62 27.36 7.65
CA LEU C 195 -20.96 27.45 7.07
C LEU C 195 -21.05 26.72 5.74
N LEU C 196 -20.02 26.86 4.90
CA LEU C 196 -20.04 26.18 3.61
C LEU C 196 -20.01 24.66 3.79
N ASP C 197 -19.23 24.16 4.74
CA ASP C 197 -19.21 22.73 5.00
C ASP C 197 -20.54 22.24 5.53
N TRP C 198 -21.14 22.98 6.47
CA TRP C 198 -22.42 22.57 7.03
C TRP C 198 -23.54 22.66 5.98
N LEU C 199 -23.37 23.51 4.97
CA LEU C 199 -24.38 23.62 3.92
C LEU C 199 -24.22 22.51 2.88
N ILE C 200 -22.98 22.21 2.47
CA ILE C 200 -22.78 21.15 1.51
C ILE C 200 -23.00 19.77 2.13
N ALA C 201 -22.91 19.67 3.47
CA ALA C 201 -23.20 18.40 4.13
C ALA C 201 -24.69 18.08 4.16
N ALA C 202 -25.56 19.04 3.83
CA ALA C 202 -27.00 18.85 3.82
C ALA C 202 -27.57 18.99 2.42
N ARG C 203 -26.87 18.46 1.43
CA ARG C 203 -27.30 18.48 0.03
C ARG C 203 -27.49 17.04 -0.43
N PRO C 204 -28.66 16.45 -0.17
CA PRO C 204 -28.90 15.05 -0.55
C PRO C 204 -29.40 14.92 -1.98
N THR C 205 -28.94 13.85 -2.64
CA THR C 205 -29.35 13.48 -3.99
C THR C 205 -29.12 14.63 -4.97
N VAL C 206 -27.85 15.01 -5.10
CA VAL C 206 -27.46 16.05 -6.06
C VAL C 206 -27.44 15.45 -7.45
N THR C 207 -28.29 15.96 -8.33
CA THR C 207 -28.45 15.46 -9.68
C THR C 207 -28.07 16.53 -10.69
N ASP C 208 -27.65 16.09 -11.87
CA ASP C 208 -27.24 16.99 -12.94
C ASP C 208 -28.36 17.09 -13.99
N GLN C 209 -29.42 17.82 -13.61
CA GLN C 209 -30.57 18.03 -14.47
C GLN C 209 -30.52 19.40 -15.15
N ALA C 210 -30.41 20.47 -14.36
CA ALA C 210 -30.35 21.83 -14.86
C ALA C 210 -29.19 22.59 -14.22
N LEU C 211 -28.02 21.93 -14.13
CA LEU C 211 -26.87 22.56 -13.51
C LEU C 211 -26.08 23.41 -14.49
N HIS C 212 -26.16 23.10 -15.79
CA HIS C 212 -25.46 23.91 -16.79
C HIS C 212 -26.07 25.29 -16.90
N GLU C 213 -27.39 25.36 -17.05
CA GLU C 213 -28.06 26.66 -17.05
C GLU C 213 -27.88 27.37 -15.70
N HIS C 214 -27.81 26.62 -14.61
CA HIS C 214 -27.50 27.21 -13.32
C HIS C 214 -26.10 27.83 -13.33
N ASN C 215 -25.15 27.14 -13.96
CA ASN C 215 -23.80 27.69 -14.07
C ASN C 215 -23.79 28.97 -14.90
N ASN C 216 -24.55 28.98 -15.99
CA ASN C 216 -24.61 30.19 -16.82
C ASN C 216 -25.25 31.34 -16.05
N VAL C 217 -26.32 31.07 -15.31
CA VAL C 217 -26.97 32.11 -14.51
C VAL C 217 -26.00 32.62 -13.44
N SER C 218 -25.25 31.71 -12.81
CA SER C 218 -24.28 32.13 -11.80
C SER C 218 -23.17 32.99 -12.41
N TYR C 219 -22.72 32.64 -13.62
CA TYR C 219 -21.71 33.44 -14.28
C TYR C 219 -22.22 34.83 -14.60
N GLN C 220 -23.46 34.91 -15.12
CA GLN C 220 -24.04 36.22 -15.43
C GLN C 220 -24.22 37.04 -14.16
N GLN C 221 -24.62 36.39 -13.05
CA GLN C 221 -24.80 37.11 -11.80
C GLN C 221 -23.48 37.59 -11.23
N HIS C 222 -22.42 36.78 -11.38
CA HIS C 222 -21.09 37.22 -10.94
C HIS C 222 -20.59 38.39 -11.78
N ILE C 223 -20.87 38.36 -13.09
CA ILE C 223 -20.51 39.49 -13.94
C ILE C 223 -21.25 40.75 -13.51
N ALA C 224 -22.54 40.62 -13.23
CA ALA C 224 -23.31 41.76 -12.75
C ALA C 224 -22.78 42.26 -11.40
N ILE C 225 -22.35 41.34 -10.54
CA ILE C 225 -21.85 41.73 -9.22
C ILE C 225 -20.54 42.49 -9.36
N VAL C 226 -19.63 42.00 -10.19
CA VAL C 226 -18.35 42.70 -10.35
C VAL C 226 -18.56 44.03 -11.05
N ASP C 227 -19.54 44.11 -11.97
CA ASP C 227 -19.84 45.39 -12.60
C ASP C 227 -20.39 46.39 -11.59
N ALA C 228 -21.29 45.95 -10.71
CA ALA C 228 -21.81 46.83 -9.68
C ALA C 228 -20.72 47.23 -8.69
N ILE C 229 -19.77 46.34 -8.42
CA ILE C 229 -18.66 46.70 -7.54
C ILE C 229 -17.77 47.74 -8.20
N ARG C 230 -17.51 47.60 -9.50
CA ARG C 230 -16.73 48.60 -10.22
C ARG C 230 -17.45 49.95 -10.24
N ARG C 231 -18.77 49.93 -10.44
CA ARG C 231 -19.55 51.16 -10.48
C ARG C 231 -19.90 51.70 -9.11
N HIS C 232 -19.55 50.98 -8.03
CA HIS C 232 -19.81 51.40 -6.66
C HIS C 232 -21.31 51.57 -6.42
N ASP C 233 -22.05 50.49 -6.71
CA ASP C 233 -23.50 50.46 -6.51
C ASP C 233 -23.87 49.13 -5.86
N PRO C 234 -23.95 49.09 -4.53
CA PRO C 234 -24.27 47.82 -3.85
C PRO C 234 -25.70 47.37 -4.04
N ASP C 235 -26.60 48.25 -4.50
CA ASP C 235 -28.00 47.88 -4.64
C ASP C 235 -28.19 46.80 -5.70
N GLU C 236 -27.61 47.00 -6.89
CA GLU C 236 -27.74 46.01 -7.95
C GLU C 236 -27.03 44.71 -7.56
N ALA C 237 -25.88 44.81 -6.89
CA ALA C 237 -25.19 43.62 -6.44
C ALA C 237 -26.01 42.85 -5.43
N ASP C 238 -26.64 43.55 -4.48
CA ASP C 238 -27.50 42.88 -3.50
C ASP C 238 -28.70 42.23 -4.17
N ARG C 239 -29.29 42.91 -5.16
CA ARG C 239 -30.42 42.33 -5.87
C ARG C 239 -30.02 41.07 -6.64
N ALA C 240 -28.86 41.11 -7.30
CA ALA C 240 -28.38 39.94 -8.03
C ALA C 240 -28.08 38.79 -7.07
N LEU C 241 -27.50 39.10 -5.91
CA LEU C 241 -27.21 38.06 -4.94
C LEU C 241 -28.49 37.45 -4.37
N GLN C 242 -29.50 38.28 -4.11
CA GLN C 242 -30.78 37.78 -3.65
C GLN C 242 -31.44 36.88 -4.70
N SER C 243 -31.37 37.30 -5.97
CA SER C 243 -31.95 36.47 -7.03
C SER C 243 -31.20 35.14 -7.17
N HIS C 244 -29.87 35.18 -7.02
CA HIS C 244 -29.09 33.94 -7.11
C HIS C 244 -29.43 33.00 -5.96
N LEU C 245 -29.59 33.55 -4.74
CA LEU C 245 -29.91 32.70 -3.60
C LEU C 245 -31.33 32.19 -3.66
N ASN C 246 -32.24 32.94 -4.29
CA ASN C 246 -33.61 32.47 -4.43
C ASN C 246 -33.73 31.42 -5.54
N SER C 247 -32.89 31.53 -6.57
CA SER C 247 -32.94 30.54 -7.66
C SER C 247 -32.32 29.22 -7.24
N VAL C 248 -31.41 29.25 -6.27
CA VAL C 248 -30.73 28.05 -5.77
C VAL C 248 -30.03 27.30 -6.90
N LYS D 30 -6.48 5.60 11.48
CA LYS D 30 -6.54 6.80 12.30
C LYS D 30 -6.73 6.45 13.76
N LYS D 31 -7.53 7.25 14.48
CA LYS D 31 -7.80 7.01 15.88
C LYS D 31 -9.19 6.41 16.02
N LEU D 32 -9.26 5.21 16.61
CA LEU D 32 -10.52 4.52 16.81
C LEU D 32 -11.45 5.31 17.73
N SER D 33 -10.87 5.90 18.76
CA SER D 33 -11.60 6.69 19.75
C SER D 33 -12.64 7.65 19.17
N GLU D 34 -12.23 8.49 18.24
CA GLU D 34 -13.17 9.45 17.65
C GLU D 34 -14.31 8.76 16.92
N MET D 35 -14.03 7.60 16.31
CA MET D 35 -15.08 6.88 15.60
C MET D 35 -16.19 6.44 16.54
N VAL D 36 -15.84 5.71 17.60
CA VAL D 36 -16.85 5.27 18.54
C VAL D 36 -17.45 6.44 19.30
N GLU D 37 -16.68 7.53 19.47
CA GLU D 37 -17.23 8.72 20.12
C GLU D 37 -18.36 9.31 19.28
N GLU D 38 -18.12 9.53 17.99
CA GLU D 38 -19.17 10.03 17.11
C GLU D 38 -20.32 9.03 16.97
N GLU D 39 -20.01 7.74 17.03
CA GLU D 39 -21.07 6.72 16.96
C GLU D 39 -22.01 6.84 18.15
N LEU D 40 -21.47 6.87 19.36
CA LEU D 40 -22.31 7.01 20.54
C LEU D 40 -22.99 8.37 20.58
N GLU D 41 -22.34 9.41 20.03
CA GLU D 41 -22.96 10.73 19.98
C GLU D 41 -24.21 10.71 19.10
N GLN D 42 -24.09 10.16 17.88
CA GLN D 42 -25.25 10.08 17.02
C GLN D 42 -26.30 9.11 17.57
N MET D 43 -25.88 8.09 18.31
CA MET D 43 -26.84 7.18 18.93
C MET D 43 -27.65 7.89 20.00
N ILE D 44 -27.00 8.68 20.86
CA ILE D 44 -27.72 9.42 21.88
C ILE D 44 -28.49 10.58 21.28
N ARG D 45 -28.10 11.05 20.09
CA ARG D 45 -28.88 12.08 19.42
C ARG D 45 -30.13 11.50 18.75
N ARG D 46 -30.08 10.24 18.34
CA ARG D 46 -31.25 9.58 17.75
C ARG D 46 -32.31 9.23 18.80
N ARG D 47 -32.12 9.62 20.06
CA ARG D 47 -33.07 9.35 21.14
C ARG D 47 -33.31 7.86 21.30
N GLU D 48 -32.24 7.07 21.18
CA GLU D 48 -32.37 5.63 21.36
C GLU D 48 -32.51 5.25 22.83
N PHE D 49 -31.89 6.00 23.73
CA PHE D 49 -31.95 5.74 25.15
C PHE D 49 -32.30 7.03 25.88
N GLY D 50 -33.30 6.96 26.75
CA GLY D 50 -33.75 8.13 27.48
C GLY D 50 -32.99 8.36 28.78
N GLU D 51 -33.70 8.82 29.81
CA GLU D 51 -33.08 9.09 31.09
C GLU D 51 -32.83 7.80 31.85
N GLY D 52 -31.71 7.75 32.56
CA GLY D 52 -31.34 6.60 33.36
C GLY D 52 -30.18 5.83 32.75
N GLU D 53 -29.84 4.73 33.40
CA GLU D 53 -28.74 3.87 32.96
C GLU D 53 -29.29 2.80 32.02
N GLN D 54 -29.61 3.23 30.80
CA GLN D 54 -30.19 2.35 29.79
C GLN D 54 -29.15 1.77 28.85
N LEU D 55 -27.89 2.21 28.93
CA LEU D 55 -26.86 1.69 28.05
C LEU D 55 -26.42 0.30 28.51
N PRO D 56 -26.09 -0.59 27.57
CA PRO D 56 -25.65 -1.94 27.95
C PRO D 56 -24.24 -1.95 28.52
N SER D 57 -23.73 -3.15 28.81
CA SER D 57 -22.37 -3.27 29.34
C SER D 57 -21.35 -2.92 28.26
N GLU D 58 -20.43 -2.01 28.60
CA GLU D 58 -19.43 -1.57 27.65
C GLU D 58 -18.44 -2.65 27.26
N ARG D 59 -18.41 -3.78 27.98
CA ARG D 59 -17.51 -4.87 27.62
C ARG D 59 -17.94 -5.53 26.31
N GLU D 60 -19.21 -5.90 26.21
CA GLU D 60 -19.68 -6.53 24.98
C GLU D 60 -19.77 -5.52 23.84
N LEU D 61 -19.97 -4.23 24.15
CA LEU D 61 -19.84 -3.20 23.12
C LEU D 61 -18.44 -3.22 22.52
N MET D 62 -17.41 -3.29 23.38
CA MET D 62 -16.04 -3.34 22.89
C MET D 62 -15.78 -4.64 22.12
N ALA D 63 -16.33 -5.75 22.61
CA ALA D 63 -16.14 -7.02 21.91
C ALA D 63 -16.79 -7.02 20.54
N PHE D 64 -17.90 -6.32 20.38
CA PHE D 64 -18.57 -6.24 19.09
C PHE D 64 -17.93 -5.22 18.16
N PHE D 65 -17.37 -4.14 18.72
CA PHE D 65 -16.76 -3.11 17.90
C PHE D 65 -15.29 -3.36 17.59
N ASN D 66 -14.67 -4.35 18.24
CA ASN D 66 -13.26 -4.69 18.03
C ASN D 66 -12.36 -3.49 18.30
N VAL D 67 -12.57 -2.87 19.46
CA VAL D 67 -11.80 -1.72 19.90
C VAL D 67 -11.05 -2.09 21.16
N GLY D 68 -10.41 -1.09 21.78
CA GLY D 68 -9.61 -1.28 22.96
C GLY D 68 -10.25 -0.69 24.21
N ARG D 69 -9.67 -1.05 25.35
CA ARG D 69 -10.18 -0.52 26.62
C ARG D 69 -9.86 0.95 26.82
N PRO D 70 -8.64 1.43 26.59
CA PRO D 70 -8.38 2.88 26.77
C PRO D 70 -9.19 3.76 25.84
N SER D 71 -9.61 3.25 24.68
CA SER D 71 -10.42 4.05 23.76
C SER D 71 -11.78 4.39 24.38
N VAL D 72 -12.42 3.43 25.03
CA VAL D 72 -13.71 3.67 25.67
C VAL D 72 -13.54 4.65 26.82
N ARG D 73 -12.44 4.52 27.58
CA ARG D 73 -12.20 5.46 28.68
C ARG D 73 -11.98 6.87 28.16
N GLU D 74 -11.24 7.00 27.05
CA GLU D 74 -11.03 8.32 26.46
C GLU D 74 -12.33 8.91 25.94
N ALA D 75 -13.20 8.08 25.34
CA ALA D 75 -14.48 8.56 24.87
C ALA D 75 -15.36 9.03 26.02
N LEU D 76 -15.39 8.26 27.11
CA LEU D 76 -16.17 8.68 28.28
C LEU D 76 -15.61 9.95 28.90
N ALA D 77 -14.29 10.10 28.93
CA ALA D 77 -13.70 11.32 29.45
C ALA D 77 -14.04 12.52 28.57
N ALA D 78 -14.04 12.33 27.25
CA ALA D 78 -14.42 13.40 26.34
C ALA D 78 -15.88 13.78 26.53
N LEU D 79 -16.76 12.80 26.70
CA LEU D 79 -18.16 13.09 26.93
C LEU D 79 -18.38 13.80 28.26
N LYS D 80 -17.61 13.43 29.29
CA LYS D 80 -17.71 14.10 30.57
C LYS D 80 -17.23 15.55 30.47
N ARG D 81 -16.14 15.78 29.74
CA ARG D 81 -15.67 17.15 29.53
C ARG D 81 -16.68 17.96 28.72
N LYS D 82 -17.37 17.32 27.77
CA LYS D 82 -18.39 18.02 27.01
C LYS D 82 -19.58 18.38 27.89
N GLY D 83 -19.99 17.46 28.77
CA GLY D 83 -21.08 17.72 29.68
C GLY D 83 -22.37 17.02 29.30
N LEU D 84 -22.26 15.77 28.84
CA LEU D 84 -23.42 14.98 28.46
C LEU D 84 -23.67 13.79 29.37
N VAL D 85 -22.62 13.23 29.98
CA VAL D 85 -22.74 12.09 30.86
C VAL D 85 -22.32 12.50 32.27
N GLN D 86 -22.57 11.61 33.22
CA GLN D 86 -22.23 11.86 34.63
C GLN D 86 -21.68 10.57 35.21
N ILE D 87 -20.38 10.57 35.53
CA ILE D 87 -19.70 9.42 36.12
C ILE D 87 -18.97 9.90 37.37
N ASN D 88 -19.27 9.28 38.51
CA ASN D 88 -18.67 9.64 39.78
C ASN D 88 -17.79 8.53 40.33
N ASN D 89 -18.31 7.32 40.45
CA ASN D 89 -17.55 6.20 41.01
C ASN D 89 -17.54 4.99 40.08
N GLY D 90 -18.57 4.15 40.13
CA GLY D 90 -18.61 2.96 39.30
C GLY D 90 -19.95 2.74 38.64
N GLU D 91 -20.82 3.74 38.70
CA GLU D 91 -22.14 3.64 38.09
C GLU D 91 -22.03 3.86 36.57
N ARG D 92 -23.18 3.77 35.90
CA ARG D 92 -23.23 3.95 34.46
C ARG D 92 -23.56 5.39 34.10
N ALA D 93 -23.38 5.71 32.82
CA ALA D 93 -23.61 7.06 32.34
C ALA D 93 -25.09 7.31 32.06
N ARG D 94 -25.46 8.59 32.04
CA ARG D 94 -26.84 8.99 31.77
C ARG D 94 -26.88 10.09 30.71
N VAL D 95 -28.05 10.67 30.49
CA VAL D 95 -28.22 11.74 29.52
C VAL D 95 -28.30 13.07 30.26
N SER D 96 -28.00 14.14 29.55
CA SER D 96 -28.01 15.49 30.09
C SER D 96 -28.80 16.40 29.15
N ARG D 97 -29.99 16.81 29.59
CA ARG D 97 -30.84 17.69 28.78
C ARG D 97 -30.37 19.14 28.83
N PRO D 98 -30.08 19.72 30.01
CA PRO D 98 -29.61 21.11 30.02
C PRO D 98 -28.25 21.24 29.34
N SER D 99 -28.03 22.44 28.79
CA SER D 99 -26.81 22.73 28.05
C SER D 99 -26.14 24.01 28.53
N ALA D 100 -26.32 24.38 29.80
CA ALA D 100 -25.75 25.61 30.32
C ALA D 100 -24.30 25.44 30.77
N ASP D 101 -23.88 24.22 31.09
CA ASP D 101 -22.52 24.00 31.56
C ASP D 101 -21.52 24.14 30.42
N THR D 102 -21.82 23.54 29.26
CA THR D 102 -20.92 23.64 28.13
C THR D 102 -20.82 25.07 27.61
N ILE D 103 -21.85 25.89 27.83
CA ILE D 103 -21.80 27.28 27.41
C ILE D 103 -20.69 28.02 28.16
N ILE D 104 -20.75 28.00 29.49
CA ILE D 104 -19.72 28.68 30.28
C ILE D 104 -18.38 28.00 30.12
N GLY D 105 -18.37 26.68 29.85
CA GLY D 105 -17.10 26.01 29.59
C GLY D 105 -16.42 26.54 28.35
N GLU D 106 -17.16 26.65 27.25
CA GLU D 106 -16.62 27.22 26.02
C GLU D 106 -16.26 28.68 26.21
N LEU D 107 -17.05 29.41 27.01
CA LEU D 107 -16.72 30.80 27.31
C LEU D 107 -15.35 30.92 27.98
N SER D 108 -15.12 30.12 29.03
CA SER D 108 -13.84 30.15 29.72
C SER D 108 -12.71 29.66 28.82
N GLY D 109 -12.99 28.69 27.95
CA GLY D 109 -11.95 28.17 27.07
C GLY D 109 -11.57 29.14 25.96
N MET D 110 -12.51 29.96 25.50
CA MET D 110 -12.23 30.89 24.42
C MET D 110 -11.73 32.24 24.91
N ALA D 111 -12.25 32.74 26.04
CA ALA D 111 -11.82 34.03 26.55
C ALA D 111 -10.43 33.96 27.14
N LYS D 112 -9.43 33.67 26.29
CA LYS D 112 -8.05 33.56 26.75
C LYS D 112 -7.10 34.22 25.75
N ASP D 113 -7.44 34.16 24.46
CA ASP D 113 -6.59 34.71 23.41
C ASP D 113 -6.76 36.23 23.36
N PHE D 114 -6.14 36.89 24.32
CA PHE D 114 -6.18 38.35 24.44
C PHE D 114 -4.82 39.00 24.35
N LEU D 115 -3.80 38.42 24.99
CA LEU D 115 -2.46 39.00 24.97
C LEU D 115 -1.72 38.78 23.66
N SER D 116 -2.17 37.84 22.83
CA SER D 116 -1.51 37.59 21.56
C SER D 116 -1.75 38.74 20.59
N HIS D 117 -3.01 39.00 20.27
CA HIS D 117 -3.38 40.07 19.35
C HIS D 117 -4.02 41.23 20.11
N PRO D 118 -3.36 42.38 20.24
CA PRO D 118 -3.93 43.50 21.00
C PRO D 118 -5.19 44.08 20.36
N GLY D 119 -5.12 44.40 19.07
CA GLY D 119 -6.24 44.95 18.35
C GLY D 119 -7.11 43.95 17.63
N GLY D 120 -6.65 42.70 17.50
CA GLY D 120 -7.44 41.70 16.82
C GLY D 120 -8.76 41.41 17.48
N ILE D 121 -8.86 41.67 18.79
CA ILE D 121 -10.15 41.52 19.48
C ILE D 121 -11.18 42.45 18.88
N ALA D 122 -10.75 43.63 18.43
CA ALA D 122 -11.66 44.54 17.73
C ALA D 122 -12.26 43.87 16.50
N HIS D 123 -11.50 43.01 15.83
CA HIS D 123 -12.04 42.22 14.73
C HIS D 123 -13.29 41.47 15.17
N PHE D 124 -13.23 40.82 16.35
CA PHE D 124 -14.42 40.19 16.90
C PHE D 124 -15.55 41.21 17.07
N GLU D 125 -15.23 42.38 17.63
CA GLU D 125 -16.20 43.47 17.68
C GLU D 125 -16.68 43.83 16.29
N GLN D 126 -15.77 43.86 15.32
CA GLN D 126 -16.16 44.10 13.94
C GLN D 126 -17.18 43.06 13.47
N LEU D 127 -16.99 41.80 13.89
CA LEU D 127 -17.96 40.77 13.58
C LEU D 127 -19.35 41.17 14.07
N ARG D 128 -19.44 41.71 15.29
CA ARG D 128 -20.72 42.18 15.79
C ARG D 128 -21.35 43.18 14.84
N LEU D 129 -20.54 44.06 14.25
CA LEU D 129 -21.02 44.96 13.22
C LEU D 129 -21.72 44.17 12.11
N PHE D 130 -21.01 43.20 11.54
CA PHE D 130 -21.56 42.37 10.47
C PHE D 130 -22.85 41.67 10.88
N PHE D 131 -23.17 41.64 12.18
CA PHE D 131 -24.45 41.12 12.63
C PHE D 131 -25.50 42.23 12.71
N GLU D 132 -25.17 43.34 13.36
CA GLU D 132 -26.18 44.37 13.60
C GLU D 132 -26.59 45.06 12.31
N SER D 133 -25.64 45.26 11.39
CA SER D 133 -25.99 45.81 10.09
C SER D 133 -26.94 44.90 9.31
N SER D 134 -27.03 43.63 9.69
CA SER D 134 -27.96 42.70 9.08
C SER D 134 -29.32 42.67 9.78
N LEU D 135 -29.55 43.59 10.71
CA LEU D 135 -30.81 43.65 11.44
C LEU D 135 -31.61 44.92 11.16
N VAL D 136 -30.98 46.09 11.27
CA VAL D 136 -31.68 47.35 11.05
C VAL D 136 -32.19 47.47 9.62
N ARG D 137 -31.59 46.76 8.68
CA ARG D 137 -32.02 46.76 7.30
C ARG D 137 -33.12 45.75 7.01
N TYR D 138 -33.62 45.05 8.04
CA TYR D 138 -34.68 44.07 7.86
C TYR D 138 -36.04 44.56 8.36
N ALA D 139 -36.07 45.58 9.22
CA ALA D 139 -37.34 46.07 9.74
C ALA D 139 -38.24 46.61 8.64
N ALA D 140 -37.66 47.18 7.58
CA ALA D 140 -38.43 47.66 6.45
C ALA D 140 -38.84 46.56 5.49
N GLU D 141 -38.52 45.30 5.79
CA GLU D 141 -38.85 44.21 4.89
C GLU D 141 -40.29 43.73 5.09
N HIS D 142 -40.62 43.27 6.30
CA HIS D 142 -41.93 42.72 6.57
C HIS D 142 -42.62 43.30 7.79
N ALA D 143 -41.92 44.02 8.66
CA ALA D 143 -42.54 44.61 9.84
C ALA D 143 -43.46 45.75 9.41
N THR D 144 -44.74 45.63 9.74
CA THR D 144 -45.75 46.61 9.33
C THR D 144 -46.26 47.44 10.49
N ASP D 145 -46.74 46.80 11.55
CA ASP D 145 -47.30 47.53 12.69
C ASP D 145 -47.27 46.71 13.96
N GLU D 146 -47.26 45.38 13.83
CA GLU D 146 -47.29 44.51 15.00
C GLU D 146 -45.96 44.52 15.75
N GLN D 147 -44.85 44.77 15.05
CA GLN D 147 -43.57 44.89 15.73
C GLN D 147 -43.28 46.34 16.15
N ILE D 148 -43.89 47.31 15.45
CA ILE D 148 -43.65 48.71 15.78
C ILE D 148 -44.16 49.03 17.17
N ASP D 149 -45.35 48.54 17.52
CA ASP D 149 -45.89 48.76 18.85
C ASP D 149 -45.02 48.10 19.92
N LEU D 150 -44.49 46.91 19.62
CA LEU D 150 -43.64 46.21 20.58
C LEU D 150 -42.35 46.99 20.82
N LEU D 151 -41.68 47.43 19.75
CA LEU D 151 -40.45 48.19 19.94
C LEU D 151 -40.73 49.54 20.59
N ALA D 152 -41.90 50.13 20.34
CA ALA D 152 -42.23 51.40 20.97
C ALA D 152 -42.44 51.23 22.47
N LYS D 153 -43.23 50.23 22.87
CA LYS D 153 -43.41 49.97 24.29
C LYS D 153 -42.14 49.49 24.96
N ALA D 154 -41.20 48.94 24.19
CA ALA D 154 -39.89 48.61 24.76
C ALA D 154 -39.06 49.87 25.01
N LEU D 155 -38.91 50.71 23.99
CA LEU D 155 -38.14 51.94 24.14
C LEU D 155 -38.76 52.89 25.15
N GLU D 156 -40.07 52.76 25.42
CA GLU D 156 -40.68 53.56 26.49
C GLU D 156 -39.98 53.32 27.81
N ILE D 157 -39.93 52.05 28.26
CA ILE D 157 -39.23 51.74 29.50
C ILE D 157 -37.73 51.93 29.35
N ASN D 158 -37.18 51.71 28.15
CA ASN D 158 -35.75 51.93 27.95
C ASN D 158 -35.37 53.38 28.24
N SER D 159 -36.22 54.33 27.83
CA SER D 159 -35.97 55.74 28.14
C SER D 159 -36.38 56.08 29.57
N GLN D 160 -37.39 55.41 30.11
CA GLN D 160 -37.80 55.63 31.49
C GLN D 160 -36.72 55.18 32.48
N SER D 161 -35.82 54.30 32.07
CA SER D 161 -34.73 53.88 32.93
C SER D 161 -33.87 55.08 33.35
N LEU D 162 -33.34 55.02 34.56
CA LEU D 162 -32.59 56.13 35.14
C LEU D 162 -31.18 55.75 35.58
N ASP D 163 -30.99 54.56 36.13
CA ASP D 163 -29.67 54.18 36.63
C ASP D 163 -28.70 54.00 35.48
N ASN D 164 -27.44 54.42 35.71
CA ASN D 164 -26.46 54.40 34.64
C ASN D 164 -25.88 53.00 34.45
N ASN D 165 -25.46 52.36 35.53
CA ASN D 165 -24.78 51.07 35.44
C ASN D 165 -25.76 49.89 35.43
N ALA D 166 -26.92 50.03 36.06
CA ALA D 166 -27.86 48.92 36.17
C ALA D 166 -29.01 49.04 35.16
N ALA D 167 -29.73 50.15 35.18
CA ALA D 167 -30.92 50.28 34.35
C ALA D 167 -30.58 50.51 32.88
N PHE D 168 -29.55 51.30 32.60
CA PHE D 168 -29.23 51.62 31.21
C PHE D 168 -28.68 50.41 30.48
N ILE D 169 -27.84 49.62 31.13
CA ILE D 169 -27.32 48.40 30.50
C ILE D 169 -28.45 47.39 30.26
N ARG D 170 -29.34 47.24 31.24
CA ARG D 170 -30.47 46.34 31.07
C ARG D 170 -31.40 46.82 29.96
N SER D 171 -31.64 48.14 29.90
CA SER D 171 -32.46 48.69 28.82
C SER D 171 -31.81 48.45 27.47
N ASP D 172 -30.49 48.62 27.38
CA ASP D 172 -29.80 48.41 26.11
C ASP D 172 -29.88 46.96 25.67
N VAL D 173 -29.65 46.02 26.60
CA VAL D 173 -29.69 44.61 26.21
C VAL D 173 -31.11 44.18 25.90
N ASP D 174 -32.11 44.77 26.56
CA ASP D 174 -33.50 44.46 26.21
C ASP D 174 -33.87 44.99 24.83
N PHE D 175 -33.39 46.19 24.50
CA PHE D 175 -33.62 46.73 23.16
C PHE D 175 -32.94 45.87 22.11
N HIS D 176 -31.71 45.43 22.37
CA HIS D 176 -31.02 44.55 21.43
C HIS D 176 -31.75 43.22 21.28
N ARG D 177 -32.31 42.70 22.38
CA ARG D 177 -33.05 41.44 22.31
C ARG D 177 -34.32 41.60 21.48
N VAL D 178 -35.09 42.66 21.73
CA VAL D 178 -36.31 42.85 20.97
C VAL D 178 -36.03 43.23 19.52
N LEU D 179 -34.83 43.74 19.22
CA LEU D 179 -34.43 43.94 17.84
C LEU D 179 -34.10 42.62 17.17
N ALA D 180 -33.34 41.76 17.86
CA ALA D 180 -32.98 40.47 17.30
C ALA D 180 -34.17 39.53 17.17
N GLU D 181 -35.21 39.73 17.98
CA GLU D 181 -36.40 38.89 17.93
C GLU D 181 -37.42 39.33 16.89
N ILE D 182 -37.10 40.33 16.08
CA ILE D 182 -38.01 40.81 15.04
C ILE D 182 -38.18 39.77 13.95
N PRO D 183 -37.11 39.20 13.36
CA PRO D 183 -37.33 38.20 12.31
C PRO D 183 -37.91 36.88 12.83
N GLY D 184 -37.87 36.64 14.13
CA GLY D 184 -38.38 35.40 14.68
C GLY D 184 -37.49 34.22 14.40
N ASN D 185 -36.27 34.24 14.95
CA ASN D 185 -35.30 33.18 14.72
C ASN D 185 -34.63 32.79 16.03
N PRO D 186 -34.74 31.53 16.45
CA PRO D 186 -34.09 31.13 17.71
C PRO D 186 -32.58 31.12 17.63
N ILE D 187 -32.00 30.87 16.45
CA ILE D 187 -30.55 30.87 16.31
C ILE D 187 -30.00 32.27 16.48
N PHE D 188 -30.72 33.27 15.97
CA PHE D 188 -30.25 34.65 16.09
C PHE D 188 -30.17 35.08 17.56
N MET D 189 -31.17 34.71 18.36
CA MET D 189 -31.14 35.05 19.78
C MET D 189 -29.97 34.38 20.48
N ALA D 190 -29.71 33.11 20.16
CA ALA D 190 -28.57 32.42 20.75
C ALA D 190 -27.25 33.08 20.38
N ILE D 191 -27.09 33.43 19.09
CA ILE D 191 -25.86 34.10 18.66
C ILE D 191 -25.72 35.44 19.37
N HIS D 192 -26.82 36.18 19.53
CA HIS D 192 -26.76 37.49 20.17
C HIS D 192 -26.35 37.36 21.63
N VAL D 193 -26.98 36.44 22.37
CA VAL D 193 -26.63 36.28 23.78
C VAL D 193 -25.21 35.74 23.92
N ALA D 194 -24.76 34.91 22.98
CA ALA D 194 -23.39 34.42 23.01
C ALA D 194 -22.40 35.55 22.82
N LEU D 195 -22.64 36.41 21.84
CA LEU D 195 -21.79 37.58 21.65
C LEU D 195 -21.81 38.49 22.86
N LEU D 196 -22.98 38.64 23.49
CA LEU D 196 -23.09 39.49 24.67
C LEU D 196 -22.24 38.96 25.82
N ASP D 197 -22.40 37.68 26.15
CA ASP D 197 -21.61 37.13 27.25
C ASP D 197 -20.12 37.09 26.91
N TRP D 198 -19.79 36.88 25.62
CA TRP D 198 -18.38 36.89 25.22
C TRP D 198 -17.75 38.25 25.42
N LEU D 199 -18.44 39.31 24.97
CA LEU D 199 -17.89 40.65 25.16
C LEU D 199 -17.88 41.05 26.64
N ILE D 200 -18.84 40.58 27.42
CA ILE D 200 -18.85 40.87 28.85
C ILE D 200 -17.65 40.22 29.53
N ALA D 201 -17.35 38.96 29.18
CA ALA D 201 -16.20 38.29 29.76
C ALA D 201 -14.89 38.86 29.22
N ALA D 202 -14.90 39.41 28.01
CA ALA D 202 -13.68 39.95 27.43
C ALA D 202 -13.32 41.30 28.04
N ARG D 203 -14.26 42.24 28.06
CA ARG D 203 -13.99 43.57 28.59
C ARG D 203 -13.82 43.51 30.10
N PRO D 204 -12.63 43.81 30.65
CA PRO D 204 -12.42 43.72 32.09
C PRO D 204 -12.69 45.01 32.86
N THR D 205 -12.78 46.16 32.17
CA THR D 205 -12.98 47.44 32.82
C THR D 205 -14.19 48.14 32.21
N VAL D 206 -15.07 48.63 33.08
CA VAL D 206 -16.27 49.34 32.65
C VAL D 206 -16.28 50.70 33.34
N THR D 207 -16.90 51.67 32.68
CA THR D 207 -16.99 53.04 33.17
C THR D 207 -18.43 53.37 33.51
N ASP D 208 -18.61 54.48 34.22
CA ASP D 208 -19.93 54.96 34.63
C ASP D 208 -20.25 56.33 34.06
N GLN D 209 -19.29 57.27 34.13
CA GLN D 209 -19.54 58.62 33.62
C GLN D 209 -19.56 58.62 32.09
N ALA D 210 -18.55 57.98 31.47
CA ALA D 210 -18.53 57.90 30.01
C ALA D 210 -19.65 57.01 29.48
N LEU D 211 -20.00 55.95 30.21
CA LEU D 211 -21.10 55.09 29.79
C LEU D 211 -22.42 55.84 29.78
N HIS D 212 -22.58 56.84 30.65
CA HIS D 212 -23.79 57.65 30.67
C HIS D 212 -23.98 58.35 29.32
N GLU D 213 -23.00 59.13 28.90
CA GLU D 213 -23.09 59.79 27.60
C GLU D 213 -23.11 58.78 26.46
N HIS D 214 -22.47 57.63 26.64
CA HIS D 214 -22.50 56.59 25.62
C HIS D 214 -23.93 56.13 25.35
N ASN D 215 -24.64 55.71 26.41
CA ASN D 215 -26.02 55.27 26.23
C ASN D 215 -26.94 56.43 25.87
N ASN D 216 -26.59 57.65 26.27
CA ASN D 216 -27.35 58.82 25.86
C ASN D 216 -27.33 58.96 24.33
N VAL D 217 -26.13 59.00 23.75
CA VAL D 217 -26.00 59.05 22.30
C VAL D 217 -26.61 57.81 21.67
N SER D 218 -26.53 56.67 22.36
CA SER D 218 -27.10 55.44 21.83
C SER D 218 -28.60 55.57 21.61
N TYR D 219 -29.34 56.02 22.64
CA TYR D 219 -30.78 56.14 22.46
C TYR D 219 -31.14 57.34 21.60
N GLN D 220 -30.32 58.38 21.58
CA GLN D 220 -30.55 59.50 20.68
C GLN D 220 -30.45 59.06 19.22
N GLN D 221 -29.55 58.12 18.94
CA GLN D 221 -29.45 57.54 17.60
C GLN D 221 -30.53 56.51 17.35
N HIS D 222 -30.97 55.79 18.39
CA HIS D 222 -32.08 54.86 18.24
C HIS D 222 -33.37 55.59 17.87
N ILE D 223 -33.52 56.83 18.33
CA ILE D 223 -34.66 57.65 17.92
C ILE D 223 -34.67 57.82 16.41
N ALA D 224 -33.52 58.22 15.84
CA ALA D 224 -33.43 58.35 14.39
C ALA D 224 -33.59 57.00 13.70
N ILE D 225 -33.13 55.93 14.34
CA ILE D 225 -33.25 54.60 13.75
C ILE D 225 -34.72 54.22 13.62
N VAL D 226 -35.49 54.39 14.68
CA VAL D 226 -36.92 54.05 14.61
C VAL D 226 -37.66 55.01 13.70
N ASP D 227 -37.21 56.27 13.61
CA ASP D 227 -37.82 57.20 12.66
C ASP D 227 -37.61 56.72 11.22
N ALA D 228 -36.39 56.30 10.89
CA ALA D 228 -36.11 55.79 9.56
C ALA D 228 -36.84 54.47 9.31
N ILE D 229 -37.02 53.65 10.35
CA ILE D 229 -37.78 52.42 10.18
C ILE D 229 -39.23 52.73 9.86
N ARG D 230 -39.81 53.70 10.55
CA ARG D 230 -41.19 54.12 10.24
C ARG D 230 -41.29 54.71 8.84
N ARG D 231 -40.28 55.48 8.43
CA ARG D 231 -40.27 56.09 7.10
C ARG D 231 -39.82 55.13 6.00
N HIS D 232 -39.46 53.89 6.36
CA HIS D 232 -39.02 52.88 5.40
C HIS D 232 -37.77 53.35 4.63
N ASP D 233 -36.71 53.61 5.39
CA ASP D 233 -35.44 54.04 4.83
C ASP D 233 -34.32 53.31 5.55
N PRO D 234 -33.83 52.19 5.00
CA PRO D 234 -32.78 51.43 5.70
C PRO D 234 -31.41 52.07 5.62
N ASP D 235 -31.19 53.02 4.71
CA ASP D 235 -29.87 53.64 4.59
C ASP D 235 -29.56 54.51 5.80
N GLU D 236 -30.53 55.32 6.24
CA GLU D 236 -30.30 56.20 7.39
C GLU D 236 -30.08 55.38 8.65
N ALA D 237 -30.80 54.26 8.80
CA ALA D 237 -30.59 53.41 9.96
C ALA D 237 -29.19 52.81 9.96
N ASP D 238 -28.71 52.37 8.81
CA ASP D 238 -27.36 51.82 8.72
C ASP D 238 -26.32 52.89 9.00
N ARG D 239 -26.55 54.11 8.52
CA ARG D 239 -25.61 55.20 8.78
C ARG D 239 -25.57 55.54 10.27
N ALA D 240 -26.74 55.57 10.92
CA ALA D 240 -26.78 55.85 12.35
C ALA D 240 -26.10 54.73 13.14
N LEU D 241 -26.29 53.48 12.72
CA LEU D 241 -25.63 52.37 13.39
C LEU D 241 -24.11 52.45 13.24
N GLN D 242 -23.64 52.79 12.04
CA GLN D 242 -22.21 52.94 11.82
C GLN D 242 -21.64 54.07 12.66
N SER D 243 -22.37 55.20 12.75
CA SER D 243 -21.91 56.31 13.57
C SER D 243 -21.87 55.93 15.04
N HIS D 244 -22.86 55.18 15.51
CA HIS D 244 -22.87 54.72 16.89
C HIS D 244 -21.70 53.79 17.19
N LEU D 245 -21.42 52.86 16.26
CA LEU D 245 -20.28 51.97 16.45
C LEU D 245 -18.96 52.73 16.42
N ASN D 246 -18.86 53.76 15.58
CA ASN D 246 -17.62 54.53 15.51
C ASN D 246 -17.45 55.42 16.74
N SER D 247 -18.56 55.85 17.35
CA SER D 247 -18.47 56.68 18.55
C SER D 247 -17.91 55.92 19.74
N VAL D 248 -18.02 54.59 19.75
CA VAL D 248 -17.51 53.75 20.82
C VAL D 248 -18.08 54.16 22.17
N ASN E 21 44.31 12.95 7.66
CA ASN E 21 44.66 11.55 7.92
C ASN E 21 45.34 11.40 9.28
N LEU E 22 45.28 12.45 10.08
CA LEU E 22 45.85 12.50 11.43
C LEU E 22 47.36 12.31 11.44
N ARG E 23 48.02 12.38 10.28
CA ARG E 23 49.46 12.22 10.21
C ARG E 23 50.15 13.24 9.32
N SER E 24 49.41 14.16 8.68
CA SER E 24 49.97 15.19 7.82
C SER E 24 50.78 14.59 6.67
N ARG E 25 50.08 13.80 5.84
CA ARG E 25 50.68 13.17 4.67
C ARG E 25 49.72 13.34 3.50
N PRO E 26 50.03 14.22 2.55
CA PRO E 26 49.11 14.45 1.42
C PRO E 26 48.92 13.24 0.54
N LEU E 27 50.00 12.75 -0.06
CA LEU E 27 49.97 11.60 -0.97
C LEU E 27 48.95 11.82 -2.09
N ALA E 28 49.04 12.99 -2.73
CA ALA E 28 48.09 13.34 -3.77
C ALA E 28 48.35 12.55 -5.05
N ARG E 29 49.58 12.61 -5.56
CA ARG E 29 49.91 11.92 -6.81
C ARG E 29 49.84 10.40 -6.66
N LYS E 30 50.10 9.87 -5.48
CA LYS E 30 50.10 8.43 -5.24
C LYS E 30 48.73 7.91 -4.79
N LYS E 31 47.66 8.63 -5.12
CA LYS E 31 46.29 8.23 -4.82
C LYS E 31 46.06 8.09 -3.31
N LEU E 32 45.63 9.20 -2.71
CA LEU E 32 45.39 9.24 -1.27
C LEU E 32 44.23 8.36 -0.85
N SER E 33 43.40 7.92 -1.79
CA SER E 33 42.30 7.02 -1.45
C SER E 33 42.84 5.68 -0.94
N GLU E 34 43.96 5.23 -1.48
CA GLU E 34 44.59 4.02 -0.97
C GLU E 34 45.01 4.18 0.49
N MET E 35 45.50 5.37 0.86
CA MET E 35 45.89 5.61 2.25
C MET E 35 44.71 5.47 3.20
N VAL E 36 43.58 6.12 2.87
CA VAL E 36 42.44 6.06 3.77
C VAL E 36 41.82 4.68 3.77
N GLU E 37 41.82 3.97 2.63
CA GLU E 37 41.24 2.64 2.62
C GLU E 37 42.09 1.65 3.40
N GLU E 38 43.42 1.77 3.33
CA GLU E 38 44.27 0.89 4.13
C GLU E 38 44.21 1.27 5.60
N GLU E 39 44.01 2.55 5.92
CA GLU E 39 43.81 2.94 7.30
C GLU E 39 42.53 2.34 7.87
N LEU E 40 41.45 2.37 7.07
CA LEU E 40 40.21 1.74 7.49
C LEU E 40 40.37 0.23 7.66
N GLU E 41 41.11 -0.40 6.73
CA GLU E 41 41.36 -1.83 6.83
C GLU E 41 42.12 -2.17 8.12
N GLN E 42 43.15 -1.38 8.44
CA GLN E 42 43.90 -1.61 9.66
C GLN E 42 43.05 -1.39 10.90
N MET E 43 42.22 -0.33 10.89
CA MET E 43 41.36 -0.06 12.04
C MET E 43 40.35 -1.18 12.24
N ILE E 44 39.87 -1.78 11.15
CA ILE E 44 38.95 -2.91 11.27
C ILE E 44 39.67 -4.15 11.77
N ARG E 45 40.88 -4.39 11.26
CA ARG E 45 41.64 -5.56 11.68
C ARG E 45 42.17 -5.43 13.11
N ARG E 46 42.19 -4.23 13.67
CA ARG E 46 42.64 -4.01 15.04
C ARG E 46 41.60 -4.42 16.08
N ARG E 47 40.47 -4.99 15.65
CA ARG E 47 39.42 -5.45 16.56
C ARG E 47 38.89 -4.30 17.43
N GLU E 48 38.76 -3.13 16.83
CA GLU E 48 38.23 -1.95 17.51
C GLU E 48 36.76 -1.69 17.21
N PHE E 49 36.12 -2.54 16.41
CA PHE E 49 34.72 -2.39 16.07
C PHE E 49 34.01 -3.72 16.26
N GLY E 50 32.68 -3.66 16.32
CA GLY E 50 31.87 -4.84 16.50
C GLY E 50 31.58 -5.57 15.19
N GLU E 51 30.33 -5.99 15.00
CA GLU E 51 29.93 -6.70 13.80
C GLU E 51 28.74 -6.05 13.10
N GLY E 52 28.36 -4.84 13.49
CA GLY E 52 27.22 -4.17 12.89
C GLY E 52 27.54 -2.77 12.39
N GLU E 53 26.70 -1.81 12.74
CA GLU E 53 26.85 -0.42 12.33
C GLU E 53 27.66 0.41 13.32
N GLN E 54 28.62 -0.21 14.02
CA GLN E 54 29.42 0.52 15.00
C GLN E 54 30.26 1.61 14.35
N LEU E 55 30.57 1.49 13.07
CA LEU E 55 31.33 2.53 12.39
C LEU E 55 30.45 3.76 12.17
N PRO E 56 31.00 4.97 12.27
CA PRO E 56 30.19 6.18 12.12
C PRO E 56 29.69 6.39 10.70
N SER E 57 28.96 7.48 10.48
CA SER E 57 28.39 7.78 9.18
C SER E 57 29.46 8.35 8.26
N GLU E 58 29.04 8.81 7.08
CA GLU E 58 29.99 9.34 6.11
C GLU E 58 30.52 10.71 6.53
N ARG E 59 29.62 11.58 7.01
CA ARG E 59 30.04 12.92 7.39
C ARG E 59 30.96 12.91 8.61
N GLU E 60 30.72 11.99 9.55
CA GLU E 60 31.55 11.92 10.75
C GLU E 60 32.99 11.55 10.39
N LEU E 61 33.17 10.48 9.62
CA LEU E 61 34.51 10.09 9.20
C LEU E 61 35.15 11.14 8.31
N MET E 62 34.36 11.80 7.46
CA MET E 62 34.89 12.86 6.61
C MET E 62 35.45 14.00 7.45
N ALA E 63 34.69 14.43 8.46
CA ALA E 63 35.17 15.51 9.33
C ALA E 63 36.33 15.06 10.20
N PHE E 64 36.38 13.77 10.56
CA PHE E 64 37.47 13.28 11.39
C PHE E 64 38.77 13.17 10.59
N PHE E 65 38.68 12.84 9.31
CA PHE E 65 39.88 12.68 8.48
C PHE E 65 40.23 13.92 7.68
N ASN E 66 39.37 14.95 7.69
CA ASN E 66 39.62 16.20 6.97
C ASN E 66 39.86 15.96 5.48
N VAL E 67 39.02 15.10 4.90
CA VAL E 67 39.10 14.72 3.51
C VAL E 67 37.76 15.05 2.83
N GLY E 68 37.59 14.54 1.62
CA GLY E 68 36.37 14.77 0.88
C GLY E 68 35.30 13.73 1.15
N ARG E 69 34.08 14.08 0.80
CA ARG E 69 32.93 13.20 0.98
C ARG E 69 32.88 12.09 -0.07
N PRO E 70 33.07 12.39 -1.37
CA PRO E 70 33.06 11.30 -2.35
C PRO E 70 34.20 10.30 -2.16
N SER E 71 35.30 10.71 -1.55
CA SER E 71 36.42 9.80 -1.33
C SER E 71 36.02 8.69 -0.36
N VAL E 72 35.35 9.05 0.74
CA VAL E 72 34.89 8.06 1.70
C VAL E 72 33.84 7.15 1.07
N ARG E 73 32.99 7.71 0.21
CA ARG E 73 31.99 6.91 -0.48
C ARG E 73 32.67 5.87 -1.39
N GLU E 74 33.68 6.29 -2.15
CA GLU E 74 34.40 5.36 -3.00
C GLU E 74 35.14 4.31 -2.18
N ALA E 75 35.67 4.70 -1.03
CA ALA E 75 36.38 3.77 -0.17
C ALA E 75 35.45 2.65 0.30
N LEU E 76 34.30 3.04 0.83
CA LEU E 76 33.32 2.07 1.33
C LEU E 76 32.82 1.18 0.21
N ALA E 77 32.59 1.78 -0.96
CA ALA E 77 32.12 1.02 -2.11
C ALA E 77 33.15 -0.02 -2.51
N ALA E 78 34.42 0.37 -2.51
CA ALA E 78 35.49 -0.56 -2.86
C ALA E 78 35.58 -1.65 -1.79
N LEU E 79 35.39 -1.25 -0.55
CA LEU E 79 35.45 -2.18 0.57
C LEU E 79 34.36 -3.24 0.46
N LYS E 80 33.17 -2.81 0.04
CA LYS E 80 32.06 -3.73 -0.12
C LYS E 80 32.38 -4.76 -1.20
N ARG E 81 32.99 -4.30 -2.28
CA ARG E 81 33.38 -5.19 -3.37
C ARG E 81 34.41 -6.19 -2.88
N LYS E 82 35.36 -5.72 -2.07
CA LYS E 82 36.39 -6.58 -1.52
C LYS E 82 35.76 -7.60 -0.57
N GLY E 83 34.56 -7.29 -0.11
CA GLY E 83 33.82 -8.16 0.79
C GLY E 83 34.17 -7.91 2.25
N LEU E 84 33.80 -6.74 2.75
CA LEU E 84 34.07 -6.42 4.15
C LEU E 84 32.89 -5.79 4.87
N VAL E 85 32.08 -4.98 4.18
CA VAL E 85 30.91 -4.34 4.77
C VAL E 85 29.71 -4.63 3.88
N GLN E 86 28.55 -4.08 4.28
CA GLN E 86 27.33 -4.25 3.53
C GLN E 86 26.39 -3.08 3.83
N ILE E 87 25.82 -2.50 2.77
CA ILE E 87 24.92 -1.37 2.89
C ILE E 87 23.68 -1.64 2.05
N ASN E 88 22.55 -1.05 2.47
CA ASN E 88 21.29 -1.18 1.75
C ASN E 88 20.67 0.17 1.41
N ASN E 89 19.98 0.79 2.36
CA ASN E 89 19.36 2.10 2.13
C ASN E 89 19.10 2.76 3.47
N GLY E 90 19.74 3.90 3.68
CA GLY E 90 19.52 4.64 4.93
C GLY E 90 20.02 3.92 6.17
N GLU E 91 21.22 3.34 6.09
CA GLU E 91 21.78 2.62 7.22
C GLU E 91 23.30 2.58 7.06
N ARG E 92 24.00 2.63 8.19
CA ARG E 92 25.45 2.57 8.18
C ARG E 92 25.94 1.20 7.71
N ALA E 93 27.24 1.11 7.45
CA ALA E 93 27.82 -0.13 6.95
C ALA E 93 27.90 -1.16 8.07
N ARG E 94 27.59 -2.41 7.72
CA ARG E 94 27.65 -3.54 8.64
C ARG E 94 28.85 -4.40 8.27
N VAL E 95 29.89 -4.37 9.11
CA VAL E 95 31.09 -5.15 8.84
C VAL E 95 30.80 -6.62 9.02
N SER E 96 31.32 -7.44 8.11
CA SER E 96 31.11 -8.88 8.15
C SER E 96 32.33 -9.57 7.52
N ARG E 97 32.19 -10.85 7.22
CA ARG E 97 33.26 -11.64 6.62
C ARG E 97 32.81 -12.18 5.27
N PRO E 98 33.71 -12.27 4.29
CA PRO E 98 33.33 -12.80 2.98
C PRO E 98 33.02 -14.29 3.02
N SER E 99 31.74 -14.64 2.88
CA SER E 99 31.33 -16.03 2.93
C SER E 99 31.51 -16.68 1.56
N ALA E 100 30.96 -17.89 1.43
CA ALA E 100 31.08 -18.62 0.16
C ALA E 100 30.30 -17.94 -0.96
N ASP E 101 29.19 -17.27 -0.61
CA ASP E 101 28.41 -16.59 -1.64
C ASP E 101 29.16 -15.41 -2.23
N THR E 102 30.02 -14.76 -1.43
CA THR E 102 30.81 -13.65 -1.95
C THR E 102 31.79 -14.12 -3.01
N ILE E 103 32.38 -15.31 -2.84
CA ILE E 103 33.30 -15.84 -3.83
C ILE E 103 32.57 -16.12 -5.14
N ILE E 104 31.37 -16.70 -5.05
CA ILE E 104 30.58 -16.98 -6.25
C ILE E 104 30.17 -15.68 -6.93
N GLY E 105 29.84 -14.66 -6.14
CA GLY E 105 29.50 -13.37 -6.73
C GLY E 105 30.66 -12.71 -7.43
N GLU E 106 31.85 -12.79 -6.83
CA GLU E 106 33.05 -12.25 -7.47
C GLU E 106 33.45 -13.06 -8.69
N LEU E 107 33.11 -14.34 -8.73
CA LEU E 107 33.41 -15.18 -9.88
C LEU E 107 32.33 -14.98 -10.95
N SER E 108 32.03 -16.05 -11.69
CA SER E 108 31.04 -16.08 -12.76
C SER E 108 31.34 -15.11 -13.89
N GLY E 109 32.53 -14.51 -13.92
CA GLY E 109 32.87 -13.61 -15.01
C GLY E 109 33.27 -14.34 -16.28
N MET E 110 33.88 -15.51 -16.14
CA MET E 110 34.27 -16.33 -17.28
C MET E 110 33.24 -17.40 -17.62
N ALA E 111 32.13 -17.46 -16.89
CA ALA E 111 31.11 -18.45 -17.19
C ALA E 111 30.43 -18.20 -18.52
N LYS E 112 30.43 -16.94 -18.99
CA LYS E 112 29.82 -16.63 -20.27
C LYS E 112 30.62 -17.22 -21.43
N ASP E 113 31.94 -17.33 -21.28
CA ASP E 113 32.77 -17.92 -22.34
C ASP E 113 32.43 -19.39 -22.52
N PHE E 114 32.19 -20.11 -21.43
CA PHE E 114 31.89 -21.53 -21.51
C PHE E 114 30.59 -21.78 -22.27
N LEU E 115 29.56 -20.98 -22.00
CA LEU E 115 28.32 -21.10 -22.75
C LEU E 115 28.41 -20.48 -24.14
N SER E 116 29.44 -19.67 -24.39
CA SER E 116 29.63 -19.10 -25.73
C SER E 116 30.25 -20.13 -26.66
N HIS E 117 31.36 -20.74 -26.27
CA HIS E 117 31.99 -21.75 -27.11
C HIS E 117 31.22 -23.06 -27.01
N PRO E 118 31.22 -23.87 -28.08
CA PRO E 118 30.32 -25.04 -28.12
C PRO E 118 30.51 -26.01 -26.98
N GLY E 119 31.73 -26.23 -26.52
CA GLY E 119 31.98 -27.14 -25.43
C GLY E 119 31.51 -26.58 -24.10
N GLY E 120 31.87 -27.31 -23.04
CA GLY E 120 31.56 -26.86 -21.70
C GLY E 120 30.16 -27.22 -21.22
N ILE E 121 29.21 -27.31 -22.16
CA ILE E 121 27.84 -27.67 -21.78
C ILE E 121 27.80 -29.08 -21.21
N ALA E 122 28.54 -30.01 -21.81
CA ALA E 122 28.62 -31.35 -21.27
C ALA E 122 29.51 -31.40 -20.03
N HIS E 123 30.47 -30.48 -19.93
CA HIS E 123 31.35 -30.46 -18.76
C HIS E 123 30.58 -30.06 -17.50
N PHE E 124 29.71 -29.04 -17.61
CA PHE E 124 28.88 -28.66 -16.48
C PHE E 124 27.94 -29.80 -16.09
N GLU E 125 27.39 -30.49 -17.08
CA GLU E 125 26.52 -31.63 -16.79
C GLU E 125 27.27 -32.73 -16.06
N GLN E 126 28.50 -33.03 -16.50
CA GLN E 126 29.30 -34.05 -15.84
C GLN E 126 29.65 -33.64 -14.41
N LEU E 127 29.97 -32.35 -14.21
CA LEU E 127 30.28 -31.87 -12.87
C LEU E 127 29.06 -31.99 -11.96
N ARG E 128 27.89 -31.59 -12.45
CA ARG E 128 26.67 -31.71 -11.66
C ARG E 128 26.35 -33.16 -11.35
N LEU E 129 26.58 -34.06 -12.32
CA LEU E 129 26.33 -35.48 -12.10
C LEU E 129 27.26 -36.04 -11.04
N PHE E 130 28.55 -35.68 -11.11
CA PHE E 130 29.49 -36.13 -10.08
C PHE E 130 29.10 -35.61 -8.70
N PHE E 131 28.72 -34.33 -8.63
CA PHE E 131 28.35 -33.75 -7.34
C PHE E 131 27.12 -34.44 -6.76
N GLU E 132 26.09 -34.64 -7.59
CA GLU E 132 24.86 -35.26 -7.08
C GLU E 132 25.09 -36.73 -6.71
N SER E 133 25.93 -37.44 -7.47
CA SER E 133 26.24 -38.81 -7.11
C SER E 133 26.99 -38.88 -5.79
N SER E 134 27.97 -38.00 -5.60
CA SER E 134 28.70 -37.98 -4.34
C SER E 134 27.79 -37.67 -3.16
N LEU E 135 26.90 -36.67 -3.33
CA LEU E 135 26.03 -36.30 -2.22
C LEU E 135 25.01 -37.38 -1.92
N VAL E 136 24.48 -38.04 -2.95
CA VAL E 136 23.51 -39.11 -2.69
C VAL E 136 24.19 -40.32 -2.08
N ARG E 137 25.46 -40.58 -2.45
CA ARG E 137 26.20 -41.66 -1.80
C ARG E 137 26.44 -41.35 -0.33
N TYR E 138 26.82 -40.11 -0.02
CA TYR E 138 27.01 -39.72 1.37
C TYR E 138 25.70 -39.80 2.15
N ALA E 139 24.59 -39.41 1.53
CA ALA E 139 23.30 -39.48 2.21
C ALA E 139 22.88 -40.92 2.47
N ALA E 140 23.13 -41.81 1.52
CA ALA E 140 22.77 -43.21 1.71
C ALA E 140 23.68 -43.89 2.72
N GLU E 141 24.94 -43.46 2.81
CA GLU E 141 25.85 -44.09 3.76
C GLU E 141 25.63 -43.59 5.18
N HIS E 142 25.47 -42.28 5.35
CA HIS E 142 25.16 -41.68 6.65
C HIS E 142 23.67 -41.48 6.84
N ALA E 143 22.86 -42.46 6.46
CA ALA E 143 21.41 -42.35 6.62
C ALA E 143 21.03 -42.55 8.08
N THR E 144 20.53 -41.50 8.72
CA THR E 144 20.09 -41.58 10.11
C THR E 144 18.59 -41.86 10.16
N ASP E 145 18.02 -41.82 11.37
CA ASP E 145 16.60 -42.09 11.56
C ASP E 145 15.77 -40.81 11.63
N GLU E 146 16.34 -39.66 11.29
CA GLU E 146 15.63 -38.39 11.32
C GLU E 146 15.50 -37.74 9.95
N GLN E 147 16.51 -37.87 9.09
CA GLN E 147 16.42 -37.29 7.76
C GLN E 147 15.41 -38.01 6.87
N ILE E 148 14.96 -39.20 7.26
CA ILE E 148 13.99 -39.93 6.46
C ILE E 148 12.66 -39.18 6.41
N ASP E 149 12.30 -38.50 7.49
CA ASP E 149 11.06 -37.73 7.50
C ASP E 149 11.11 -36.56 6.53
N LEU E 150 12.29 -35.95 6.38
CA LEU E 150 12.42 -34.82 5.44
C LEU E 150 12.15 -35.27 4.01
N LEU E 151 12.85 -36.32 3.56
CA LEU E 151 12.62 -36.83 2.22
C LEU E 151 11.21 -37.40 2.07
N ALA E 152 10.65 -37.95 3.15
CA ALA E 152 9.29 -38.47 3.08
C ALA E 152 8.28 -37.37 2.81
N LYS E 153 8.34 -36.29 3.60
CA LYS E 153 7.43 -35.17 3.37
C LYS E 153 7.72 -34.48 2.04
N ALA E 154 8.98 -34.49 1.58
CA ALA E 154 9.29 -33.93 0.27
C ALA E 154 8.60 -34.71 -0.84
N LEU E 155 8.77 -36.04 -0.84
CA LEU E 155 8.12 -36.84 -1.87
C LEU E 155 6.61 -36.84 -1.72
N GLU E 156 6.09 -36.60 -0.51
CA GLU E 156 4.65 -36.51 -0.32
C GLU E 156 4.10 -35.22 -0.94
N ILE E 157 4.73 -34.08 -0.64
CA ILE E 157 4.28 -32.82 -1.20
C ILE E 157 4.58 -32.73 -2.69
N ASN E 158 5.49 -33.56 -3.19
CA ASN E 158 5.79 -33.62 -4.62
C ASN E 158 5.13 -34.81 -5.30
N SER E 159 4.10 -35.39 -4.69
CA SER E 159 3.39 -36.54 -5.25
C SER E 159 2.09 -36.18 -5.94
N GLN E 160 1.32 -35.25 -5.38
CA GLN E 160 0.04 -34.89 -5.96
C GLN E 160 0.24 -34.18 -7.30
N SER E 161 -0.76 -34.33 -8.17
CA SER E 161 -0.76 -33.71 -9.49
C SER E 161 -1.84 -32.63 -9.50
N LEU E 162 -1.46 -31.43 -9.09
CA LEU E 162 -2.37 -30.29 -9.04
C LEU E 162 -2.04 -29.19 -10.03
N ASP E 163 -0.75 -28.93 -10.27
CA ASP E 163 -0.32 -27.90 -11.21
C ASP E 163 0.80 -28.48 -12.07
N ASN E 164 0.48 -28.80 -13.33
CA ASN E 164 1.47 -29.36 -14.24
C ASN E 164 2.33 -28.31 -14.91
N ASN E 165 2.29 -27.06 -14.45
CA ASN E 165 3.08 -25.99 -15.05
C ASN E 165 4.45 -25.91 -14.37
N ALA E 166 4.83 -24.71 -13.94
CA ALA E 166 6.13 -24.52 -13.32
C ALA E 166 6.14 -24.90 -11.85
N ALA E 167 5.00 -25.24 -11.26
CA ALA E 167 4.97 -25.64 -9.85
C ALA E 167 5.73 -26.94 -9.64
N PHE E 168 5.61 -27.88 -10.58
CA PHE E 168 6.34 -29.13 -10.44
C PHE E 168 7.84 -28.92 -10.58
N ILE E 169 8.26 -27.96 -11.41
CA ILE E 169 9.69 -27.68 -11.56
C ILE E 169 10.26 -27.13 -10.26
N ARG E 170 9.55 -26.17 -9.64
CA ARG E 170 10.04 -25.62 -8.38
C ARG E 170 9.95 -26.65 -7.26
N SER E 171 8.97 -27.55 -7.30
CA SER E 171 8.93 -28.64 -6.34
C SER E 171 10.13 -29.56 -6.48
N ASP E 172 10.51 -29.86 -7.73
CA ASP E 172 11.67 -30.71 -7.97
C ASP E 172 12.96 -30.04 -7.52
N VAL E 173 13.10 -28.73 -7.78
CA VAL E 173 14.33 -28.07 -7.35
C VAL E 173 14.36 -27.92 -5.84
N ASP E 174 13.19 -27.78 -5.19
CA ASP E 174 13.17 -27.76 -3.74
C ASP E 174 13.53 -29.13 -3.15
N PHE E 175 13.08 -30.20 -3.80
CA PHE E 175 13.48 -31.54 -3.39
C PHE E 175 14.98 -31.74 -3.54
N HIS E 176 15.55 -31.26 -4.65
CA HIS E 176 16.99 -31.35 -4.84
C HIS E 176 17.74 -30.54 -3.77
N ARG E 177 17.20 -29.37 -3.42
CA ARG E 177 17.84 -28.54 -2.40
C ARG E 177 17.81 -29.24 -1.04
N VAL E 178 16.65 -29.78 -0.65
CA VAL E 178 16.55 -30.44 0.65
C VAL E 178 17.36 -31.73 0.66
N LEU E 179 17.59 -32.33 -0.51
CA LEU E 179 18.48 -33.48 -0.58
C LEU E 179 19.93 -33.06 -0.40
N ALA E 180 20.31 -31.92 -0.98
CA ALA E 180 21.67 -31.42 -0.84
C ALA E 180 21.92 -30.86 0.55
N GLU E 181 20.86 -30.51 1.30
CA GLU E 181 21.02 -29.98 2.65
C GLU E 181 21.23 -31.06 3.69
N ILE E 182 21.33 -32.32 3.30
CA ILE E 182 21.51 -33.43 4.24
C ILE E 182 22.89 -33.38 4.90
N PRO E 183 23.99 -33.19 4.17
CA PRO E 183 25.30 -33.13 4.85
C PRO E 183 25.40 -31.98 5.85
N GLY E 184 24.96 -30.79 5.46
CA GLY E 184 25.03 -29.65 6.36
C GLY E 184 26.30 -28.84 6.22
N ASN E 185 26.63 -28.45 5.00
CA ASN E 185 27.84 -27.68 4.71
C ASN E 185 27.43 -26.37 4.04
N PRO E 186 27.76 -25.21 4.61
CA PRO E 186 27.34 -23.94 3.99
C PRO E 186 27.89 -23.75 2.58
N ILE E 187 29.11 -24.22 2.31
CA ILE E 187 29.65 -24.11 0.96
C ILE E 187 28.93 -25.05 0.00
N PHE E 188 28.42 -26.17 0.52
CA PHE E 188 27.71 -27.12 -0.34
C PHE E 188 26.42 -26.53 -0.87
N MET E 189 25.61 -25.94 0.01
CA MET E 189 24.37 -25.31 -0.43
C MET E 189 24.67 -24.14 -1.37
N ALA E 190 25.74 -23.40 -1.09
CA ALA E 190 26.10 -22.27 -1.95
C ALA E 190 26.44 -22.74 -3.36
N ILE E 191 27.32 -23.74 -3.47
CA ILE E 191 27.70 -24.22 -4.79
C ILE E 191 26.52 -24.90 -5.48
N HIS E 192 25.62 -25.53 -4.71
CA HIS E 192 24.44 -26.14 -5.30
C HIS E 192 23.53 -25.08 -5.90
N VAL E 193 23.26 -24.02 -5.16
CA VAL E 193 22.42 -22.93 -5.67
C VAL E 193 23.08 -22.28 -6.88
N ALA E 194 24.41 -22.10 -6.83
CA ALA E 194 25.12 -21.50 -7.96
C ALA E 194 25.01 -22.36 -9.21
N LEU E 195 25.22 -23.67 -9.07
CA LEU E 195 25.13 -24.56 -10.23
C LEU E 195 23.72 -24.61 -10.78
N LEU E 196 22.71 -24.66 -9.90
CA LEU E 196 21.33 -24.68 -10.37
C LEU E 196 20.96 -23.40 -11.09
N ASP E 197 21.42 -22.25 -10.58
CA ASP E 197 21.14 -20.99 -11.26
C ASP E 197 21.85 -20.92 -12.61
N TRP E 198 23.11 -21.34 -12.67
CA TRP E 198 23.83 -21.31 -13.93
C TRP E 198 23.26 -22.30 -14.93
N LEU E 199 22.60 -23.36 -14.45
CA LEU E 199 21.99 -24.33 -15.35
C LEU E 199 20.64 -23.84 -15.87
N ILE E 200 19.82 -23.26 -14.99
CA ILE E 200 18.52 -22.76 -15.43
C ILE E 200 18.67 -21.49 -16.25
N ALA E 201 19.80 -20.78 -16.11
CA ALA E 201 20.04 -19.60 -16.93
C ALA E 201 20.38 -19.96 -18.38
N ALA E 202 20.67 -21.21 -18.66
CA ALA E 202 21.02 -21.67 -20.01
C ALA E 202 19.98 -22.64 -20.55
N ARG E 203 18.70 -22.36 -20.31
CA ARG E 203 17.59 -23.18 -20.79
C ARG E 203 16.74 -22.32 -21.71
N PRO E 204 17.10 -22.23 -22.99
CA PRO E 204 16.35 -21.39 -23.93
C PRO E 204 15.16 -22.12 -24.55
N THR E 205 14.09 -21.37 -24.75
CA THR E 205 12.87 -21.85 -25.40
C THR E 205 12.32 -23.10 -24.70
N VAL E 206 11.97 -22.92 -23.44
CA VAL E 206 11.36 -24.00 -22.66
C VAL E 206 9.90 -24.15 -23.07
N THR E 207 9.55 -25.30 -23.62
CA THR E 207 8.21 -25.55 -24.13
C THR E 207 7.57 -26.70 -23.35
N ASP E 208 6.24 -26.69 -23.31
CA ASP E 208 5.48 -27.72 -22.60
C ASP E 208 4.91 -28.72 -23.60
N GLN E 209 5.79 -29.56 -24.12
CA GLN E 209 5.43 -30.60 -25.08
C GLN E 209 5.29 -31.96 -24.41
N ALA E 210 6.33 -32.41 -23.71
CA ALA E 210 6.33 -33.70 -23.03
C ALA E 210 6.82 -33.53 -21.59
N LEU E 211 6.34 -32.48 -20.91
CA LEU E 211 6.78 -32.23 -19.55
C LEU E 211 5.97 -33.02 -18.52
N HIS E 212 4.73 -33.37 -18.85
CA HIS E 212 3.91 -34.17 -17.94
C HIS E 212 4.47 -35.57 -17.78
N GLU E 213 4.75 -36.23 -18.90
CA GLU E 213 5.40 -37.55 -18.83
C GLU E 213 6.78 -37.44 -18.20
N HIS E 214 7.48 -36.33 -18.42
CA HIS E 214 8.74 -36.11 -17.74
C HIS E 214 8.54 -36.00 -16.23
N ASN E 215 7.47 -35.35 -15.81
CA ASN E 215 7.17 -35.28 -14.38
C ASN E 215 6.86 -36.65 -13.80
N ASN E 216 6.11 -37.46 -14.54
CA ASN E 216 5.80 -38.81 -14.07
C ASN E 216 7.07 -39.66 -13.97
N VAL E 217 7.95 -39.56 -14.97
CA VAL E 217 9.21 -40.30 -14.93
C VAL E 217 10.08 -39.83 -13.76
N SER E 218 10.10 -38.52 -13.51
CA SER E 218 10.86 -38.00 -12.38
C SER E 218 10.30 -38.48 -11.05
N TYR E 219 8.97 -38.55 -10.94
CA TYR E 219 8.35 -39.06 -9.72
C TYR E 219 8.69 -40.53 -9.50
N GLN E 220 8.61 -41.34 -10.56
CA GLN E 220 8.96 -42.75 -10.44
C GLN E 220 10.43 -42.91 -10.07
N GLN E 221 11.31 -42.08 -10.64
CA GLN E 221 12.73 -42.18 -10.33
C GLN E 221 13.01 -41.74 -8.91
N HIS E 222 12.29 -40.74 -8.40
CA HIS E 222 12.46 -40.34 -7.02
C HIS E 222 11.96 -41.42 -6.07
N ILE E 223 10.88 -42.10 -6.44
CA ILE E 223 10.39 -43.22 -5.63
C ILE E 223 11.43 -44.33 -5.61
N ALA E 224 12.01 -44.65 -6.76
CA ALA E 224 13.07 -45.66 -6.81
C ALA E 224 14.28 -45.25 -5.98
N ILE E 225 14.61 -43.95 -6.01
CA ILE E 225 15.77 -43.46 -5.26
C ILE E 225 15.54 -43.58 -3.76
N VAL E 226 14.36 -43.19 -3.29
CA VAL E 226 14.10 -43.28 -1.86
C VAL E 226 13.97 -44.74 -1.43
N ASP E 227 13.47 -45.62 -2.32
CA ASP E 227 13.43 -47.04 -1.99
C ASP E 227 14.84 -47.61 -1.88
N ALA E 228 15.73 -47.25 -2.81
CA ALA E 228 17.11 -47.70 -2.72
C ALA E 228 17.81 -47.14 -1.49
N ILE E 229 17.48 -45.91 -1.09
CA ILE E 229 18.06 -45.34 0.11
C ILE E 229 17.58 -46.10 1.35
N ARG E 230 16.29 -46.45 1.38
CA ARG E 230 15.77 -47.23 2.49
C ARG E 230 16.42 -48.62 2.55
N ARG E 231 16.61 -49.24 1.39
CA ARG E 231 17.23 -50.57 1.32
C ARG E 231 18.75 -50.53 1.41
N HIS E 232 19.35 -49.34 1.45
CA HIS E 232 20.80 -49.17 1.55
C HIS E 232 21.52 -49.82 0.36
N ASP E 233 21.09 -49.40 -0.84
CA ASP E 233 21.68 -49.89 -2.09
C ASP E 233 21.91 -48.71 -3.01
N PRO E 234 23.12 -48.12 -2.99
CA PRO E 234 23.37 -46.94 -3.84
C PRO E 234 23.47 -47.27 -5.31
N ASP E 235 23.61 -48.54 -5.68
CA ASP E 235 23.76 -48.89 -7.09
C ASP E 235 22.50 -48.58 -7.88
N GLU E 236 21.34 -49.03 -7.39
CA GLU E 236 20.09 -48.76 -8.08
C GLU E 236 19.77 -47.26 -8.09
N ALA E 237 20.09 -46.57 -7.00
CA ALA E 237 19.87 -45.13 -6.95
C ALA E 237 20.75 -44.41 -7.97
N ASP E 238 22.02 -44.82 -8.08
CA ASP E 238 22.91 -44.21 -9.06
C ASP E 238 22.44 -44.49 -10.48
N ARG E 239 21.95 -45.71 -10.73
CA ARG E 239 21.44 -46.04 -12.06
C ARG E 239 20.22 -45.21 -12.41
N ALA E 240 19.30 -45.05 -11.44
CA ALA E 240 18.11 -44.24 -11.68
C ALA E 240 18.48 -42.78 -11.91
N LEU E 241 19.45 -42.26 -11.16
CA LEU E 241 19.88 -40.88 -11.34
C LEU E 241 20.54 -40.69 -12.70
N GLN E 242 21.36 -41.66 -13.14
CA GLN E 242 21.97 -41.59 -14.46
C GLN E 242 20.91 -41.61 -15.55
N SER E 243 19.90 -42.48 -15.41
CA SER E 243 18.84 -42.53 -16.39
C SER E 243 18.05 -41.23 -16.43
N HIS E 244 17.80 -40.64 -15.26
CA HIS E 244 17.08 -39.37 -15.21
C HIS E 244 17.87 -38.25 -15.87
N LEU E 245 19.19 -38.21 -15.63
CA LEU E 245 20.01 -37.16 -16.22
C LEU E 245 20.20 -37.38 -17.73
N ASN E 246 20.15 -38.63 -18.19
CA ASN E 246 20.26 -38.89 -19.62
C ASN E 246 18.94 -38.60 -20.33
N SER E 247 17.81 -38.79 -19.65
CA SER E 247 16.52 -38.52 -20.27
C SER E 247 16.26 -37.02 -20.37
N VAL E 248 16.88 -36.22 -19.49
CA VAL E 248 16.71 -34.77 -19.46
C VAL E 248 15.24 -34.39 -19.32
N LYS F 30 17.33 0.79 -8.29
CA LYS F 30 18.50 0.16 -7.67
C LYS F 30 19.74 1.02 -7.89
N LYS F 31 20.88 0.36 -8.11
CA LYS F 31 22.13 1.06 -8.35
C LYS F 31 22.46 1.03 -9.83
N LEU F 32 22.58 2.20 -10.43
CA LEU F 32 22.89 2.31 -11.86
C LEU F 32 24.25 1.71 -12.18
N SER F 33 25.22 1.93 -11.29
CA SER F 33 26.58 1.44 -11.45
C SER F 33 26.70 0.00 -11.91
N GLU F 34 26.03 -0.93 -11.23
CA GLU F 34 26.12 -2.33 -11.59
C GLU F 34 25.55 -2.58 -12.99
N MET F 35 24.53 -1.82 -13.38
CA MET F 35 23.93 -1.99 -14.71
C MET F 35 24.95 -1.70 -15.81
N VAL F 36 25.54 -0.50 -15.76
CA VAL F 36 26.53 -0.14 -16.78
C VAL F 36 27.78 -1.00 -16.65
N GLU F 37 28.10 -1.46 -15.43
CA GLU F 37 29.23 -2.36 -15.24
C GLU F 37 29.02 -3.67 -16.00
N GLU F 38 27.86 -4.30 -15.80
CA GLU F 38 27.56 -5.53 -16.53
C GLU F 38 27.43 -5.28 -18.02
N GLU F 39 26.94 -4.09 -18.40
CA GLU F 39 26.84 -3.76 -19.82
C GLU F 39 28.21 -3.72 -20.48
N LEU F 40 29.15 -2.98 -19.89
CA LEU F 40 30.50 -2.92 -20.45
C LEU F 40 31.21 -4.27 -20.35
N GLU F 41 30.88 -5.06 -19.32
CA GLU F 41 31.46 -6.39 -19.20
C GLU F 41 31.03 -7.29 -20.36
N GLN F 42 29.73 -7.34 -20.63
CA GLN F 42 29.26 -8.15 -21.76
C GLN F 42 29.73 -7.57 -23.09
N MET F 43 29.92 -6.26 -23.17
CA MET F 43 30.42 -5.66 -24.40
C MET F 43 31.87 -6.08 -24.66
N ILE F 44 32.71 -6.05 -23.62
CA ILE F 44 34.09 -6.49 -23.78
C ILE F 44 34.19 -8.01 -23.92
N ARG F 45 33.17 -8.74 -23.46
CA ARG F 45 33.15 -10.18 -23.67
C ARG F 45 32.72 -10.54 -25.08
N ARG F 46 31.89 -9.70 -25.72
CA ARG F 46 31.49 -9.93 -27.10
C ARG F 46 32.60 -9.63 -28.10
N ARG F 47 33.81 -9.29 -27.63
CA ARG F 47 34.95 -9.00 -28.50
C ARG F 47 34.65 -7.84 -29.44
N GLU F 48 33.96 -6.82 -28.92
CA GLU F 48 33.66 -5.65 -29.73
C GLU F 48 34.88 -4.76 -29.92
N PHE F 49 35.77 -4.70 -28.93
CA PHE F 49 36.97 -3.89 -28.99
C PHE F 49 38.17 -4.74 -28.58
N GLY F 50 39.21 -4.72 -29.41
CA GLY F 50 40.40 -5.51 -29.15
C GLY F 50 41.41 -4.80 -28.27
N GLU F 51 42.69 -5.01 -28.55
CA GLU F 51 43.76 -4.40 -27.77
C GLU F 51 43.92 -2.92 -28.14
N GLY F 52 44.21 -2.11 -27.14
CA GLY F 52 44.42 -0.68 -27.34
C GLY F 52 43.27 0.13 -26.76
N GLU F 53 43.37 1.45 -26.96
CA GLU F 53 42.36 2.39 -26.48
C GLU F 53 41.32 2.60 -27.58
N GLN F 54 40.47 1.57 -27.74
CA GLN F 54 39.44 1.59 -28.76
C GLN F 54 38.08 2.06 -28.23
N LEU F 55 37.95 2.28 -26.93
CA LEU F 55 36.69 2.73 -26.38
C LEU F 55 36.48 4.22 -26.66
N PRO F 56 35.23 4.65 -26.89
CA PRO F 56 34.99 6.06 -27.15
C PRO F 56 35.08 6.91 -25.90
N SER F 57 34.79 8.21 -26.03
CA SER F 57 34.82 9.11 -24.88
C SER F 57 33.69 8.78 -23.92
N GLU F 58 34.03 8.59 -22.65
CA GLU F 58 33.05 8.23 -21.64
C GLU F 58 32.04 9.34 -21.36
N ARG F 59 32.28 10.56 -21.84
CA ARG F 59 31.32 11.64 -21.63
C ARG F 59 30.06 11.42 -22.44
N GLU F 60 30.20 11.13 -23.74
CA GLU F 60 29.02 10.88 -24.56
C GLU F 60 28.38 9.55 -24.23
N LEU F 61 29.15 8.58 -23.75
CA LEU F 61 28.56 7.36 -23.20
C LEU F 61 27.62 7.69 -22.05
N MET F 62 28.06 8.55 -21.13
CA MET F 62 27.21 8.95 -20.02
C MET F 62 26.00 9.74 -20.51
N ALA F 63 26.20 10.62 -21.50
CA ALA F 63 25.09 11.40 -22.03
C ALA F 63 24.05 10.52 -22.70
N PHE F 64 24.48 9.43 -23.32
CA PHE F 64 23.54 8.52 -23.97
C PHE F 64 22.88 7.57 -22.99
N PHE F 65 23.58 7.19 -21.93
CA PHE F 65 23.03 6.26 -20.95
C PHE F 65 22.25 6.94 -19.84
N ASN F 66 22.31 8.27 -19.74
CA ASN F 66 21.59 9.03 -18.71
C ASN F 66 21.99 8.57 -17.31
N VAL F 67 23.29 8.51 -17.09
CA VAL F 67 23.86 8.10 -15.81
C VAL F 67 24.65 9.27 -15.24
N GLY F 68 25.36 9.01 -14.14
CA GLY F 68 26.11 10.03 -13.44
C GLY F 68 27.61 9.84 -13.59
N ARG F 69 28.35 10.87 -13.16
CA ARG F 69 29.81 10.81 -13.23
C ARG F 69 30.41 9.85 -12.21
N PRO F 70 30.01 9.87 -10.93
CA PRO F 70 30.60 8.91 -9.97
C PRO F 70 30.30 7.46 -10.31
N SER F 71 29.22 7.18 -11.03
CA SER F 71 28.91 5.81 -11.40
C SER F 71 29.97 5.23 -12.34
N VAL F 72 30.40 6.03 -13.33
CA VAL F 72 31.44 5.58 -14.26
C VAL F 72 32.75 5.39 -13.52
N ARG F 73 33.07 6.28 -12.58
CA ARG F 73 34.29 6.12 -11.81
C ARG F 73 34.25 4.86 -10.95
N GLU F 74 33.10 4.57 -10.35
CA GLU F 74 32.96 3.35 -9.56
C GLU F 74 33.08 2.12 -10.44
N ALA F 75 32.51 2.15 -11.64
CA ALA F 75 32.63 1.02 -12.55
C ALA F 75 34.07 0.80 -12.97
N LEU F 76 34.80 1.87 -13.29
CA LEU F 76 36.20 1.73 -13.65
C LEU F 76 37.03 1.23 -12.48
N ALA F 77 36.72 1.68 -11.26
CA ALA F 77 37.44 1.17 -10.10
C ALA F 77 37.16 -0.30 -9.87
N ALA F 78 35.92 -0.73 -10.08
CA ALA F 78 35.59 -2.14 -9.95
C ALA F 78 36.32 -2.98 -11.00
N LEU F 79 36.38 -2.47 -12.23
CA LEU F 79 37.09 -3.20 -13.28
C LEU F 79 38.59 -3.27 -13.00
N LYS F 80 39.15 -2.20 -12.44
CA LYS F 80 40.56 -2.20 -12.07
C LYS F 80 40.84 -3.20 -10.94
N ARG F 81 39.94 -3.26 -9.95
CA ARG F 81 40.09 -4.24 -8.89
C ARG F 81 39.95 -5.66 -9.41
N LYS F 82 39.07 -5.86 -10.40
CA LYS F 82 38.94 -7.18 -11.00
C LYS F 82 40.19 -7.57 -11.77
N GLY F 83 40.78 -6.62 -12.50
CA GLY F 83 41.99 -6.89 -13.24
C GLY F 83 41.79 -7.03 -14.73
N LEU F 84 40.92 -6.20 -15.31
CA LEU F 84 40.65 -6.22 -16.73
C LEU F 84 41.11 -4.96 -17.47
N VAL F 85 41.15 -3.81 -16.79
CA VAL F 85 41.59 -2.56 -17.39
C VAL F 85 42.86 -2.10 -16.70
N GLN F 86 43.48 -1.08 -17.28
CA GLN F 86 44.72 -0.51 -16.74
C GLN F 86 44.64 1.01 -16.84
N ILE F 87 44.53 1.67 -15.71
CA ILE F 87 44.48 3.14 -15.64
C ILE F 87 45.55 3.61 -14.67
N ASN F 88 46.44 4.48 -15.14
CA ASN F 88 47.53 5.01 -14.33
C ASN F 88 47.38 6.50 -14.07
N ASN F 89 47.22 7.30 -15.13
CA ASN F 89 47.11 8.75 -14.98
C ASN F 89 45.87 9.30 -15.65
N GLY F 90 45.92 9.57 -16.96
CA GLY F 90 44.78 10.13 -17.66
C GLY F 90 44.50 9.46 -18.99
N GLU F 91 45.15 8.32 -19.23
CA GLU F 91 44.94 7.58 -20.46
C GLU F 91 43.64 6.79 -20.40
N ARG F 92 43.34 6.08 -21.48
CA ARG F 92 42.13 5.28 -21.57
C ARG F 92 42.40 3.84 -21.16
N ALA F 93 41.32 3.09 -20.97
CA ALA F 93 41.43 1.71 -20.52
C ALA F 93 41.69 0.78 -21.69
N ARG F 94 42.22 -0.41 -21.38
CA ARG F 94 42.52 -1.41 -22.39
C ARG F 94 41.97 -2.77 -21.96
N VAL F 95 42.30 -3.82 -22.71
CA VAL F 95 41.86 -5.17 -22.40
C VAL F 95 43.00 -5.93 -21.75
N SER F 96 42.64 -6.97 -21.01
CA SER F 96 43.61 -7.82 -20.29
C SER F 96 43.30 -9.26 -20.60
N ARG F 97 44.17 -9.90 -21.38
CA ARG F 97 44.01 -11.31 -21.75
C ARG F 97 44.42 -12.25 -20.62
N PRO F 98 45.58 -12.07 -19.97
CA PRO F 98 45.94 -12.96 -18.87
C PRO F 98 44.99 -12.82 -17.69
N SER F 99 44.84 -13.91 -16.94
CA SER F 99 43.92 -13.96 -15.81
C SER F 99 44.60 -14.49 -14.56
N ALA F 100 45.91 -14.30 -14.42
CA ALA F 100 46.63 -14.80 -13.26
C ALA F 100 46.56 -13.87 -12.06
N ASP F 101 46.31 -12.58 -12.28
CA ASP F 101 46.26 -11.64 -11.17
C ASP F 101 44.99 -11.83 -10.34
N THR F 102 43.84 -12.00 -11.02
CA THR F 102 42.60 -12.20 -10.28
C THR F 102 42.60 -13.52 -9.51
N ILE F 103 43.38 -14.50 -9.98
CA ILE F 103 43.47 -15.78 -9.27
C ILE F 103 44.07 -15.57 -7.89
N ILE F 104 45.28 -14.99 -7.84
CA ILE F 104 45.92 -14.75 -6.55
C ILE F 104 45.15 -13.71 -5.74
N GLY F 105 44.46 -12.79 -6.41
CA GLY F 105 43.62 -11.84 -5.68
C GLY F 105 42.51 -12.53 -4.93
N GLU F 106 41.77 -13.41 -5.62
CA GLU F 106 40.71 -14.18 -4.96
C GLU F 106 41.28 -15.12 -3.91
N LEU F 107 42.48 -15.65 -4.15
CA LEU F 107 43.14 -16.50 -3.15
C LEU F 107 43.36 -15.72 -1.86
N SER F 108 43.96 -14.53 -1.96
CA SER F 108 44.22 -13.72 -0.79
C SER F 108 42.93 -13.25 -0.13
N GLY F 109 41.89 -12.99 -0.94
CA GLY F 109 40.64 -12.53 -0.38
C GLY F 109 39.86 -13.62 0.34
N MET F 110 40.01 -14.87 -0.10
CA MET F 110 39.29 -15.98 0.51
C MET F 110 40.04 -16.62 1.67
N ALA F 111 41.37 -16.74 1.56
CA ALA F 111 42.15 -17.37 2.61
C ALA F 111 42.25 -16.46 3.84
N LYS F 112 41.10 -16.19 4.48
CA LYS F 112 41.06 -15.33 5.65
C LYS F 112 40.13 -15.90 6.72
N ASP F 113 39.05 -16.56 6.29
CA ASP F 113 38.05 -17.11 7.20
C ASP F 113 38.59 -18.41 7.81
N PHE F 114 39.50 -18.25 8.76
CA PHE F 114 40.12 -19.37 9.45
C PHE F 114 39.87 -19.36 10.95
N LEU F 115 39.94 -18.19 11.60
CA LEU F 115 39.74 -18.10 13.03
C LEU F 115 38.28 -18.21 13.45
N SER F 116 37.35 -18.01 12.52
CA SER F 116 35.93 -18.10 12.85
C SER F 116 35.53 -19.54 13.14
N HIS F 117 35.70 -20.42 12.16
CA HIS F 117 35.36 -21.83 12.30
C HIS F 117 36.63 -22.67 12.38
N PRO F 118 36.94 -23.26 13.53
CA PRO F 118 38.18 -24.05 13.68
C PRO F 118 38.16 -25.31 12.82
N GLY F 119 37.10 -26.11 12.94
CA GLY F 119 36.98 -27.34 12.18
C GLY F 119 36.24 -27.23 10.88
N GLY F 120 35.56 -26.10 10.64
CA GLY F 120 34.83 -25.92 9.39
C GLY F 120 35.71 -25.96 8.17
N ILE F 121 37.00 -25.63 8.32
CA ILE F 121 37.94 -25.73 7.20
C ILE F 121 38.02 -27.17 6.72
N ALA F 122 37.90 -28.13 7.64
CA ALA F 122 37.85 -29.54 7.25
C ALA F 122 36.70 -29.80 6.29
N HIS F 123 35.58 -29.09 6.46
CA HIS F 123 34.48 -29.17 5.51
C HIS F 123 34.98 -28.91 4.09
N PHE F 124 35.78 -27.86 3.92
CA PHE F 124 36.41 -27.61 2.63
C PHE F 124 37.23 -28.81 2.18
N GLU F 125 38.04 -29.35 3.09
CA GLU F 125 38.75 -30.59 2.80
C GLU F 125 37.78 -31.70 2.44
N GLN F 126 36.65 -31.78 3.17
CA GLN F 126 35.61 -32.75 2.83
C GLN F 126 35.14 -32.54 1.39
N LEU F 127 35.03 -31.28 0.97
CA LEU F 127 34.67 -31.00 -0.42
C LEU F 127 35.64 -31.68 -1.38
N ARG F 128 36.95 -31.61 -1.08
CA ARG F 128 37.93 -32.30 -1.90
C ARG F 128 37.61 -33.78 -2.04
N LEU F 129 37.15 -34.40 -0.93
CA LEU F 129 36.68 -35.78 -1.00
C LEU F 129 35.62 -35.93 -2.09
N PHE F 130 34.56 -35.11 -2.01
CA PHE F 130 33.49 -35.15 -2.98
C PHE F 130 33.99 -34.95 -4.41
N PHE F 131 35.22 -34.49 -4.60
CA PHE F 131 35.82 -34.42 -5.92
C PHE F 131 36.58 -35.69 -6.26
N GLU F 132 37.46 -36.15 -5.36
CA GLU F 132 38.32 -37.28 -5.70
C GLU F 132 37.52 -38.56 -5.82
N SER F 133 36.50 -38.74 -4.99
CA SER F 133 35.62 -39.90 -5.13
C SER F 133 34.89 -39.91 -6.46
N SER F 134 34.81 -38.77 -7.15
CA SER F 134 34.21 -38.70 -8.46
C SER F 134 35.23 -38.92 -9.58
N LEU F 135 36.44 -39.36 -9.25
CA LEU F 135 37.48 -39.59 -10.24
C LEU F 135 37.89 -41.06 -10.32
N VAL F 136 38.21 -41.67 -9.18
CA VAL F 136 38.65 -43.06 -9.17
C VAL F 136 37.57 -44.01 -9.67
N ARG F 137 36.31 -43.60 -9.60
CA ARG F 137 35.21 -44.40 -10.08
C ARG F 137 34.91 -44.18 -11.56
N TYR F 138 35.73 -43.38 -12.25
CA TYR F 138 35.55 -43.12 -13.68
C TYR F 138 36.55 -43.86 -14.56
N ALA F 139 37.69 -44.31 -14.00
CA ALA F 139 38.69 -44.99 -14.80
C ALA F 139 38.14 -46.28 -15.41
N ALA F 140 37.24 -46.96 -14.70
CA ALA F 140 36.61 -48.16 -15.22
C ALA F 140 35.49 -47.88 -16.22
N GLU F 141 35.23 -46.61 -16.54
CA GLU F 141 34.15 -46.27 -17.45
C GLU F 141 34.58 -46.41 -18.91
N HIS F 142 35.60 -45.65 -19.32
CA HIS F 142 36.04 -45.64 -20.71
C HIS F 142 37.52 -45.85 -20.91
N ALA F 143 38.35 -45.74 -19.86
CA ALA F 143 39.78 -45.94 -20.01
C ALA F 143 40.06 -47.43 -20.25
N THR F 144 40.68 -47.72 -21.40
CA THR F 144 40.93 -49.10 -21.82
C THR F 144 42.41 -49.46 -21.74
N ASP F 145 43.28 -48.68 -22.39
CA ASP F 145 44.70 -48.99 -22.39
C ASP F 145 45.54 -47.75 -22.66
N GLU F 146 44.98 -46.76 -23.35
CA GLU F 146 45.73 -45.57 -23.71
C GLU F 146 46.01 -44.69 -22.49
N GLN F 147 45.16 -44.73 -21.47
CA GLN F 147 45.43 -44.01 -20.24
C GLN F 147 46.22 -44.85 -19.24
N ILE F 148 46.11 -46.17 -19.33
CA ILE F 148 46.82 -47.05 -18.40
C ILE F 148 48.32 -46.89 -18.56
N ASP F 149 48.80 -46.84 -19.81
CA ASP F 149 50.23 -46.66 -20.04
C ASP F 149 50.69 -45.30 -19.53
N LEU F 150 49.86 -44.26 -19.70
CA LEU F 150 50.24 -42.93 -19.22
C LEU F 150 50.35 -42.90 -17.70
N LEU F 151 49.36 -43.44 -16.99
CA LEU F 151 49.43 -43.45 -15.54
C LEU F 151 50.55 -44.35 -15.05
N ALA F 152 50.87 -45.42 -15.78
CA ALA F 152 51.97 -46.29 -15.39
C ALA F 152 53.31 -45.57 -15.52
N LYS F 153 53.55 -44.94 -16.66
CA LYS F 153 54.78 -44.19 -16.83
C LYS F 153 54.85 -42.97 -15.92
N ALA F 154 53.70 -42.48 -15.43
CA ALA F 154 53.71 -41.42 -14.43
C ALA F 154 54.13 -41.97 -13.07
N LEU F 155 53.46 -43.03 -12.61
CA LEU F 155 53.80 -43.61 -11.31
C LEU F 155 55.21 -44.18 -11.28
N GLU F 156 55.78 -44.50 -12.45
CA GLU F 156 57.18 -44.92 -12.49
C GLU F 156 58.08 -43.84 -11.89
N ILE F 157 58.04 -42.63 -12.45
CA ILE F 157 58.83 -41.53 -11.89
C ILE F 157 58.33 -41.14 -10.51
N ASN F 158 57.02 -41.26 -10.26
CA ASN F 158 56.50 -40.93 -8.93
C ASN F 158 57.15 -41.80 -7.85
N SER F 159 57.36 -43.08 -8.13
CA SER F 159 58.06 -43.96 -7.20
C SER F 159 59.56 -43.78 -7.25
N GLN F 160 60.10 -43.42 -8.42
CA GLN F 160 61.54 -43.15 -8.53
C GLN F 160 61.95 -41.91 -7.75
N SER F 161 61.02 -41.02 -7.45
CA SER F 161 61.33 -39.84 -6.63
C SER F 161 61.87 -40.26 -5.27
N LEU F 162 62.77 -39.45 -4.73
CA LEU F 162 63.45 -39.77 -3.48
C LEU F 162 63.32 -38.70 -2.42
N ASP F 163 63.34 -37.41 -2.80
CA ASP F 163 63.27 -36.34 -1.82
C ASP F 163 61.90 -36.30 -1.16
N ASN F 164 61.89 -36.02 0.14
CA ASN F 164 60.63 -36.05 0.89
C ASN F 164 59.81 -34.79 0.68
N ASN F 165 60.45 -33.63 0.81
CA ASN F 165 59.72 -32.36 0.74
C ASN F 165 59.57 -31.84 -0.69
N ALA F 166 60.52 -32.14 -1.57
CA ALA F 166 60.52 -31.62 -2.93
C ALA F 166 59.99 -32.63 -3.95
N ALA F 167 60.60 -33.82 -4.00
CA ALA F 167 60.25 -34.78 -5.04
C ALA F 167 58.92 -35.47 -4.76
N PHE F 168 58.65 -35.79 -3.49
CA PHE F 168 57.42 -36.52 -3.18
C PHE F 168 56.18 -35.67 -3.37
N ILE F 169 56.25 -34.39 -3.00
CA ILE F 169 55.12 -33.49 -3.21
C ILE F 169 54.89 -33.27 -4.70
N ARG F 170 55.97 -33.08 -5.46
CA ARG F 170 55.83 -32.91 -6.90
C ARG F 170 55.27 -34.17 -7.56
N SER F 171 55.74 -35.34 -7.11
CA SER F 171 55.21 -36.59 -7.64
C SER F 171 53.73 -36.73 -7.32
N ASP F 172 53.32 -36.36 -6.11
CA ASP F 172 51.92 -36.47 -5.72
C ASP F 172 51.05 -35.53 -6.55
N VAL F 173 51.49 -34.29 -6.74
CA VAL F 173 50.68 -33.36 -7.51
C VAL F 173 50.65 -33.75 -8.98
N ASP F 174 51.74 -34.34 -9.50
CA ASP F 174 51.72 -34.82 -10.87
C ASP F 174 50.78 -36.01 -11.04
N PHE F 175 50.75 -36.91 -10.06
CA PHE F 175 49.82 -38.02 -10.12
C PHE F 175 48.37 -37.53 -10.04
N HIS F 176 48.11 -36.55 -9.18
CA HIS F 176 46.77 -35.98 -9.11
C HIS F 176 46.39 -35.30 -10.42
N ARG F 177 47.35 -34.62 -11.06
CA ARG F 177 47.08 -33.97 -12.33
C ARG F 177 46.74 -34.98 -13.42
N VAL F 178 47.55 -36.04 -13.53
CA VAL F 178 47.31 -37.04 -14.56
C VAL F 178 46.05 -37.85 -14.25
N LEU F 179 45.62 -37.90 -12.98
CA LEU F 179 44.33 -38.51 -12.65
C LEU F 179 43.19 -37.61 -13.09
N ALA F 180 43.29 -36.31 -12.80
CA ALA F 180 42.24 -35.37 -13.19
C ALA F 180 42.15 -35.19 -14.70
N GLU F 181 43.23 -35.42 -15.43
CA GLU F 181 43.25 -35.27 -16.88
C GLU F 181 42.76 -36.50 -17.62
N ILE F 182 42.29 -37.53 -16.92
CA ILE F 182 41.80 -38.75 -17.54
C ILE F 182 40.51 -38.47 -18.31
N PRO F 183 39.48 -37.83 -17.73
CA PRO F 183 38.25 -37.58 -18.51
C PRO F 183 38.44 -36.56 -19.61
N GLY F 184 39.51 -35.77 -19.59
CA GLY F 184 39.72 -34.77 -20.61
C GLY F 184 38.80 -33.57 -20.45
N ASN F 185 38.95 -32.85 -19.35
CA ASN F 185 38.08 -31.70 -19.06
C ASN F 185 38.94 -30.53 -18.56
N PRO F 186 38.91 -29.39 -19.24
CA PRO F 186 39.70 -28.24 -18.79
C PRO F 186 39.18 -27.64 -17.50
N ILE F 187 37.88 -27.72 -17.22
CA ILE F 187 37.34 -27.17 -15.99
C ILE F 187 37.81 -27.99 -14.79
N PHE F 188 37.92 -29.30 -14.95
CA PHE F 188 38.37 -30.16 -13.85
C PHE F 188 39.79 -29.82 -13.44
N MET F 189 40.67 -29.58 -14.42
CA MET F 189 42.06 -29.21 -14.10
C MET F 189 42.11 -27.88 -13.37
N ALA F 190 41.30 -26.91 -13.80
CA ALA F 190 41.27 -25.62 -13.12
C ALA F 190 40.77 -25.76 -11.68
N ILE F 191 39.71 -26.54 -11.49
CA ILE F 191 39.19 -26.75 -10.13
C ILE F 191 40.24 -27.45 -9.27
N HIS F 192 40.96 -28.42 -9.84
CA HIS F 192 41.97 -29.15 -9.07
C HIS F 192 43.11 -28.24 -8.66
N VAL F 193 43.63 -27.44 -9.60
CA VAL F 193 44.73 -26.55 -9.26
C VAL F 193 44.27 -25.46 -8.29
N ALA F 194 43.01 -25.04 -8.40
CA ALA F 194 42.48 -24.05 -7.46
C ALA F 194 42.41 -24.63 -6.06
N LEU F 195 41.89 -25.85 -5.92
CA LEU F 195 41.87 -26.50 -4.62
C LEU F 195 43.29 -26.69 -4.08
N LEU F 196 44.23 -27.03 -4.96
CA LEU F 196 45.62 -27.22 -4.53
C LEU F 196 46.21 -25.95 -3.96
N ASP F 197 46.11 -24.84 -4.71
CA ASP F 197 46.68 -23.59 -4.20
C ASP F 197 45.92 -23.10 -2.97
N TRP F 198 44.61 -23.35 -2.89
CA TRP F 198 43.85 -22.95 -1.72
C TRP F 198 44.31 -23.69 -0.48
N LEU F 199 44.48 -25.01 -0.58
CA LEU F 199 44.94 -25.76 0.59
C LEU F 199 46.40 -25.42 0.93
N ILE F 200 47.22 -25.11 -0.08
CA ILE F 200 48.60 -24.71 0.18
C ILE F 200 48.62 -23.39 0.95
N ALA F 201 47.80 -22.43 0.55
CA ALA F 201 47.75 -21.15 1.25
C ALA F 201 47.09 -21.30 2.62
N ALA F 202 46.20 -22.28 2.79
CA ALA F 202 45.50 -22.45 4.06
C ALA F 202 46.41 -23.10 5.10
N ARG F 203 47.03 -24.23 4.75
CA ARG F 203 47.88 -24.94 5.70
C ARG F 203 49.17 -24.14 5.95
N PRO F 204 49.41 -23.65 7.17
CA PRO F 204 50.62 -22.86 7.42
C PRO F 204 51.81 -23.66 7.91
N THR F 205 51.63 -24.90 8.34
CA THR F 205 52.71 -25.72 8.87
C THR F 205 52.76 -27.04 8.13
N VAL F 206 53.95 -27.43 7.67
CA VAL F 206 54.17 -28.67 6.98
C VAL F 206 55.25 -29.46 7.70
N THR F 207 55.17 -30.78 7.60
CA THR F 207 56.11 -31.68 8.25
C THR F 207 56.95 -32.41 7.19
N ASP F 208 58.02 -33.04 7.66
CA ASP F 208 58.92 -33.79 6.79
C ASP F 208 58.99 -35.26 7.16
N GLN F 209 59.10 -35.58 8.45
CA GLN F 209 59.17 -36.98 8.87
C GLN F 209 57.81 -37.66 8.73
N ALA F 210 56.75 -37.01 9.21
CA ALA F 210 55.41 -37.58 9.07
C ALA F 210 54.95 -37.57 7.62
N LEU F 211 55.35 -36.56 6.85
CA LEU F 211 54.98 -36.53 5.43
C LEU F 211 55.63 -37.67 4.67
N HIS F 212 56.79 -38.15 5.11
CA HIS F 212 57.44 -39.28 4.48
C HIS F 212 56.54 -40.51 4.53
N GLU F 213 56.14 -40.92 5.75
CA GLU F 213 55.24 -42.05 5.88
C GLU F 213 53.88 -41.77 5.25
N HIS F 214 53.45 -40.50 5.25
CA HIS F 214 52.19 -40.14 4.62
C HIS F 214 52.21 -40.48 3.14
N ASN F 215 53.22 -39.98 2.40
CA ASN F 215 53.30 -40.29 0.98
C ASN F 215 53.64 -41.75 0.74
N ASN F 216 54.33 -42.40 1.68
CA ASN F 216 54.58 -43.84 1.57
C ASN F 216 53.27 -44.60 1.53
N VAL F 217 52.41 -44.39 2.54
CA VAL F 217 51.09 -45.02 2.55
C VAL F 217 50.28 -44.57 1.35
N SER F 218 50.48 -43.33 0.90
CA SER F 218 49.74 -42.82 -0.25
C SER F 218 50.03 -43.65 -1.50
N TYR F 219 51.31 -43.85 -1.82
CA TYR F 219 51.62 -44.63 -3.02
C TYR F 219 51.36 -46.12 -2.81
N GLN F 220 51.48 -46.60 -1.56
CA GLN F 220 51.12 -47.99 -1.29
C GLN F 220 49.64 -48.23 -1.55
N GLN F 221 48.80 -47.24 -1.27
CA GLN F 221 47.38 -47.34 -1.59
C GLN F 221 47.10 -47.07 -3.06
N HIS F 222 47.92 -46.23 -3.70
CA HIS F 222 47.79 -46.02 -5.14
C HIS F 222 48.08 -47.29 -5.92
N ILE F 223 48.97 -48.14 -5.38
CA ILE F 223 49.21 -49.45 -6.00
C ILE F 223 47.91 -50.26 -6.05
N ALA F 224 47.22 -50.35 -4.92
CA ALA F 224 45.94 -51.06 -4.89
C ALA F 224 44.90 -50.36 -5.76
N ILE F 225 44.97 -49.02 -5.84
CA ILE F 225 44.02 -48.28 -6.67
C ILE F 225 44.19 -48.65 -8.13
N VAL F 226 45.44 -48.65 -8.63
CA VAL F 226 45.67 -48.99 -10.02
C VAL F 226 45.39 -50.48 -10.26
N ASP F 227 45.62 -51.33 -9.26
CA ASP F 227 45.27 -52.74 -9.40
C ASP F 227 43.77 -52.91 -9.59
N ALA F 228 42.98 -52.20 -8.76
CA ALA F 228 41.52 -52.27 -8.90
C ALA F 228 41.06 -51.64 -10.20
N ILE F 229 41.74 -50.61 -10.68
CA ILE F 229 41.40 -50.01 -11.97
C ILE F 229 41.63 -51.01 -13.10
N ARG F 230 42.76 -51.74 -13.04
CA ARG F 230 43.03 -52.75 -14.05
C ARG F 230 42.00 -53.88 -13.96
N ARG F 231 41.61 -54.26 -12.74
CA ARG F 231 40.64 -55.33 -12.54
C ARG F 231 39.20 -54.86 -12.73
N HIS F 232 38.98 -53.58 -13.00
CA HIS F 232 37.64 -53.02 -13.22
C HIS F 232 36.76 -53.21 -11.98
N ASP F 233 37.22 -52.64 -10.87
CA ASP F 233 36.49 -52.70 -9.60
C ASP F 233 36.57 -51.33 -8.94
N PRO F 234 35.55 -50.48 -9.12
CA PRO F 234 35.60 -49.13 -8.54
C PRO F 234 35.37 -49.10 -7.04
N ASP F 235 34.81 -50.17 -6.46
CA ASP F 235 34.54 -50.16 -5.03
C ASP F 235 35.83 -50.20 -4.21
N GLU F 236 36.77 -51.05 -4.61
CA GLU F 236 38.03 -51.14 -3.89
C GLU F 236 38.82 -49.84 -3.98
N ALA F 237 38.79 -49.18 -5.15
CA ALA F 237 39.46 -47.90 -5.30
C ALA F 237 38.85 -46.85 -4.38
N ASP F 238 37.52 -46.81 -4.30
CA ASP F 238 36.87 -45.85 -3.41
C ASP F 238 37.19 -46.14 -1.96
N ARG F 239 37.24 -47.42 -1.58
CA ARG F 239 37.58 -47.78 -0.21
C ARG F 239 39.02 -47.37 0.12
N ALA F 240 39.94 -47.60 -0.81
CA ALA F 240 41.33 -47.20 -0.59
C ALA F 240 41.46 -45.69 -0.49
N LEU F 241 40.70 -44.95 -1.31
CA LEU F 241 40.74 -43.50 -1.24
C LEU F 241 40.18 -42.99 0.08
N GLN F 242 39.09 -43.60 0.56
CA GLN F 242 38.53 -43.22 1.85
C GLN F 242 39.50 -43.52 2.98
N SER F 243 40.18 -44.67 2.92
CA SER F 243 41.16 -45.00 3.95
C SER F 243 42.35 -44.03 3.91
N HIS F 244 42.78 -43.64 2.72
CA HIS F 244 43.87 -42.67 2.61
C HIS F 244 43.46 -41.31 3.18
N LEU F 245 42.23 -40.88 2.89
CA LEU F 245 41.77 -39.61 3.43
C LEU F 245 41.62 -39.67 4.94
N ASN F 246 41.19 -40.82 5.48
CA ASN F 246 41.05 -40.94 6.92
C ASN F 246 42.39 -41.04 7.62
N SER F 247 43.41 -41.57 6.93
CA SER F 247 44.74 -41.66 7.52
C SER F 247 45.38 -40.30 7.73
N VAL F 248 44.96 -39.29 6.97
CA VAL F 248 45.48 -37.93 7.08
C VAL F 248 47.00 -37.90 6.92
N ASN G 21 18.98 -11.75 11.30
CA ASN G 21 18.13 -12.64 10.50
C ASN G 21 18.40 -14.10 10.83
N LEU G 22 19.15 -14.33 11.92
CA LEU G 22 19.50 -15.65 12.43
C LEU G 22 20.34 -16.46 11.44
N ARG G 23 20.86 -15.82 10.39
CA ARG G 23 21.68 -16.53 9.41
C ARG G 23 22.93 -15.77 9.01
N SER G 24 23.16 -14.57 9.55
CA SER G 24 24.34 -13.76 9.25
C SER G 24 24.45 -13.47 7.75
N ARG G 25 23.44 -12.76 7.25
CA ARG G 25 23.40 -12.34 5.85
C ARG G 25 22.94 -10.89 5.80
N PRO G 26 23.85 -9.95 5.51
CA PRO G 26 23.47 -8.53 5.49
C PRO G 26 22.45 -8.18 4.43
N LEU G 27 22.80 -8.42 3.16
CA LEU G 27 21.94 -8.10 2.02
C LEU G 27 21.50 -6.64 2.06
N ALA G 28 22.47 -5.74 2.25
CA ALA G 28 22.15 -4.32 2.37
C ALA G 28 21.77 -3.72 1.01
N ARG G 29 22.64 -3.88 0.01
CA ARG G 29 22.37 -3.31 -1.31
C ARG G 29 21.17 -3.94 -1.99
N LYS G 30 20.89 -5.22 -1.71
CA LYS G 30 19.78 -5.93 -2.33
C LYS G 30 18.49 -5.83 -1.54
N LYS G 31 18.36 -4.79 -0.71
CA LYS G 31 17.14 -4.52 0.07
C LYS G 31 16.84 -5.67 1.03
N LEU G 32 17.38 -5.52 2.25
CA LEU G 32 17.20 -6.53 3.28
C LEU G 32 15.75 -6.64 3.75
N SER G 33 14.92 -5.65 3.44
CA SER G 33 13.50 -5.74 3.81
C SER G 33 12.82 -6.89 3.09
N GLU G 34 13.23 -7.16 1.86
CA GLU G 34 12.70 -8.33 1.15
C GLU G 34 13.04 -9.62 1.88
N MET G 35 14.25 -9.72 2.44
CA MET G 35 14.63 -10.92 3.17
C MET G 35 13.72 -11.15 4.38
N VAL G 36 13.49 -10.11 5.18
CA VAL G 36 12.68 -10.30 6.38
C VAL G 36 11.22 -10.52 6.00
N GLU G 37 10.73 -9.88 4.93
CA GLU G 37 9.33 -10.09 4.55
C GLU G 37 9.11 -11.48 4.00
N GLU G 38 10.07 -12.02 3.24
CA GLU G 38 9.92 -13.38 2.76
C GLU G 38 10.11 -14.40 3.88
N GLU G 39 10.94 -14.07 4.86
CA GLU G 39 11.06 -14.93 6.04
C GLU G 39 9.75 -14.98 6.81
N LEU G 40 9.11 -13.83 6.98
CA LEU G 40 7.80 -13.80 7.63
C LEU G 40 6.76 -14.56 6.83
N GLU G 41 6.79 -14.41 5.50
CA GLU G 41 5.86 -15.15 4.65
C GLU G 41 6.05 -16.65 4.80
N GLN G 42 7.31 -17.11 4.80
CA GLN G 42 7.57 -18.54 4.97
C GLN G 42 7.15 -19.03 6.35
N MET G 43 7.41 -18.23 7.40
CA MET G 43 7.01 -18.63 8.74
C MET G 43 5.50 -18.73 8.86
N ILE G 44 4.77 -17.85 8.16
CA ILE G 44 3.32 -17.91 8.19
C ILE G 44 2.83 -19.12 7.39
N ARG G 45 3.44 -19.39 6.25
CA ARG G 45 3.03 -20.52 5.43
C ARG G 45 3.41 -21.86 6.05
N ARG G 46 4.32 -21.87 7.02
CA ARG G 46 4.73 -23.09 7.69
C ARG G 46 3.70 -23.58 8.72
N ARG G 47 2.55 -22.90 8.83
CA ARG G 47 1.48 -23.30 9.75
C ARG G 47 1.98 -23.31 11.19
N GLU G 48 2.81 -22.33 11.54
CA GLU G 48 3.34 -22.19 12.89
C GLU G 48 2.60 -21.15 13.72
N PHE G 49 1.57 -20.53 13.16
CA PHE G 49 0.78 -19.51 13.86
C PHE G 49 -0.70 -19.82 13.69
N GLY G 50 -1.52 -19.20 14.54
CA GLY G 50 -2.95 -19.40 14.49
C GLY G 50 -3.64 -18.49 13.49
N GLU G 51 -4.76 -17.89 13.89
CA GLU G 51 -5.52 -17.02 13.01
C GLU G 51 -5.77 -15.64 13.64
N GLY G 52 -5.10 -15.33 14.76
CA GLY G 52 -5.31 -14.05 15.42
C GLY G 52 -4.02 -13.29 15.67
N GLU G 53 -3.86 -12.81 16.91
CA GLU G 53 -2.69 -12.03 17.30
C GLU G 53 -1.56 -12.91 17.86
N GLN G 54 -1.44 -14.15 17.39
CA GLN G 54 -0.41 -15.04 17.89
C GLN G 54 0.99 -14.53 17.60
N LEU G 55 1.15 -13.71 16.57
CA LEU G 55 2.46 -13.15 16.27
C LEU G 55 2.83 -12.09 17.31
N PRO G 56 4.11 -11.99 17.69
CA PRO G 56 4.50 -11.04 18.73
C PRO G 56 4.39 -9.59 18.28
N SER G 57 4.76 -8.66 19.16
CA SER G 57 4.66 -7.24 18.87
C SER G 57 5.82 -6.81 17.98
N GLU G 58 5.95 -5.49 17.76
CA GLU G 58 7.00 -4.98 16.89
C GLU G 58 8.36 -5.06 17.56
N ARG G 59 8.44 -4.70 18.85
CA ARG G 59 9.71 -4.71 19.55
C ARG G 59 10.25 -6.12 19.73
N GLU G 60 9.37 -7.10 19.96
CA GLU G 60 9.81 -8.47 20.15
C GLU G 60 10.48 -9.01 18.89
N LEU G 61 9.81 -8.87 17.75
CA LEU G 61 10.39 -9.34 16.49
C LEU G 61 11.64 -8.54 16.14
N MET G 62 11.66 -7.24 16.44
CA MET G 62 12.84 -6.44 16.19
C MET G 62 14.04 -6.94 16.97
N ALA G 63 13.84 -7.23 18.26
CA ALA G 63 14.93 -7.74 19.08
C ALA G 63 15.31 -9.16 18.69
N PHE G 64 14.35 -9.95 18.18
CA PHE G 64 14.66 -11.31 17.77
C PHE G 64 15.44 -11.34 16.47
N PHE G 65 15.19 -10.40 15.56
CA PHE G 65 15.87 -10.38 14.27
C PHE G 65 17.07 -9.45 14.24
N ASN G 66 17.30 -8.66 15.30
CA ASN G 66 18.43 -7.75 15.39
C ASN G 66 18.46 -6.77 14.22
N VAL G 67 17.28 -6.22 13.92
CA VAL G 67 17.10 -5.29 12.81
C VAL G 67 16.52 -3.99 13.37
N GLY G 68 16.05 -3.13 12.46
CA GLY G 68 15.47 -1.87 12.86
C GLY G 68 13.98 -1.97 13.11
N ARG G 69 13.46 -0.96 13.80
CA ARG G 69 12.03 -0.89 14.11
C ARG G 69 11.21 -0.43 12.92
N PRO G 70 11.60 0.62 12.18
CA PRO G 70 10.80 1.00 11.01
C PRO G 70 10.77 -0.06 9.92
N SER G 71 11.78 -0.93 9.85
CA SER G 71 11.80 -1.98 8.85
C SER G 71 10.66 -2.98 9.07
N VAL G 72 10.47 -3.40 10.33
CA VAL G 72 9.38 -4.31 10.65
C VAL G 72 8.03 -3.63 10.40
N ARG G 73 7.95 -2.33 10.69
CA ARG G 73 6.71 -1.60 10.43
C ARG G 73 6.39 -1.59 8.93
N GLU G 74 7.40 -1.32 8.10
CA GLU G 74 7.17 -1.33 6.66
C GLU G 74 6.82 -2.72 6.16
N ALA G 75 7.43 -3.74 6.75
CA ALA G 75 7.15 -5.12 6.36
C ALA G 75 5.69 -5.46 6.59
N LEU G 76 5.20 -5.19 7.79
CA LEU G 76 3.82 -5.47 8.16
C LEU G 76 2.86 -4.67 7.30
N ALA G 77 3.20 -3.40 7.05
CA ALA G 77 2.37 -2.54 6.22
C ALA G 77 2.26 -3.10 4.81
N ALA G 78 3.39 -3.57 4.28
CA ALA G 78 3.39 -4.15 2.94
C ALA G 78 2.58 -5.44 2.95
N LEU G 79 2.70 -6.20 4.02
CA LEU G 79 2.00 -7.47 4.17
C LEU G 79 0.49 -7.24 4.18
N LYS G 80 0.06 -6.18 4.86
CA LYS G 80 -1.36 -5.86 4.93
C LYS G 80 -1.89 -5.53 3.53
N ARG G 81 -1.10 -4.80 2.76
CA ARG G 81 -1.48 -4.45 1.40
C ARG G 81 -1.60 -5.71 0.55
N LYS G 82 -0.65 -6.63 0.74
CA LYS G 82 -0.66 -7.88 -0.01
C LYS G 82 -1.88 -8.71 0.40
N GLY G 83 -2.44 -8.38 1.56
CA GLY G 83 -3.61 -9.07 2.06
C GLY G 83 -3.26 -10.30 2.88
N LEU G 84 -2.62 -10.09 4.03
CA LEU G 84 -2.25 -11.21 4.88
C LEU G 84 -2.57 -10.99 6.36
N VAL G 85 -2.46 -9.75 6.85
CA VAL G 85 -2.75 -9.42 8.23
C VAL G 85 -3.71 -8.24 8.26
N GLN G 86 -4.05 -7.81 9.48
CA GLN G 86 -4.97 -6.68 9.65
C GLN G 86 -4.68 -6.04 11.01
N ILE G 87 -4.58 -4.71 11.02
CA ILE G 87 -4.30 -3.96 12.24
C ILE G 87 -5.28 -2.80 12.31
N ASN G 88 -5.58 -2.36 13.54
CA ASN G 88 -6.47 -1.23 13.78
C ASN G 88 -5.84 -0.17 14.67
N ASN G 89 -5.85 -0.36 15.99
CA ASN G 89 -5.24 0.59 16.90
C ASN G 89 -4.96 -0.10 18.22
N GLY G 90 -3.68 -0.15 18.59
CA GLY G 90 -3.31 -0.77 19.86
C GLY G 90 -3.59 -2.26 19.92
N GLU G 91 -3.24 -2.98 18.87
CA GLU G 91 -3.47 -4.42 18.82
C GLU G 91 -2.51 -5.04 17.82
N ARG G 92 -2.06 -6.25 18.10
CA ARG G 92 -1.16 -6.96 17.22
C ARG G 92 -1.87 -7.33 15.92
N ALA G 93 -1.09 -7.77 14.94
CA ALA G 93 -1.63 -8.12 13.64
C ALA G 93 -2.41 -9.43 13.70
N ARG G 94 -3.55 -9.47 13.01
CA ARG G 94 -4.39 -10.64 12.93
C ARG G 94 -4.26 -11.24 11.54
N VAL G 95 -3.59 -12.39 11.45
CA VAL G 95 -3.39 -13.05 10.16
C VAL G 95 -4.71 -13.60 9.65
N SER G 96 -4.97 -13.43 8.36
CA SER G 96 -6.19 -13.89 7.74
C SER G 96 -5.90 -14.23 6.27
N ARG G 97 -6.96 -14.40 5.49
CA ARG G 97 -6.84 -14.72 4.08
C ARG G 97 -7.49 -13.63 3.23
N PRO G 98 -6.94 -13.33 2.06
CA PRO G 98 -7.54 -12.28 1.21
C PRO G 98 -8.87 -12.73 0.62
N SER G 99 -9.96 -12.13 1.11
CA SER G 99 -11.29 -12.49 0.63
C SER G 99 -11.61 -11.73 -0.65
N ALA G 100 -12.89 -11.81 -1.05
CA ALA G 100 -13.31 -11.13 -2.28
C ALA G 100 -13.27 -9.61 -2.13
N ASP G 101 -13.49 -9.10 -0.91
CA ASP G 101 -13.45 -7.66 -0.70
C ASP G 101 -12.03 -7.11 -0.87
N THR G 102 -11.01 -7.92 -0.55
CA THR G 102 -9.64 -7.47 -0.74
C THR G 102 -9.32 -7.27 -2.21
N ILE G 103 -9.85 -8.14 -3.08
CA ILE G 103 -9.62 -7.98 -4.52
C ILE G 103 -10.26 -6.70 -5.02
N ILE G 104 -11.48 -6.40 -4.57
CA ILE G 104 -12.15 -5.17 -4.98
C ILE G 104 -11.41 -3.95 -4.46
N GLY G 105 -10.87 -4.04 -3.23
CA GLY G 105 -10.09 -2.94 -2.70
C GLY G 105 -8.82 -2.70 -3.47
N GLU G 106 -8.12 -3.77 -3.85
CA GLU G 106 -6.91 -3.64 -4.65
C GLU G 106 -7.22 -3.16 -6.06
N LEU G 107 -8.42 -3.44 -6.57
CA LEU G 107 -8.83 -2.98 -7.88
C LEU G 107 -9.32 -1.55 -7.79
N SER G 108 -10.30 -1.20 -8.63
CA SER G 108 -10.94 0.12 -8.71
C SER G 108 -9.95 1.24 -9.05
N GLY G 109 -8.72 0.90 -9.44
CA GLY G 109 -7.78 1.95 -9.83
C GLY G 109 -8.03 2.49 -11.22
N MET G 110 -8.53 1.66 -12.12
CA MET G 110 -8.86 2.07 -13.48
C MET G 110 -10.32 2.44 -13.66
N ALA G 111 -11.12 2.37 -12.59
CA ALA G 111 -12.53 2.72 -12.70
C ALA G 111 -12.72 4.21 -12.97
N LYS G 112 -11.75 5.04 -12.58
CA LYS G 112 -11.86 6.47 -12.84
C LYS G 112 -11.75 6.79 -14.31
N ASP G 113 -10.97 6.00 -15.07
CA ASP G 113 -10.85 6.23 -16.50
C ASP G 113 -12.19 5.99 -17.20
N PHE G 114 -12.93 4.97 -16.77
CA PHE G 114 -14.20 4.65 -17.41
C PHE G 114 -15.20 5.78 -17.24
N LEU G 115 -15.27 6.36 -16.04
CA LEU G 115 -16.14 7.51 -15.82
C LEU G 115 -15.56 8.80 -16.38
N SER G 116 -14.26 8.81 -16.71
CA SER G 116 -13.66 9.99 -17.33
C SER G 116 -14.00 10.06 -18.82
N HIS G 117 -13.76 8.97 -19.55
CA HIS G 117 -14.08 8.98 -20.97
C HIS G 117 -15.59 8.79 -21.15
N PRO G 118 -16.16 9.33 -22.24
CA PRO G 118 -17.63 9.36 -22.35
C PRO G 118 -18.30 8.01 -22.29
N GLY G 119 -17.68 6.97 -22.86
CA GLY G 119 -18.27 5.65 -22.84
C GLY G 119 -18.19 5.02 -21.45
N GLY G 120 -18.54 3.75 -21.40
CA GLY G 120 -18.46 2.99 -20.17
C GLY G 120 -19.66 3.14 -19.26
N ILE G 121 -20.30 4.31 -19.30
CA ILE G 121 -21.48 4.54 -18.46
C ILE G 121 -22.60 3.58 -18.84
N ALA G 122 -22.80 3.36 -20.14
CA ALA G 122 -23.80 2.39 -20.58
C ALA G 122 -23.30 0.96 -20.38
N HIS G 123 -21.98 0.76 -20.40
CA HIS G 123 -21.44 -0.58 -20.19
C HIS G 123 -21.67 -1.06 -18.77
N PHE G 124 -21.47 -0.19 -17.78
CA PHE G 124 -21.76 -0.55 -16.40
C PHE G 124 -23.24 -0.83 -16.21
N GLU G 125 -24.09 -0.03 -16.86
CA GLU G 125 -25.53 -0.27 -16.77
C GLU G 125 -25.91 -1.61 -17.37
N GLN G 126 -25.33 -1.96 -18.52
CA GLN G 126 -25.60 -3.26 -19.13
C GLN G 126 -25.11 -4.40 -18.26
N LEU G 127 -23.94 -4.24 -17.64
CA LEU G 127 -23.43 -5.28 -16.75
C LEU G 127 -24.34 -5.47 -15.55
N ARG G 128 -24.78 -4.36 -14.94
CA ARG G 128 -25.69 -4.44 -13.81
C ARG G 128 -27.01 -5.08 -14.21
N LEU G 129 -27.51 -4.75 -15.40
CA LEU G 129 -28.77 -5.33 -15.88
C LEU G 129 -28.62 -6.83 -16.09
N PHE G 130 -27.52 -7.26 -16.70
CA PHE G 130 -27.27 -8.68 -16.88
C PHE G 130 -27.18 -9.40 -15.54
N PHE G 131 -26.47 -8.81 -14.57
CA PHE G 131 -26.31 -9.44 -13.27
C PHE G 131 -27.66 -9.57 -12.56
N GLU G 132 -28.46 -8.50 -12.57
CA GLU G 132 -29.73 -8.54 -11.87
C GLU G 132 -30.71 -9.49 -12.56
N SER G 133 -30.68 -9.55 -13.89
CA SER G 133 -31.53 -10.49 -14.60
C SER G 133 -31.15 -11.93 -14.28
N SER G 134 -29.85 -12.22 -14.26
CA SER G 134 -29.41 -13.57 -13.92
C SER G 134 -29.81 -13.95 -12.50
N LEU G 135 -29.63 -13.03 -11.55
CA LEU G 135 -29.94 -13.36 -10.16
C LEU G 135 -31.44 -13.50 -9.96
N VAL G 136 -32.26 -12.68 -10.63
CA VAL G 136 -33.70 -12.81 -10.46
C VAL G 136 -34.21 -14.07 -11.15
N ARG G 137 -33.57 -14.48 -12.25
CA ARG G 137 -33.93 -15.76 -12.87
C ARG G 137 -33.59 -16.92 -11.96
N TYR G 138 -32.41 -16.89 -11.34
CA TYR G 138 -32.04 -17.94 -10.40
C TYR G 138 -32.99 -17.97 -9.20
N ALA G 139 -33.39 -16.79 -8.71
CA ALA G 139 -34.29 -16.75 -7.57
C ALA G 139 -35.68 -17.28 -7.93
N ALA G 140 -36.16 -16.97 -9.14
CA ALA G 140 -37.46 -17.46 -9.56
C ALA G 140 -37.44 -18.96 -9.85
N GLU G 141 -36.29 -19.48 -10.31
CA GLU G 141 -36.20 -20.90 -10.62
C GLU G 141 -36.02 -21.74 -9.35
N HIS G 142 -35.13 -21.32 -8.45
CA HIS G 142 -34.92 -21.98 -7.16
C HIS G 142 -35.74 -21.34 -6.06
N ALA G 143 -37.01 -21.02 -6.33
CA ALA G 143 -37.87 -20.41 -5.32
C ALA G 143 -38.33 -21.46 -4.32
N THR G 144 -37.88 -21.35 -3.08
CA THR G 144 -38.27 -22.27 -2.02
C THR G 144 -39.46 -21.70 -1.25
N ASP G 145 -39.85 -22.36 -0.17
CA ASP G 145 -40.97 -21.93 0.64
C ASP G 145 -40.54 -21.11 1.86
N GLU G 146 -39.29 -20.70 1.93
CA GLU G 146 -38.78 -19.91 3.04
C GLU G 146 -38.32 -18.52 2.65
N GLN G 147 -37.74 -18.36 1.45
CA GLN G 147 -37.30 -17.05 1.01
C GLN G 147 -38.47 -16.13 0.69
N ILE G 148 -39.68 -16.67 0.55
CA ILE G 148 -40.84 -15.82 0.26
C ILE G 148 -41.13 -14.87 1.41
N ASP G 149 -40.88 -15.30 2.65
CA ASP G 149 -41.11 -14.43 3.79
C ASP G 149 -40.15 -13.26 3.80
N LEU G 150 -38.91 -13.46 3.34
CA LEU G 150 -37.94 -12.37 3.29
C LEU G 150 -38.40 -11.27 2.34
N LEU G 151 -38.72 -11.64 1.10
CA LEU G 151 -39.22 -10.65 0.15
C LEU G 151 -40.55 -10.06 0.59
N ALA G 152 -41.38 -10.85 1.28
CA ALA G 152 -42.66 -10.35 1.77
C ALA G 152 -42.46 -9.24 2.79
N LYS G 153 -41.62 -9.49 3.81
CA LYS G 153 -41.36 -8.46 4.80
C LYS G 153 -40.61 -7.29 4.19
N ALA G 154 -39.78 -7.53 3.18
CA ALA G 154 -39.10 -6.43 2.49
C ALA G 154 -40.09 -5.50 1.81
N LEU G 155 -41.00 -6.07 1.01
CA LEU G 155 -41.99 -5.24 0.33
C LEU G 155 -42.98 -4.64 1.33
N GLU G 156 -43.17 -5.26 2.48
CA GLU G 156 -44.04 -4.68 3.49
C GLU G 156 -43.41 -3.46 4.14
N ILE G 157 -42.14 -3.58 4.55
CA ILE G 157 -41.45 -2.45 5.16
C ILE G 157 -41.13 -1.37 4.13
N ASN G 158 -41.15 -1.71 2.84
CA ASN G 158 -40.95 -0.74 1.77
C ASN G 158 -42.25 -0.32 1.12
N SER G 159 -43.39 -0.53 1.79
CA SER G 159 -44.70 -0.18 1.25
C SER G 159 -45.24 1.13 1.79
N GLN G 160 -45.06 1.40 3.08
CA GLN G 160 -45.60 2.61 3.68
C GLN G 160 -44.88 3.85 3.14
N SER G 161 -45.61 4.96 3.12
CA SER G 161 -45.08 6.24 2.65
C SER G 161 -44.97 7.17 3.86
N LEU G 162 -43.81 7.11 4.52
CA LEU G 162 -43.54 7.92 5.71
C LEU G 162 -42.46 8.95 5.49
N ASP G 163 -41.41 8.62 4.72
CA ASP G 163 -40.31 9.55 4.44
C ASP G 163 -40.00 9.48 2.96
N ASN G 164 -40.39 10.51 2.22
CA ASN G 164 -40.15 10.56 0.78
C ASN G 164 -38.76 11.07 0.43
N ASN G 165 -37.86 11.18 1.40
CA ASN G 165 -36.52 11.68 1.14
C ASN G 165 -35.59 10.52 0.79
N ALA G 166 -34.45 10.44 1.46
CA ALA G 166 -33.47 9.39 1.17
C ALA G 166 -33.82 8.06 1.85
N ALA G 167 -34.85 8.02 2.69
CA ALA G 167 -35.22 6.78 3.35
C ALA G 167 -35.73 5.75 2.34
N PHE G 168 -36.48 6.21 1.34
CA PHE G 168 -36.96 5.28 0.31
C PHE G 168 -35.83 4.75 -0.53
N ILE G 169 -34.79 5.57 -0.77
CA ILE G 169 -33.64 5.11 -1.56
C ILE G 169 -32.90 4.01 -0.81
N ARG G 170 -32.66 4.21 0.49
CA ARG G 170 -31.98 3.18 1.26
C ARG G 170 -32.85 1.94 1.43
N SER G 171 -34.17 2.12 1.51
CA SER G 171 -35.06 0.96 1.55
C SER G 171 -34.98 0.16 0.25
N ASP G 172 -34.91 0.86 -0.89
CA ASP G 172 -34.80 0.18 -2.17
C ASP G 172 -33.46 -0.55 -2.31
N VAL G 173 -32.37 0.07 -1.85
CA VAL G 173 -31.09 -0.61 -1.97
C VAL G 173 -31.01 -1.78 -0.98
N ASP G 174 -31.69 -1.68 0.17
CA ASP G 174 -31.74 -2.83 1.08
C ASP G 174 -32.57 -3.96 0.48
N PHE G 175 -33.66 -3.62 -0.21
CA PHE G 175 -34.43 -4.65 -0.92
C PHE G 175 -33.59 -5.32 -2.00
N HIS G 176 -32.82 -4.53 -2.75
CA HIS G 176 -31.95 -5.10 -3.77
C HIS G 176 -30.89 -6.01 -3.13
N ARG G 177 -30.35 -5.59 -1.98
CA ARG G 177 -29.35 -6.41 -1.29
C ARG G 177 -29.95 -7.73 -0.82
N VAL G 178 -31.14 -7.68 -0.20
CA VAL G 178 -31.75 -8.92 0.30
C VAL G 178 -32.20 -9.79 -0.86
N LEU G 179 -32.48 -9.19 -2.02
CA LEU G 179 -32.77 -10.00 -3.21
C LEU G 179 -31.51 -10.67 -3.73
N ALA G 180 -30.37 -9.96 -3.71
CA ALA G 180 -29.12 -10.56 -4.15
C ALA G 180 -28.57 -11.57 -3.16
N GLU G 181 -29.03 -11.53 -1.90
CA GLU G 181 -28.57 -12.48 -0.89
C GLU G 181 -29.29 -13.82 -0.96
N ILE G 182 -30.17 -14.02 -1.93
CA ILE G 182 -30.93 -15.26 -2.05
C ILE G 182 -30.03 -16.43 -2.44
N PRO G 183 -29.14 -16.31 -3.45
CA PRO G 183 -28.27 -17.46 -3.76
C PRO G 183 -27.37 -17.87 -2.62
N GLY G 184 -26.73 -16.91 -1.94
CA GLY G 184 -25.86 -17.23 -0.83
C GLY G 184 -24.42 -17.44 -1.24
N ASN G 185 -23.86 -16.48 -1.97
CA ASN G 185 -22.48 -16.54 -2.44
C ASN G 185 -21.73 -15.33 -1.91
N PRO G 186 -20.65 -15.51 -1.14
CA PRO G 186 -19.93 -14.34 -0.60
C PRO G 186 -19.38 -13.42 -1.67
N ILE G 187 -18.94 -13.96 -2.80
CA ILE G 187 -18.45 -13.10 -3.88
C ILE G 187 -19.59 -12.35 -4.53
N PHE G 188 -20.80 -12.93 -4.52
CA PHE G 188 -21.95 -12.26 -5.13
C PHE G 188 -22.32 -11.00 -4.37
N MET G 189 -22.44 -11.10 -3.03
CA MET G 189 -22.73 -9.91 -2.24
C MET G 189 -21.62 -8.88 -2.36
N ALA G 190 -20.37 -9.33 -2.43
CA ALA G 190 -19.24 -8.41 -2.55
C ALA G 190 -19.33 -7.63 -3.86
N ILE G 191 -19.51 -8.32 -4.98
CA ILE G 191 -19.58 -7.63 -6.26
C ILE G 191 -20.84 -6.77 -6.35
N HIS G 192 -21.93 -7.19 -5.68
CA HIS G 192 -23.14 -6.38 -5.66
C HIS G 192 -22.90 -5.07 -4.93
N VAL G 193 -22.30 -5.13 -3.74
CA VAL G 193 -22.00 -3.93 -2.98
C VAL G 193 -21.03 -3.04 -3.77
N ALA G 194 -20.04 -3.65 -4.43
CA ALA G 194 -19.07 -2.87 -5.20
C ALA G 194 -19.75 -2.13 -6.35
N LEU G 195 -20.61 -2.84 -7.09
CA LEU G 195 -21.30 -2.21 -8.21
C LEU G 195 -22.24 -1.11 -7.73
N LEU G 196 -22.96 -1.34 -6.64
CA LEU G 196 -23.86 -0.31 -6.12
C LEU G 196 -23.10 0.92 -5.66
N ASP G 197 -21.95 0.70 -5.00
CA ASP G 197 -21.14 1.84 -4.57
C ASP G 197 -20.58 2.61 -5.76
N TRP G 198 -20.08 1.90 -6.77
CA TRP G 198 -19.54 2.57 -7.95
C TRP G 198 -20.63 3.28 -8.75
N LEU G 199 -21.88 2.82 -8.63
CA LEU G 199 -22.98 3.47 -9.34
C LEU G 199 -23.47 4.70 -8.59
N ILE G 200 -23.60 4.62 -7.26
CA ILE G 200 -24.03 5.78 -6.49
C ILE G 200 -22.93 6.82 -6.39
N ALA G 201 -21.67 6.44 -6.60
CA ALA G 201 -20.59 7.41 -6.61
C ALA G 201 -20.58 8.27 -7.87
N ALA G 202 -21.34 7.88 -8.89
CA ALA G 202 -21.41 8.62 -10.16
C ALA G 202 -22.81 9.19 -10.39
N ARG G 203 -23.43 9.70 -9.33
CA ARG G 203 -24.76 10.33 -9.39
C ARG G 203 -24.62 11.79 -9.00
N PRO G 204 -24.27 12.66 -9.95
CA PRO G 204 -24.08 14.08 -9.61
C PRO G 204 -25.38 14.88 -9.68
N THR G 205 -25.50 15.83 -8.76
CA THR G 205 -26.63 16.75 -8.69
C THR G 205 -27.96 16.00 -8.61
N VAL G 206 -28.11 15.22 -7.54
CA VAL G 206 -29.34 14.49 -7.29
C VAL G 206 -30.39 15.48 -6.76
N THR G 207 -31.47 15.66 -7.50
CA THR G 207 -32.52 16.60 -7.14
C THR G 207 -33.83 15.87 -6.92
N ASP G 208 -34.69 16.48 -6.10
CA ASP G 208 -35.99 15.89 -5.77
C ASP G 208 -37.09 16.60 -6.57
N GLN G 209 -37.13 16.27 -7.86
CA GLN G 209 -38.12 16.82 -8.78
C GLN G 209 -39.27 15.85 -9.01
N ALA G 210 -38.97 14.64 -9.45
CA ALA G 210 -39.96 13.61 -9.72
C ALA G 210 -39.58 12.30 -9.06
N LEU G 211 -39.12 12.37 -7.81
CA LEU G 211 -38.69 11.17 -7.10
C LEU G 211 -39.85 10.45 -6.42
N HIS G 212 -40.91 11.19 -6.07
CA HIS G 212 -42.08 10.55 -5.46
C HIS G 212 -42.79 9.64 -6.45
N GLU G 213 -43.08 10.15 -7.65
CA GLU G 213 -43.66 9.30 -8.68
C GLU G 213 -42.71 8.18 -9.06
N HIS G 214 -41.40 8.43 -9.02
CA HIS G 214 -40.43 7.36 -9.24
C HIS G 214 -40.54 6.29 -8.16
N ASN G 215 -40.76 6.71 -6.90
CA ASN G 215 -40.94 5.75 -5.83
C ASN G 215 -42.21 4.93 -6.03
N ASN G 216 -43.30 5.57 -6.47
CA ASN G 216 -44.53 4.85 -6.72
C ASN G 216 -44.36 3.85 -7.87
N VAL G 217 -43.67 4.25 -8.94
CA VAL G 217 -43.41 3.35 -10.05
C VAL G 217 -42.55 2.18 -9.60
N SER G 218 -41.55 2.45 -8.77
CA SER G 218 -40.70 1.38 -8.26
C SER G 218 -41.48 0.42 -7.38
N TYR G 219 -42.41 0.94 -6.57
CA TYR G 219 -43.24 0.07 -5.73
C TYR G 219 -44.13 -0.81 -6.58
N GLN G 220 -44.76 -0.22 -7.61
CA GLN G 220 -45.61 -1.01 -8.50
C GLN G 220 -44.80 -2.07 -9.24
N GLN G 221 -43.57 -1.72 -9.66
CA GLN G 221 -42.75 -2.69 -10.36
C GLN G 221 -42.28 -3.81 -9.43
N HIS G 222 -41.99 -3.49 -8.17
CA HIS G 222 -41.63 -4.52 -7.21
C HIS G 222 -42.82 -5.44 -6.92
N ILE G 223 -44.03 -4.87 -6.87
CA ILE G 223 -45.23 -5.70 -6.69
C ILE G 223 -45.40 -6.63 -7.88
N ALA G 224 -45.21 -6.11 -9.09
CA ALA G 224 -45.30 -6.95 -10.27
C ALA G 224 -44.23 -8.03 -10.28
N ILE G 225 -43.03 -7.69 -9.80
CA ILE G 225 -41.93 -8.66 -9.77
C ILE G 225 -42.23 -9.79 -8.79
N VAL G 226 -42.71 -9.45 -7.59
CA VAL G 226 -43.01 -10.49 -6.62
C VAL G 226 -44.21 -11.32 -7.07
N ASP G 227 -45.16 -10.70 -7.78
CA ASP G 227 -46.29 -11.47 -8.32
C ASP G 227 -45.82 -12.45 -9.39
N ALA G 228 -44.93 -12.00 -10.28
CA ALA G 228 -44.38 -12.89 -11.29
C ALA G 228 -43.54 -14.00 -10.67
N ILE G 229 -42.84 -13.70 -9.57
CA ILE G 229 -42.08 -14.74 -8.88
C ILE G 229 -43.00 -15.76 -8.26
N ARG G 230 -44.11 -15.31 -7.65
CA ARG G 230 -45.09 -16.23 -7.09
C ARG G 230 -45.71 -17.10 -8.18
N ARG G 231 -46.02 -16.50 -9.33
CA ARG G 231 -46.63 -17.23 -10.45
C ARG G 231 -45.61 -18.01 -11.28
N HIS G 232 -44.33 -17.90 -10.96
CA HIS G 232 -43.26 -18.61 -11.67
C HIS G 232 -43.25 -18.24 -13.16
N ASP G 233 -43.15 -16.93 -13.42
CA ASP G 233 -43.10 -16.41 -14.78
C ASP G 233 -42.02 -15.34 -14.84
N PRO G 234 -40.79 -15.72 -15.22
CA PRO G 234 -39.70 -14.73 -15.25
C PRO G 234 -39.83 -13.72 -16.39
N ASP G 235 -40.69 -13.96 -17.37
CA ASP G 235 -40.81 -13.04 -18.51
C ASP G 235 -41.36 -11.70 -18.06
N GLU G 236 -42.47 -11.70 -17.32
CA GLU G 236 -43.05 -10.45 -16.85
C GLU G 236 -42.12 -9.74 -15.88
N ALA G 237 -41.43 -10.50 -15.03
CA ALA G 237 -40.47 -9.91 -14.11
C ALA G 237 -39.32 -9.25 -14.86
N ASP G 238 -38.80 -9.92 -15.89
CA ASP G 238 -37.72 -9.34 -16.68
C ASP G 238 -38.20 -8.09 -17.42
N ARG G 239 -39.42 -8.11 -17.93
CA ARG G 239 -39.95 -6.93 -18.62
C ARG G 239 -40.11 -5.76 -17.65
N ALA G 240 -40.62 -6.03 -16.45
CA ALA G 240 -40.76 -4.96 -15.45
C ALA G 240 -39.40 -4.42 -15.03
N LEU G 241 -38.42 -5.29 -14.87
CA LEU G 241 -37.08 -4.83 -14.51
C LEU G 241 -36.45 -4.00 -15.62
N GLN G 242 -36.64 -4.41 -16.87
CA GLN G 242 -36.14 -3.62 -17.99
C GLN G 242 -36.80 -2.26 -18.05
N SER G 243 -38.12 -2.21 -17.83
CA SER G 243 -38.82 -0.93 -17.82
C SER G 243 -38.34 -0.04 -16.68
N HIS G 244 -38.10 -0.63 -15.50
CA HIS G 244 -37.60 0.15 -14.38
C HIS G 244 -36.21 0.70 -14.64
N LEU G 245 -35.34 -0.11 -15.26
CA LEU G 245 -33.99 0.37 -15.54
C LEU G 245 -33.97 1.38 -16.68
N ASN G 246 -34.94 1.31 -17.60
CA ASN G 246 -35.01 2.30 -18.66
C ASN G 246 -35.62 3.60 -18.17
N SER G 247 -36.52 3.54 -17.19
CA SER G 247 -37.12 4.76 -16.65
C SER G 247 -36.15 5.51 -15.75
N VAL G 248 -35.19 4.81 -15.17
CA VAL G 248 -34.19 5.39 -14.27
C VAL G 248 -34.85 6.14 -13.12
N LYS H 30 -7.17 9.39 11.10
CA LYS H 30 -6.91 8.10 10.45
C LYS H 30 -5.45 7.98 10.05
N LYS H 31 -5.20 7.38 8.89
CA LYS H 31 -3.84 7.22 8.38
C LYS H 31 -3.61 8.23 7.27
N LEU H 32 -2.60 9.09 7.46
CA LEU H 32 -2.27 10.12 6.47
C LEU H 32 -1.84 9.50 5.15
N SER H 33 -1.07 8.41 5.24
CA SER H 33 -0.56 7.69 4.08
C SER H 33 -1.56 7.47 2.95
N GLU H 34 -2.72 6.91 3.28
CA GLU H 34 -3.72 6.64 2.25
C GLU H 34 -4.22 7.93 1.61
N MET H 35 -4.29 9.01 2.37
CA MET H 35 -4.76 10.28 1.84
C MET H 35 -3.83 10.79 0.73
N VAL H 36 -2.54 10.91 1.04
CA VAL H 36 -1.59 11.38 0.03
C VAL H 36 -1.44 10.35 -1.07
N GLU H 37 -1.63 9.07 -0.78
CA GLU H 37 -1.58 8.05 -1.81
C GLU H 37 -2.68 8.26 -2.85
N GLU H 38 -3.92 8.41 -2.38
CA GLU H 38 -5.03 8.68 -3.30
C GLU H 38 -4.86 10.03 -3.99
N GLU H 39 -4.26 11.01 -3.30
CA GLU H 39 -4.03 12.31 -3.91
C GLU H 39 -3.09 12.19 -5.11
N LEU H 40 -1.93 11.55 -4.91
CA LEU H 40 -1.00 11.37 -6.02
C LEU H 40 -1.56 10.44 -7.08
N GLU H 41 -2.42 9.50 -6.69
CA GLU H 41 -3.05 8.62 -7.68
C GLU H 41 -3.97 9.41 -8.60
N GLN H 42 -4.85 10.24 -8.02
CA GLN H 42 -5.72 11.06 -8.86
C GLN H 42 -4.93 12.11 -9.63
N MET H 43 -3.80 12.58 -9.09
CA MET H 43 -2.97 13.53 -9.82
C MET H 43 -2.35 12.88 -11.05
N ILE H 44 -1.83 11.66 -10.91
CA ILE H 44 -1.25 10.97 -12.06
C ILE H 44 -2.34 10.47 -13.00
N ARG H 45 -3.57 10.33 -12.51
CA ARG H 45 -4.68 9.96 -13.40
C ARG H 45 -5.17 11.17 -14.19
N ARG H 46 -5.05 12.38 -13.64
CA ARG H 46 -5.42 13.59 -14.35
C ARG H 46 -4.44 13.96 -15.46
N ARG H 47 -3.42 13.13 -15.71
CA ARG H 47 -2.42 13.38 -16.76
C ARG H 47 -1.70 14.70 -16.53
N GLU H 48 -1.39 14.99 -15.27
CA GLU H 48 -0.66 16.22 -14.95
C GLU H 48 0.81 16.12 -15.31
N PHE H 49 1.38 14.92 -15.20
CA PHE H 49 2.79 14.69 -15.51
C PHE H 49 2.91 13.48 -16.43
N GLY H 50 3.62 13.64 -17.54
CA GLY H 50 3.79 12.57 -18.50
C GLY H 50 4.95 11.66 -18.19
N GLU H 51 5.63 11.19 -19.24
CA GLU H 51 6.76 10.29 -19.07
C GLU H 51 7.99 11.05 -18.59
N GLY H 52 8.76 10.42 -17.73
CA GLY H 52 9.99 10.99 -17.20
C GLY H 52 9.84 11.39 -15.75
N GLU H 53 10.92 11.98 -15.22
CA GLU H 53 10.96 12.44 -13.83
C GLU H 53 10.48 13.89 -13.76
N GLN H 54 9.17 14.04 -13.91
CA GLN H 54 8.54 15.36 -13.91
C GLN H 54 8.01 15.76 -12.54
N LEU H 55 8.03 14.87 -11.55
CA LEU H 55 7.53 15.20 -10.23
C LEU H 55 8.55 16.07 -9.48
N PRO H 56 8.08 17.01 -8.67
CA PRO H 56 9.00 17.87 -7.92
C PRO H 56 9.66 17.14 -6.76
N SER H 57 10.46 17.87 -5.97
CA SER H 57 11.12 17.27 -4.82
C SER H 57 10.10 16.93 -3.75
N GLU H 58 10.14 15.68 -3.28
CA GLU H 58 9.18 15.21 -2.28
C GLU H 58 9.36 15.89 -0.92
N ARG H 59 10.46 16.60 -0.71
CA ARG H 59 10.65 17.30 0.56
C ARG H 59 9.69 18.47 0.70
N GLU H 60 9.62 19.32 -0.33
CA GLU H 60 8.70 20.45 -0.26
C GLU H 60 7.25 20.01 -0.39
N LEU H 61 7.01 18.89 -1.07
CA LEU H 61 5.67 18.28 -1.04
C LEU H 61 5.26 17.95 0.38
N MET H 62 6.17 17.32 1.14
CA MET H 62 5.88 17.00 2.54
C MET H 62 5.72 18.25 3.37
N ALA H 63 6.55 19.26 3.13
CA ALA H 63 6.45 20.51 3.88
C ALA H 63 5.12 21.22 3.62
N PHE H 64 4.59 21.10 2.40
CA PHE H 64 3.33 21.75 2.08
C PHE H 64 2.14 20.92 2.55
N PHE H 65 2.26 19.60 2.59
CA PHE H 65 1.16 18.73 3.00
C PHE H 65 1.13 18.48 4.50
N ASN H 66 2.18 18.86 5.23
CA ASN H 66 2.25 18.68 6.68
C ASN H 66 2.10 17.21 7.06
N VAL H 67 2.89 16.37 6.38
CA VAL H 67 2.91 14.93 6.60
C VAL H 67 4.29 14.53 7.11
N GLY H 68 4.50 13.22 7.22
CA GLY H 68 5.74 12.67 7.73
C GLY H 68 6.57 12.01 6.66
N ARG H 69 7.83 11.70 7.03
CA ARG H 69 8.73 11.03 6.09
C ARG H 69 8.35 9.58 5.85
N PRO H 70 8.06 8.75 6.87
CA PRO H 70 7.68 7.36 6.58
C PRO H 70 6.39 7.23 5.78
N SER H 71 5.49 8.23 5.84
CA SER H 71 4.27 8.15 5.05
C SER H 71 4.57 8.19 3.56
N VAL H 72 5.48 9.07 3.14
CA VAL H 72 5.85 9.13 1.72
C VAL H 72 6.52 7.85 1.28
N ARG H 73 7.37 7.27 2.14
CA ARG H 73 8.02 6.01 1.80
C ARG H 73 7.00 4.89 1.67
N GLU H 74 6.01 4.85 2.56
CA GLU H 74 4.97 3.84 2.46
C GLU H 74 4.13 4.02 1.20
N ALA H 75 3.84 5.28 0.84
CA ALA H 75 3.09 5.52 -0.38
C ALA H 75 3.87 5.07 -1.61
N LEU H 76 5.18 5.38 -1.66
CA LEU H 76 5.99 4.95 -2.79
C LEU H 76 6.10 3.42 -2.84
N ALA H 77 6.20 2.77 -1.68
CA ALA H 77 6.24 1.31 -1.66
C ALA H 77 4.93 0.72 -2.15
N ALA H 78 3.80 1.32 -1.78
CA ALA H 78 2.50 0.86 -2.26
C ALA H 78 2.38 1.03 -3.77
N LEU H 79 2.86 2.17 -4.28
CA LEU H 79 2.80 2.39 -5.72
C LEU H 79 3.72 1.43 -6.47
N LYS H 80 4.87 1.11 -5.89
CA LYS H 80 5.77 0.13 -6.51
C LYS H 80 5.14 -1.26 -6.52
N ARG H 81 4.49 -1.65 -5.42
CA ARG H 81 3.80 -2.93 -5.38
C ARG H 81 2.65 -2.96 -6.38
N LYS H 82 1.96 -1.84 -6.57
CA LYS H 82 0.89 -1.78 -7.56
C LYS H 82 1.44 -1.90 -8.98
N GLY H 83 2.57 -1.26 -9.26
CA GLY H 83 3.18 -1.35 -10.57
C GLY H 83 2.99 -0.11 -11.42
N LEU H 84 3.08 1.07 -10.81
CA LEU H 84 2.95 2.33 -11.52
C LEU H 84 4.22 3.14 -11.56
N VAL H 85 5.10 3.01 -10.57
CA VAL H 85 6.35 3.74 -10.52
C VAL H 85 7.51 2.75 -10.61
N GLN H 86 8.72 3.29 -10.78
CA GLN H 86 9.92 2.49 -10.89
C GLN H 86 11.03 3.17 -10.09
N ILE H 87 11.43 2.56 -8.98
CA ILE H 87 12.50 3.08 -8.12
C ILE H 87 13.52 1.96 -7.92
N ASN H 88 14.77 2.24 -8.27
CA ASN H 88 15.85 1.26 -8.13
C ASN H 88 16.88 1.68 -7.09
N ASN H 89 17.43 2.89 -7.22
CA ASN H 89 18.45 3.36 -6.29
C ASN H 89 18.09 4.71 -5.66
N GLY H 90 18.37 5.81 -6.34
CA GLY H 90 18.08 7.13 -5.79
C GLY H 90 17.44 8.06 -6.79
N GLU H 91 17.01 7.53 -7.93
CA GLU H 91 16.37 8.34 -8.95
C GLU H 91 14.91 8.61 -8.56
N ARG H 92 14.22 9.36 -9.41
CA ARG H 92 12.83 9.71 -9.17
C ARG H 92 11.89 8.72 -9.87
N ALA H 93 10.61 8.80 -9.51
CA ALA H 93 9.61 7.89 -10.04
C ALA H 93 9.12 8.36 -11.41
N ARG H 94 8.56 7.41 -12.16
CA ARG H 94 8.02 7.70 -13.48
C ARG H 94 6.61 7.12 -13.62
N VAL H 95 6.07 7.17 -14.84
CA VAL H 95 4.74 6.64 -15.10
C VAL H 95 4.88 5.28 -15.79
N SER H 96 3.82 4.48 -15.69
CA SER H 96 3.79 3.14 -16.27
C SER H 96 2.49 2.99 -17.06
N ARG H 97 2.60 2.96 -18.38
CA ARG H 97 1.44 2.81 -19.26
C ARG H 97 0.96 1.37 -19.32
N PRO H 98 1.82 0.37 -19.51
CA PRO H 98 1.33 -1.01 -19.54
C PRO H 98 0.78 -1.44 -18.19
N SER H 99 -0.18 -2.37 -18.23
CA SER H 99 -0.85 -2.85 -17.03
C SER H 99 -0.86 -4.37 -16.96
N ALA H 100 0.13 -5.04 -17.55
CA ALA H 100 0.18 -6.50 -17.54
C ALA H 100 0.80 -7.07 -16.28
N ASP H 101 1.62 -6.29 -15.57
CA ASP H 101 2.26 -6.80 -14.36
C ASP H 101 1.25 -6.92 -13.22
N THR H 102 0.42 -5.90 -13.04
CA THR H 102 -0.58 -5.96 -11.97
C THR H 102 -1.60 -7.07 -12.22
N ILE H 103 -1.83 -7.43 -13.48
CA ILE H 103 -2.77 -8.51 -13.78
C ILE H 103 -2.27 -9.83 -13.20
N ILE H 104 -1.05 -10.22 -13.56
CA ILE H 104 -0.51 -11.47 -13.03
C ILE H 104 -0.25 -11.37 -11.53
N GLY H 105 0.04 -10.15 -11.03
CA GLY H 105 0.18 -9.99 -9.60
C GLY H 105 -1.10 -10.30 -8.84
N GLU H 106 -2.21 -9.73 -9.30
CA GLU H 106 -3.50 -10.02 -8.69
C GLU H 106 -3.88 -11.49 -8.89
N LEU H 107 -3.51 -12.06 -10.04
CA LEU H 107 -3.77 -13.48 -10.26
C LEU H 107 -3.07 -14.34 -9.21
N SER H 108 -1.77 -14.09 -8.99
CA SER H 108 -1.03 -14.86 -7.99
C SER H 108 -1.55 -14.58 -6.59
N GLY H 109 -1.99 -13.35 -6.32
CA GLY H 109 -2.48 -13.02 -4.99
C GLY H 109 -3.83 -13.63 -4.69
N MET H 110 -4.67 -13.81 -5.71
CA MET H 110 -6.00 -14.36 -5.50
C MET H 110 -6.05 -15.88 -5.60
N ALA H 111 -5.27 -16.48 -6.51
CA ALA H 111 -5.27 -17.92 -6.66
C ALA H 111 -4.57 -18.60 -5.49
N LYS H 112 -5.13 -18.47 -4.29
CA LYS H 112 -4.55 -19.07 -3.09
C LYS H 112 -5.62 -19.68 -2.21
N ASP H 113 -6.81 -19.05 -2.19
CA ASP H 113 -7.91 -19.51 -1.33
C ASP H 113 -8.58 -20.74 -1.97
N PHE H 114 -7.89 -21.87 -1.86
CA PHE H 114 -8.38 -23.13 -2.40
C PHE H 114 -8.59 -24.20 -1.34
N LEU H 115 -7.68 -24.32 -0.36
CA LEU H 115 -7.79 -25.33 0.67
C LEU H 115 -8.83 -24.99 1.73
N SER H 116 -9.25 -23.73 1.82
CA SER H 116 -10.25 -23.36 2.81
C SER H 116 -11.62 -23.92 2.45
N HIS H 117 -12.14 -23.55 1.29
CA HIS H 117 -13.44 -24.02 0.81
C HIS H 117 -13.26 -25.00 -0.34
N PRO H 118 -13.55 -26.30 -0.12
CA PRO H 118 -13.35 -27.28 -1.19
C PRO H 118 -14.29 -27.08 -2.38
N GLY H 119 -15.59 -26.94 -2.10
CA GLY H 119 -16.57 -26.74 -3.15
C GLY H 119 -16.92 -25.30 -3.44
N GLY H 120 -16.49 -24.37 -2.58
CA GLY H 120 -16.78 -22.97 -2.81
C GLY H 120 -16.19 -22.43 -4.09
N ILE H 121 -15.12 -23.05 -4.58
CA ILE H 121 -14.55 -22.65 -5.87
C ILE H 121 -15.56 -22.83 -6.97
N ALA H 122 -16.41 -23.88 -6.86
CA ALA H 122 -17.50 -24.05 -7.82
C ALA H 122 -18.40 -22.84 -7.85
N HIS H 123 -18.59 -22.17 -6.71
CA HIS H 123 -19.33 -20.92 -6.69
C HIS H 123 -18.76 -19.93 -7.69
N PHE H 124 -17.43 -19.79 -7.71
CA PHE H 124 -16.78 -18.97 -8.73
C PHE H 124 -17.15 -19.45 -10.13
N GLU H 125 -17.07 -20.77 -10.35
CA GLU H 125 -17.55 -21.33 -11.61
C GLU H 125 -19.01 -20.99 -11.84
N GLN H 126 -19.83 -21.07 -10.78
CA GLN H 126 -21.22 -20.65 -10.89
C GLN H 126 -21.32 -19.20 -11.36
N LEU H 127 -20.42 -18.34 -10.88
CA LEU H 127 -20.39 -16.96 -11.36
C LEU H 127 -20.23 -16.92 -12.87
N ARG H 128 -19.35 -17.76 -13.43
CA ARG H 128 -19.19 -17.83 -14.88
C ARG H 128 -20.52 -18.12 -15.56
N LEU H 129 -21.33 -19.00 -14.95
CA LEU H 129 -22.69 -19.23 -15.45
C LEU H 129 -23.44 -17.92 -15.56
N PHE H 130 -23.51 -17.17 -14.45
CA PHE H 130 -24.20 -15.90 -14.43
C PHE H 130 -23.68 -14.93 -15.48
N PHE H 131 -22.52 -15.20 -16.07
CA PHE H 131 -22.02 -14.40 -17.19
C PHE H 131 -22.50 -14.97 -18.53
N GLU H 132 -22.31 -16.28 -18.74
CA GLU H 132 -22.59 -16.85 -20.06
C GLU H 132 -24.08 -16.84 -20.35
N SER H 133 -24.91 -17.07 -19.34
CA SER H 133 -26.35 -16.97 -19.51
C SER H 133 -26.79 -15.57 -19.89
N SER H 134 -25.94 -14.56 -19.66
CA SER H 134 -26.23 -13.19 -20.06
C SER H 134 -25.70 -12.87 -21.46
N LEU H 135 -25.26 -13.88 -22.20
CA LEU H 135 -24.72 -13.69 -23.55
C LEU H 135 -25.56 -14.36 -24.62
N VAL H 136 -25.87 -15.65 -24.45
CA VAL H 136 -26.64 -16.38 -25.45
C VAL H 136 -28.04 -15.81 -25.61
N ARG H 137 -28.55 -15.12 -24.59
CA ARG H 137 -29.86 -14.49 -24.67
C ARG H 137 -29.82 -13.09 -25.28
N TYR H 138 -28.65 -12.64 -25.75
CA TYR H 138 -28.53 -11.33 -26.37
C TYR H 138 -28.40 -11.39 -27.88
N ALA H 139 -28.03 -12.53 -28.46
CA ALA H 139 -27.88 -12.63 -29.90
C ALA H 139 -29.19 -12.36 -30.63
N ALA H 140 -30.31 -12.74 -30.03
CA ALA H 140 -31.61 -12.47 -30.63
C ALA H 140 -32.09 -11.04 -30.40
N GLU H 141 -31.27 -10.19 -29.77
CA GLU H 141 -31.70 -8.81 -29.51
C GLU H 141 -31.46 -7.92 -30.71
N HIS H 142 -30.21 -7.79 -31.16
CA HIS H 142 -29.86 -6.89 -32.25
C HIS H 142 -29.05 -7.53 -33.36
N ALA H 143 -28.47 -8.72 -33.15
CA ALA H 143 -27.70 -9.36 -34.21
C ALA H 143 -28.63 -9.85 -35.31
N THR H 144 -28.42 -9.35 -36.52
CA THR H 144 -29.27 -9.65 -37.66
C THR H 144 -28.59 -10.55 -38.68
N ASP H 145 -27.41 -10.17 -39.17
CA ASP H 145 -26.72 -10.96 -40.18
C ASP H 145 -25.22 -10.68 -40.19
N GLU H 146 -24.82 -9.50 -39.73
CA GLU H 146 -23.41 -9.14 -39.75
C GLU H 146 -22.60 -9.91 -38.72
N GLN H 147 -23.23 -10.33 -37.62
CA GLN H 147 -22.55 -11.17 -36.65
C GLN H 147 -22.71 -12.65 -36.95
N ILE H 148 -23.79 -13.02 -37.66
CA ILE H 148 -24.03 -14.43 -37.97
C ILE H 148 -22.93 -14.96 -38.87
N ASP H 149 -22.53 -14.18 -39.89
CA ASP H 149 -21.45 -14.61 -40.77
C ASP H 149 -20.14 -14.75 -40.01
N LEU H 150 -19.89 -13.83 -39.08
CA LEU H 150 -18.65 -13.89 -38.29
C LEU H 150 -18.61 -15.15 -37.43
N LEU H 151 -19.70 -15.42 -36.70
CA LEU H 151 -19.71 -16.62 -35.87
C LEU H 151 -19.69 -17.89 -36.71
N ALA H 152 -20.26 -17.84 -37.92
CA ALA H 152 -20.23 -19.02 -38.80
C ALA H 152 -18.81 -19.29 -39.28
N LYS H 153 -18.12 -18.25 -39.77
CA LYS H 153 -16.75 -18.44 -40.21
C LYS H 153 -15.81 -18.75 -39.04
N ALA H 154 -16.21 -18.39 -37.81
CA ALA H 154 -15.43 -18.82 -36.65
C ALA H 154 -15.63 -20.30 -36.36
N LEU H 155 -16.88 -20.73 -36.26
CA LEU H 155 -17.15 -22.14 -35.98
C LEU H 155 -16.67 -23.05 -37.11
N GLU H 156 -16.50 -22.52 -38.32
CA GLU H 156 -15.91 -23.31 -39.39
C GLU H 156 -14.53 -23.83 -38.99
N ILE H 157 -13.61 -22.91 -38.65
CA ILE H 157 -12.29 -23.32 -38.20
C ILE H 157 -12.37 -24.04 -36.86
N ASN H 158 -13.31 -23.67 -36.00
CA ASN H 158 -13.45 -24.34 -34.71
C ASN H 158 -13.72 -25.84 -34.90
N SER H 159 -14.56 -26.18 -35.89
CA SER H 159 -14.81 -27.59 -36.20
C SER H 159 -13.69 -28.19 -37.02
N GLN H 160 -13.02 -27.39 -37.85
CA GLN H 160 -11.89 -27.90 -38.62
C GLN H 160 -10.70 -28.27 -37.74
N SER H 161 -10.64 -27.72 -36.53
CA SER H 161 -9.58 -28.08 -35.60
C SER H 161 -9.59 -29.58 -35.31
N LEU H 162 -8.42 -30.14 -35.08
CA LEU H 162 -8.27 -31.58 -34.90
C LEU H 162 -7.58 -31.96 -33.60
N ASP H 163 -6.58 -31.20 -33.17
CA ASP H 163 -5.83 -31.55 -31.96
C ASP H 163 -6.72 -31.40 -30.72
N ASN H 164 -6.57 -32.32 -29.78
CA ASN H 164 -7.44 -32.34 -28.61
C ASN H 164 -7.00 -31.30 -27.57
N ASN H 165 -5.70 -31.27 -27.24
CA ASN H 165 -5.21 -30.40 -26.19
C ASN H 165 -4.85 -29.01 -26.68
N ALA H 166 -4.44 -28.87 -27.95
CA ALA H 166 -3.99 -27.58 -28.48
C ALA H 166 -5.07 -26.91 -29.32
N ALA H 167 -5.56 -27.59 -30.35
CA ALA H 167 -6.49 -26.96 -31.28
C ALA H 167 -7.89 -26.80 -30.70
N PHE H 168 -8.36 -27.79 -29.94
CA PHE H 168 -9.72 -27.73 -29.42
C PHE H 168 -9.85 -26.66 -28.35
N ILE H 169 -8.86 -26.52 -27.47
CA ILE H 169 -8.90 -25.47 -26.45
C ILE H 169 -8.83 -24.10 -27.10
N ARG H 170 -7.95 -23.94 -28.10
CA ARG H 170 -7.86 -22.66 -28.80
C ARG H 170 -9.15 -22.34 -29.54
N SER H 171 -9.76 -23.35 -30.17
CA SER H 171 -11.03 -23.14 -30.85
C SER H 171 -12.12 -22.74 -29.85
N ASP H 172 -12.14 -23.38 -28.68
CA ASP H 172 -13.14 -23.05 -27.67
C ASP H 172 -12.98 -21.63 -27.17
N VAL H 173 -11.74 -21.23 -26.87
CA VAL H 173 -11.53 -19.87 -26.37
C VAL H 173 -11.79 -18.84 -27.45
N ASP H 174 -11.51 -19.17 -28.72
CA ASP H 174 -11.83 -18.23 -29.80
C ASP H 174 -13.33 -18.09 -29.97
N PHE H 175 -14.08 -19.20 -29.84
CA PHE H 175 -15.53 -19.12 -29.92
C PHE H 175 -16.10 -18.30 -28.77
N HIS H 176 -15.55 -18.49 -27.56
CA HIS H 176 -15.99 -17.70 -26.41
C HIS H 176 -15.67 -16.22 -26.62
N ARG H 177 -14.52 -15.92 -27.21
CA ARG H 177 -14.15 -14.54 -27.47
C ARG H 177 -15.09 -13.89 -28.48
N VAL H 178 -15.37 -14.58 -29.59
CA VAL H 178 -16.25 -14.02 -30.60
C VAL H 178 -17.69 -13.97 -30.10
N LEU H 179 -18.05 -14.78 -29.11
CA LEU H 179 -19.36 -14.64 -28.48
C LEU H 179 -19.41 -13.41 -27.59
N ALA H 180 -18.36 -13.20 -26.77
CA ALA H 180 -18.31 -12.05 -25.89
C ALA H 180 -18.18 -10.74 -26.65
N GLU H 181 -17.64 -10.77 -27.86
CA GLU H 181 -17.45 -9.56 -28.66
C GLU H 181 -18.68 -9.20 -29.48
N ILE H 182 -19.78 -9.92 -29.32
CA ILE H 182 -21.01 -9.63 -30.06
C ILE H 182 -21.60 -8.29 -29.62
N PRO H 183 -21.81 -8.03 -28.32
CA PRO H 183 -22.38 -6.74 -27.93
C PRO H 183 -21.45 -5.56 -28.16
N GLY H 184 -20.15 -5.80 -28.36
CA GLY H 184 -19.21 -4.72 -28.56
C GLY H 184 -18.91 -3.96 -27.28
N ASN H 185 -18.30 -4.64 -26.32
CA ASN H 185 -18.00 -4.04 -25.03
C ASN H 185 -16.58 -4.40 -24.60
N PRO H 186 -15.71 -3.42 -24.38
CA PRO H 186 -14.33 -3.75 -23.97
C PRO H 186 -14.26 -4.31 -22.56
N ILE H 187 -15.18 -3.93 -21.67
CA ILE H 187 -15.16 -4.44 -20.30
C ILE H 187 -15.51 -5.92 -20.30
N PHE H 188 -16.45 -6.34 -21.16
CA PHE H 188 -16.83 -7.74 -21.21
C PHE H 188 -15.67 -8.63 -21.63
N MET H 189 -14.89 -8.18 -22.61
CA MET H 189 -13.73 -8.96 -23.04
C MET H 189 -12.70 -9.08 -21.92
N ALA H 190 -12.47 -7.98 -21.18
CA ALA H 190 -11.53 -8.03 -20.06
C ALA H 190 -12.02 -8.99 -18.98
N ILE H 191 -13.31 -8.93 -18.65
CA ILE H 191 -13.85 -9.84 -17.63
C ILE H 191 -13.73 -11.28 -18.10
N HIS H 192 -13.98 -11.54 -19.39
CA HIS H 192 -13.92 -12.89 -19.90
C HIS H 192 -12.49 -13.44 -19.85
N VAL H 193 -11.52 -12.64 -20.30
CA VAL H 193 -10.13 -13.12 -20.27
C VAL H 193 -9.64 -13.25 -18.84
N ALA H 194 -10.13 -12.40 -17.92
CA ALA H 194 -9.77 -12.54 -16.51
C ALA H 194 -10.30 -13.84 -15.93
N LEU H 195 -11.57 -14.15 -16.20
CA LEU H 195 -12.12 -15.42 -15.75
C LEU H 195 -11.38 -16.59 -16.36
N LEU H 196 -10.99 -16.47 -17.63
CA LEU H 196 -10.26 -17.55 -18.30
C LEU H 196 -8.92 -17.81 -17.62
N ASP H 197 -8.12 -16.77 -17.41
CA ASP H 197 -6.82 -16.97 -16.78
C ASP H 197 -6.98 -17.40 -15.33
N TRP H 198 -8.02 -16.94 -14.64
CA TRP H 198 -8.26 -17.35 -13.26
C TRP H 198 -8.57 -18.84 -13.18
N LEU H 199 -9.46 -19.33 -14.05
CA LEU H 199 -9.77 -20.76 -14.03
C LEU H 199 -8.59 -21.59 -14.49
N ILE H 200 -7.78 -21.07 -15.42
CA ILE H 200 -6.58 -21.80 -15.86
C ILE H 200 -5.59 -21.94 -14.71
N ALA H 201 -5.38 -20.86 -13.95
CA ALA H 201 -4.47 -20.92 -12.82
C ALA H 201 -5.06 -21.75 -11.67
N ALA H 202 -6.39 -21.82 -11.57
CA ALA H 202 -7.02 -22.57 -10.49
C ALA H 202 -6.97 -24.07 -10.74
N ARG H 203 -7.40 -24.50 -11.92
CA ARG H 203 -7.43 -25.93 -12.22
C ARG H 203 -6.01 -26.45 -12.41
N PRO H 204 -5.52 -27.35 -11.56
CA PRO H 204 -4.15 -27.84 -11.69
C PRO H 204 -3.99 -29.09 -12.53
N THR H 205 -5.08 -29.81 -12.83
CA THR H 205 -5.02 -31.05 -13.57
C THR H 205 -5.96 -30.97 -14.77
N VAL H 206 -5.46 -31.33 -15.95
CA VAL H 206 -6.24 -31.34 -17.17
C VAL H 206 -6.16 -32.72 -17.79
N THR H 207 -7.22 -33.10 -18.51
CA THR H 207 -7.31 -34.40 -19.15
C THR H 207 -7.28 -34.23 -20.67
N ASP H 208 -7.08 -35.35 -21.37
CA ASP H 208 -7.05 -35.37 -22.82
C ASP H 208 -8.13 -36.24 -23.42
N GLN H 209 -8.35 -37.44 -22.87
CA GLN H 209 -9.38 -38.32 -23.41
C GLN H 209 -10.77 -37.81 -23.06
N ALA H 210 -10.99 -37.44 -21.79
CA ALA H 210 -12.27 -36.91 -21.39
C ALA H 210 -12.53 -35.53 -21.99
N LEU H 211 -11.47 -34.72 -22.15
CA LEU H 211 -11.62 -33.41 -22.77
C LEU H 211 -12.05 -33.54 -24.23
N HIS H 212 -11.67 -34.62 -24.89
CA HIS H 212 -12.10 -34.84 -26.27
C HIS H 212 -13.61 -34.92 -26.37
N GLU H 213 -14.22 -35.83 -25.61
CA GLU H 213 -15.68 -35.93 -25.60
C GLU H 213 -16.32 -34.67 -25.03
N HIS H 214 -15.64 -34.00 -24.10
CA HIS H 214 -16.16 -32.76 -23.54
C HIS H 214 -16.35 -31.71 -24.63
N ASN H 215 -15.29 -31.43 -25.40
CA ASN H 215 -15.41 -30.45 -26.48
C ASN H 215 -16.29 -30.97 -27.61
N ASN H 216 -16.37 -32.29 -27.78
CA ASN H 216 -17.29 -32.85 -28.77
C ASN H 216 -18.73 -32.47 -28.43
N VAL H 217 -19.16 -32.78 -27.21
CA VAL H 217 -20.49 -32.39 -26.76
C VAL H 217 -20.64 -30.88 -26.75
N SER H 218 -19.54 -30.16 -26.48
CA SER H 218 -19.60 -28.70 -26.47
C SER H 218 -19.99 -28.16 -27.84
N TYR H 219 -19.31 -28.59 -28.90
CA TYR H 219 -19.65 -28.07 -30.23
C TYR H 219 -20.95 -28.67 -30.74
N GLN H 220 -21.30 -29.89 -30.31
CA GLN H 220 -22.60 -30.45 -30.67
C GLN H 220 -23.73 -29.62 -30.09
N GLN H 221 -23.53 -29.07 -28.89
CA GLN H 221 -24.52 -28.18 -28.30
C GLN H 221 -24.44 -26.78 -28.89
N HIS H 222 -23.24 -26.35 -29.30
CA HIS H 222 -23.12 -25.06 -29.98
C HIS H 222 -23.86 -25.06 -31.31
N ILE H 223 -23.95 -26.22 -31.96
CA ILE H 223 -24.77 -26.34 -33.17
C ILE H 223 -26.21 -25.97 -32.87
N ALA H 224 -26.78 -26.57 -31.82
CA ALA H 224 -28.15 -26.23 -31.43
C ALA H 224 -28.26 -24.79 -30.97
N ILE H 225 -27.20 -24.27 -30.35
CA ILE H 225 -27.20 -22.88 -29.89
C ILE H 225 -27.33 -21.93 -31.07
N VAL H 226 -26.50 -22.13 -32.11
CA VAL H 226 -26.57 -21.26 -33.27
C VAL H 226 -27.86 -21.49 -34.05
N ASP H 227 -28.40 -22.71 -34.03
CA ASP H 227 -29.69 -22.95 -34.66
C ASP H 227 -30.79 -22.15 -33.98
N ALA H 228 -30.80 -22.16 -32.63
CA ALA H 228 -31.78 -21.38 -31.89
C ALA H 228 -31.57 -19.88 -32.07
N ILE H 229 -30.31 -19.46 -32.22
CA ILE H 229 -30.03 -18.04 -32.47
C ILE H 229 -30.60 -17.63 -33.82
N ARG H 230 -30.42 -18.47 -34.84
CA ARG H 230 -30.99 -18.18 -36.15
C ARG H 230 -32.51 -18.19 -36.10
N ARG H 231 -33.10 -19.10 -35.34
CA ARG H 231 -34.56 -19.18 -35.21
C ARG H 231 -35.12 -18.17 -34.23
N HIS H 232 -34.28 -17.37 -33.57
CA HIS H 232 -34.71 -16.35 -32.61
C HIS H 232 -35.47 -16.99 -31.44
N ASP H 233 -34.79 -17.88 -30.74
CA ASP H 233 -35.34 -18.57 -29.57
C ASP H 233 -34.28 -18.62 -28.48
N PRO H 234 -34.29 -17.67 -27.55
CA PRO H 234 -33.25 -17.66 -26.50
C PRO H 234 -33.44 -18.73 -25.44
N ASP H 235 -34.63 -19.32 -25.33
CA ASP H 235 -34.87 -20.33 -24.31
C ASP H 235 -34.08 -21.60 -24.58
N GLU H 236 -34.10 -22.07 -25.85
CA GLU H 236 -33.38 -23.28 -26.19
C GLU H 236 -31.87 -23.09 -26.03
N ALA H 237 -31.35 -21.91 -26.36
CA ALA H 237 -29.93 -21.64 -26.17
C ALA H 237 -29.56 -21.69 -24.69
N ASP H 238 -30.40 -21.10 -23.83
CA ASP H 238 -30.13 -21.13 -22.40
C ASP H 238 -30.20 -22.56 -21.86
N ARG H 239 -31.16 -23.35 -22.34
CA ARG H 239 -31.25 -24.74 -21.91
C ARG H 239 -30.03 -25.54 -22.34
N ALA H 240 -29.56 -25.32 -23.58
CA ALA H 240 -28.36 -26.02 -24.05
C ALA H 240 -27.14 -25.60 -23.25
N LEU H 241 -27.04 -24.31 -22.91
CA LEU H 241 -25.91 -23.84 -22.10
C LEU H 241 -25.95 -24.45 -20.71
N GLN H 242 -27.13 -24.53 -20.11
CA GLN H 242 -27.24 -25.15 -18.78
C GLN H 242 -26.89 -26.63 -18.84
N SER H 243 -27.32 -27.32 -19.89
CA SER H 243 -26.97 -28.73 -20.03
C SER H 243 -25.47 -28.92 -20.22
N HIS H 244 -24.85 -28.03 -21.00
CA HIS H 244 -23.40 -28.10 -21.19
C HIS H 244 -22.65 -27.86 -19.88
N LEU H 245 -23.10 -26.88 -19.10
CA LEU H 245 -22.45 -26.62 -17.81
C LEU H 245 -22.66 -27.78 -16.84
N ASN H 246 -23.83 -28.42 -16.88
CA ASN H 246 -24.08 -29.54 -15.99
C ASN H 246 -23.30 -30.78 -16.42
N SER H 247 -23.01 -30.92 -17.72
CA SER H 247 -22.25 -32.07 -18.20
C SER H 247 -20.80 -32.03 -17.73
N VAL H 248 -20.28 -30.85 -17.39
CA VAL H 248 -18.92 -30.68 -16.91
C VAL H 248 -17.90 -31.27 -17.89
#